data_2JNC
#
_entry.id   2JNC
#
_cell.length_a   1.000
_cell.length_b   1.000
_cell.length_c   1.000
_cell.angle_alpha   90.00
_cell.angle_beta   90.00
_cell.angle_gamma   90.00
#
_symmetry.space_group_name_H-M   'P 1'
#
_entity_poly.entity_id   1
_entity_poly.type   'polypeptide(L)'
_entity_poly.pdbx_seq_one_letter_code
;GSGMKETAAAKFERQHMDSPDLGTTLLEQYCHRTTIGNFSGPYTYCNTTLDQIGTCWPQSAPGALVERPCPEYFNGIKYN
TTRNAYRECLENGTWASRVNYSHCEPILDDFQRKYDLHY
;
_entity_poly.pdbx_strand_id   A
#
# COMPACT_ATOMS: atom_id res chain seq x y z
N TYR A 30 -5.06 12.19 4.15
CA TYR A 30 -3.86 11.30 3.95
C TYR A 30 -3.15 11.02 5.27
N CYS A 31 -2.29 10.00 5.29
CA CYS A 31 -1.56 9.64 6.51
C CYS A 31 -0.13 10.18 6.48
N HIS A 32 0.38 10.51 7.67
CA HIS A 32 1.74 11.01 7.80
C HIS A 32 2.42 10.43 9.03
N ARG A 33 3.58 11.00 9.37
CA ARG A 33 4.38 10.53 10.49
C ARG A 33 4.96 9.17 10.14
N THR A 34 5.89 8.69 10.94
CA THR A 34 6.52 7.40 10.65
C THR A 34 6.87 6.66 11.94
N THR A 35 5.83 6.32 12.70
CA THR A 35 5.99 5.60 13.97
C THR A 35 4.76 4.74 14.27
N ILE A 36 4.82 4.01 15.38
CA ILE A 36 3.71 3.16 15.80
C ILE A 36 2.91 3.83 16.93
N GLY A 37 1.99 3.08 17.55
CA GLY A 37 1.17 3.62 18.63
C GLY A 37 1.96 4.39 19.67
N ASN A 38 3.05 3.78 20.17
CA ASN A 38 3.89 4.42 21.17
C ASN A 38 5.31 4.65 20.66
N PHE A 39 6.08 5.43 21.40
CA PHE A 39 7.47 5.74 21.01
C PHE A 39 8.37 4.53 21.21
N SER A 40 9.03 4.12 20.13
CA SER A 40 9.94 2.97 20.14
C SER A 40 9.17 1.66 20.30
N GLY A 41 8.78 1.06 19.18
CA GLY A 41 8.03 -0.19 19.21
C GLY A 41 8.61 -1.28 18.32
N PRO A 42 8.13 -1.40 17.07
CA PRO A 42 8.60 -2.43 16.13
C PRO A 42 9.98 -2.14 15.55
N TYR A 43 10.52 -3.13 14.84
CA TYR A 43 11.84 -3.02 14.21
C TYR A 43 11.72 -2.47 12.78
N THR A 44 12.85 -2.35 12.10
CA THR A 44 12.90 -1.84 10.72
C THR A 44 11.84 -2.49 9.83
N TYR A 45 10.81 -1.72 9.50
CA TYR A 45 9.72 -2.21 8.65
C TYR A 45 9.36 -1.17 7.59
N CYS A 46 8.46 -1.52 6.67
CA CYS A 46 8.03 -0.58 5.63
C CYS A 46 7.43 0.66 6.26
N ASN A 47 7.92 1.82 5.84
CA ASN A 47 7.45 3.10 6.37
C ASN A 47 6.00 3.40 5.99
N THR A 48 5.20 3.78 6.99
CA THR A 48 3.79 4.12 6.77
C THR A 48 3.67 5.25 5.75
N THR A 49 3.45 4.86 4.49
CA THR A 49 3.35 5.83 3.40
C THR A 49 1.98 5.81 2.72
N LEU A 50 1.89 6.58 1.63
CA LEU A 50 0.69 6.68 0.82
C LEU A 50 1.08 6.63 -0.65
N ASP A 51 0.36 5.84 -1.42
CA ASP A 51 0.65 5.70 -2.85
C ASP A 51 -0.37 6.45 -3.72
N GLN A 52 -0.36 6.17 -5.02
CA GLN A 52 -1.27 6.83 -5.97
C GLN A 52 -2.71 6.87 -5.44
N ILE A 53 -3.25 5.70 -5.07
CA ILE A 53 -4.60 5.62 -4.54
C ILE A 53 -4.62 5.93 -3.05
N GLY A 54 -5.80 6.26 -2.51
CA GLY A 54 -5.92 6.57 -1.09
C GLY A 54 -5.65 5.37 -0.19
N THR A 55 -4.47 4.77 -0.31
CA THR A 55 -4.10 3.62 0.50
C THR A 55 -2.82 3.88 1.29
N CYS A 56 -2.94 3.92 2.61
CA CYS A 56 -1.80 4.15 3.49
C CYS A 56 -1.11 2.81 3.76
N TRP A 57 0.17 2.73 3.42
CA TRP A 57 0.94 1.50 3.61
C TRP A 57 1.88 1.58 4.81
N PRO A 58 1.46 1.01 5.97
CA PRO A 58 2.25 1.01 7.21
C PRO A 58 3.29 -0.11 7.27
N GLN A 59 3.87 -0.32 8.45
CA GLN A 59 4.89 -1.36 8.64
C GLN A 59 4.34 -2.76 8.30
N SER A 60 4.77 -3.29 7.16
CA SER A 60 4.34 -4.61 6.71
C SER A 60 5.33 -5.70 7.14
N ALA A 61 6.46 -5.79 6.43
CA ALA A 61 7.50 -6.78 6.73
C ALA A 61 8.55 -6.79 5.62
N PRO A 62 9.85 -6.75 5.97
CA PRO A 62 10.94 -6.76 4.98
C PRO A 62 10.85 -7.98 4.06
N GLY A 63 10.45 -7.74 2.80
CA GLY A 63 10.30 -8.83 1.84
C GLY A 63 8.94 -9.48 1.93
N ALA A 64 7.90 -8.65 2.05
CA ALA A 64 6.53 -9.14 2.15
C ALA A 64 5.58 -8.36 1.24
N LEU A 65 4.75 -9.09 0.52
CA LEU A 65 3.77 -8.50 -0.39
C LEU A 65 2.45 -8.22 0.34
N VAL A 66 2.01 -6.97 0.31
CA VAL A 66 0.76 -6.57 0.95
C VAL A 66 -0.35 -6.37 -0.08
N GLU A 67 -1.57 -6.75 0.28
CA GLU A 67 -2.71 -6.63 -0.62
C GLU A 67 -3.79 -5.71 -0.07
N ARG A 68 -4.40 -4.93 -0.98
CA ARG A 68 -5.47 -4.00 -0.63
C ARG A 68 -6.51 -3.96 -1.75
N PRO A 69 -7.79 -3.66 -1.42
CA PRO A 69 -8.86 -3.61 -2.42
C PRO A 69 -8.65 -2.53 -3.49
N CYS A 70 -9.13 -2.81 -4.70
CA CYS A 70 -8.98 -1.87 -5.82
C CYS A 70 -9.78 -0.58 -5.58
N PRO A 71 -9.43 0.50 -6.28
CA PRO A 71 -10.11 1.81 -6.15
C PRO A 71 -11.63 1.68 -6.23
N GLU A 72 -12.33 2.33 -5.31
CA GLU A 72 -13.80 2.28 -5.26
C GLU A 72 -14.44 3.58 -5.77
N TYR A 73 -13.93 4.73 -5.34
CA TYR A 73 -14.49 6.02 -5.77
C TYR A 73 -13.41 7.10 -5.91
N PHE A 74 -12.67 7.07 -7.02
CA PHE A 74 -11.61 8.07 -7.26
C PHE A 74 -11.74 8.71 -8.64
N ASN A 75 -12.80 8.36 -9.39
CA ASN A 75 -13.02 8.90 -10.73
C ASN A 75 -14.51 9.14 -11.00
N GLY A 76 -14.81 9.51 -12.24
CA GLY A 76 -16.19 9.74 -12.64
C GLY A 76 -17.00 8.45 -12.77
N ILE A 77 -16.30 7.30 -12.72
CA ILE A 77 -16.96 6.00 -12.82
C ILE A 77 -17.12 5.38 -11.44
N LYS A 78 -18.20 4.62 -11.25
CA LYS A 78 -18.46 3.98 -9.97
C LYS A 78 -18.79 2.49 -10.14
N TYR A 79 -17.75 1.66 -10.13
CA TYR A 79 -17.91 0.21 -10.28
C TYR A 79 -16.56 -0.49 -10.15
N ASN A 80 -16.55 -1.81 -10.33
CA ASN A 80 -15.32 -2.61 -10.21
C ASN A 80 -14.87 -2.71 -8.74
N THR A 81 -15.70 -3.38 -7.94
CA THR A 81 -15.41 -3.56 -6.52
C THR A 81 -15.03 -5.02 -6.22
N THR A 82 -13.98 -5.50 -6.87
CA THR A 82 -13.54 -6.89 -6.69
C THR A 82 -12.02 -7.04 -6.69
N ARG A 83 -11.35 -6.43 -7.68
CA ARG A 83 -9.90 -6.53 -7.79
C ARG A 83 -9.19 -5.91 -6.58
N ASN A 84 -7.89 -6.15 -6.48
CA ASN A 84 -7.09 -5.65 -5.37
C ASN A 84 -5.80 -4.94 -5.85
N ALA A 85 -4.86 -4.78 -4.91
CA ALA A 85 -3.60 -4.10 -5.19
C ALA A 85 -2.44 -4.73 -4.39
N TYR A 86 -1.61 -5.52 -5.07
CA TYR A 86 -0.47 -6.17 -4.40
C TYR A 86 0.75 -5.27 -4.36
N ARG A 87 1.15 -4.86 -3.15
CA ARG A 87 2.30 -4.00 -2.98
C ARG A 87 3.42 -4.75 -2.26
N GLU A 88 4.64 -4.65 -2.79
CA GLU A 88 5.79 -5.32 -2.21
C GLU A 88 6.53 -4.41 -1.24
N CYS A 89 7.14 -5.02 -0.23
CA CYS A 89 7.91 -4.28 0.77
C CYS A 89 9.38 -4.66 0.72
N LEU A 90 10.16 -3.84 0.02
CA LEU A 90 11.59 -4.08 -0.16
C LEU A 90 12.27 -4.52 1.14
N GLU A 91 12.99 -5.63 1.07
CA GLU A 91 13.71 -6.18 2.23
C GLU A 91 14.54 -5.11 2.95
N ASN A 92 14.95 -4.07 2.21
CA ASN A 92 15.75 -2.99 2.78
C ASN A 92 14.95 -2.22 3.85
N GLY A 93 13.63 -2.38 3.84
CA GLY A 93 12.78 -1.69 4.81
C GLY A 93 12.03 -0.52 4.21
N THR A 94 11.50 -0.71 3.00
CA THR A 94 10.74 0.35 2.32
C THR A 94 9.51 -0.20 1.61
N TRP A 95 8.95 0.62 0.73
CA TRP A 95 7.75 0.26 -0.02
C TRP A 95 8.02 0.23 -1.53
N ALA A 96 7.24 -0.59 -2.24
CA ALA A 96 7.36 -0.71 -3.69
C ALA A 96 6.19 -0.03 -4.41
N SER A 97 6.32 0.12 -5.72
CA SER A 97 5.28 0.73 -6.54
C SER A 97 4.66 -0.30 -7.49
N ARG A 98 4.31 -1.48 -6.94
CA ARG A 98 3.71 -2.54 -7.74
C ARG A 98 2.20 -2.33 -7.92
N VAL A 99 1.40 -2.86 -6.99
CA VAL A 99 -0.06 -2.74 -7.05
C VAL A 99 -0.65 -3.68 -8.11
N ASN A 100 -1.97 -3.79 -8.15
CA ASN A 100 -2.64 -4.67 -9.11
C ASN A 100 -3.46 -3.89 -10.13
N TYR A 101 -2.91 -2.76 -10.59
CA TYR A 101 -3.59 -1.92 -11.57
C TYR A 101 -3.70 -2.64 -12.92
N SER A 102 -2.57 -3.21 -13.36
CA SER A 102 -2.50 -3.94 -14.63
C SER A 102 -3.67 -4.90 -14.81
N HIS A 103 -4.19 -5.45 -13.71
CA HIS A 103 -5.32 -6.39 -13.75
C HIS A 103 -6.52 -5.87 -12.97
N CYS A 104 -6.73 -4.55 -12.96
CA CYS A 104 -7.85 -3.95 -12.24
C CYS A 104 -8.86 -3.28 -13.20
N GLU A 105 -9.02 -1.96 -13.12
CA GLU A 105 -9.97 -1.24 -13.97
C GLU A 105 -9.99 0.24 -13.61
N PRO A 106 -10.27 1.13 -14.59
CA PRO A 106 -10.33 2.58 -14.34
C PRO A 106 -11.28 2.92 -13.21
N ILE A 107 -10.82 3.77 -12.30
CA ILE A 107 -11.61 4.19 -11.14
C ILE A 107 -10.75 4.94 -10.12
N TYR A 30 -5.33 11.43 4.29
CA TYR A 30 -4.02 10.79 3.92
C TYR A 30 -3.10 10.68 5.14
N CYS A 31 -2.05 9.86 5.02
CA CYS A 31 -1.10 9.67 6.12
C CYS A 31 0.16 10.52 5.90
N HIS A 32 0.95 10.67 6.97
CA HIS A 32 2.19 11.44 6.90
C HIS A 32 3.15 11.04 8.04
N ARG A 33 4.12 11.92 8.32
CA ARG A 33 5.12 11.70 9.36
C ARG A 33 6.24 10.79 8.87
N THR A 34 7.39 10.92 9.53
CA THR A 34 8.58 10.13 9.19
C THR A 34 9.55 10.06 10.38
N THR A 35 10.02 11.24 10.82
CA THR A 35 10.96 11.36 11.95
C THR A 35 12.10 10.36 11.86
N ILE A 36 12.71 10.28 10.68
CA ILE A 36 13.84 9.40 10.44
C ILE A 36 15.08 9.88 11.19
N GLY A 37 15.89 8.94 11.69
CA GLY A 37 17.10 9.29 12.41
C GLY A 37 17.24 8.54 13.72
N ASN A 38 17.49 9.27 14.80
CA ASN A 38 17.64 8.67 16.13
C ASN A 38 16.69 9.33 17.14
N PHE A 39 15.43 9.43 16.76
CA PHE A 39 14.40 10.03 17.62
C PHE A 39 13.02 9.48 17.28
N SER A 40 12.59 8.45 18.04
CA SER A 40 11.30 7.80 17.84
C SER A 40 10.95 7.69 16.36
N GLY A 41 11.90 7.18 15.57
CA GLY A 41 11.69 7.04 14.13
C GLY A 41 11.39 5.61 13.70
N PRO A 42 11.44 5.35 12.38
CA PRO A 42 11.18 4.02 11.82
C PRO A 42 12.26 2.99 12.18
N TYR A 43 12.10 1.79 11.64
CA TYR A 43 13.05 0.70 11.87
C TYR A 43 13.42 0.03 10.54
N THR A 44 14.21 -1.05 10.62
CA THR A 44 14.63 -1.79 9.42
C THR A 44 13.43 -2.27 8.60
N TYR A 45 12.29 -2.42 9.27
CA TYR A 45 11.06 -2.87 8.63
C TYR A 45 10.39 -1.71 7.88
N CYS A 46 9.19 -1.95 7.35
CA CYS A 46 8.44 -0.90 6.65
C CYS A 46 7.99 0.16 7.65
N ASN A 47 7.21 1.13 7.19
CA ASN A 47 6.73 2.20 8.05
C ASN A 47 5.45 2.84 7.50
N THR A 48 4.57 3.27 8.41
CA THR A 48 3.30 3.91 8.02
C THR A 48 3.51 4.93 6.89
N THR A 49 3.02 4.57 5.71
CA THR A 49 3.16 5.44 4.53
C THR A 49 2.00 5.30 3.57
N LEU A 50 2.17 5.90 2.39
CA LEU A 50 1.17 5.86 1.33
C LEU A 50 1.85 5.78 -0.03
N ASP A 51 1.34 4.89 -0.87
CA ASP A 51 1.88 4.68 -2.22
C ASP A 51 1.33 5.77 -3.17
N GLN A 52 1.70 5.70 -4.46
CA GLN A 52 1.24 6.69 -5.44
C GLN A 52 -0.25 7.00 -5.27
N ILE A 53 -1.06 5.96 -5.04
CA ILE A 53 -2.49 6.12 -4.85
C ILE A 53 -2.82 6.18 -3.34
N GLY A 54 -4.09 5.97 -2.98
CA GLY A 54 -4.47 6.02 -1.58
C GLY A 54 -4.03 4.78 -0.80
N THR A 55 -4.75 4.52 0.29
CA THR A 55 -4.48 3.38 1.16
C THR A 55 -3.19 3.60 1.96
N CYS A 56 -3.30 3.59 3.28
CA CYS A 56 -2.14 3.79 4.15
C CYS A 56 -1.48 2.45 4.47
N TRP A 57 -0.16 2.45 4.60
CA TRP A 57 0.59 1.21 4.86
C TRP A 57 1.51 1.33 6.08
N PRO A 58 1.10 0.75 7.23
CA PRO A 58 1.87 0.77 8.48
C PRO A 58 3.03 -0.24 8.48
N GLN A 59 3.67 -0.39 9.64
CA GLN A 59 4.80 -1.32 9.79
C GLN A 59 4.37 -2.78 9.66
N SER A 60 4.21 -3.24 8.41
CA SER A 60 3.82 -4.62 8.15
C SER A 60 5.00 -5.56 8.35
N ALA A 61 6.02 -5.43 7.50
CA ALA A 61 7.23 -6.25 7.56
C ALA A 61 8.13 -6.00 6.34
N PRO A 62 9.45 -6.25 6.47
CA PRO A 62 10.39 -6.06 5.36
C PRO A 62 10.29 -7.19 4.34
N GLY A 63 10.00 -6.85 3.09
CA GLY A 63 9.87 -7.85 2.04
C GLY A 63 8.51 -8.52 2.09
N ALA A 64 7.44 -7.73 1.94
CA ALA A 64 6.09 -8.25 1.99
C ALA A 64 5.17 -7.53 1.01
N LEU A 65 4.38 -8.31 0.29
CA LEU A 65 3.42 -7.77 -0.67
C LEU A 65 1.99 -7.89 -0.13
N VAL A 66 1.28 -6.77 -0.09
CA VAL A 66 -0.09 -6.74 0.40
C VAL A 66 -1.08 -6.56 -0.75
N GLU A 67 -2.08 -7.45 -0.83
CA GLU A 67 -3.09 -7.39 -1.88
C GLU A 67 -4.43 -6.89 -1.34
N ARG A 68 -4.99 -5.89 -2.01
CA ARG A 68 -6.27 -5.32 -1.58
C ARG A 68 -7.14 -4.93 -2.77
N PRO A 69 -8.49 -4.97 -2.61
CA PRO A 69 -9.45 -4.61 -3.65
C PRO A 69 -8.99 -3.41 -4.47
N CYS A 70 -8.98 -3.55 -5.80
CA CYS A 70 -8.55 -2.46 -6.68
C CYS A 70 -9.39 -1.21 -6.46
N PRO A 71 -8.75 -0.03 -6.36
CA PRO A 71 -9.43 1.26 -6.15
C PRO A 71 -10.64 1.42 -7.06
N GLU A 72 -11.71 2.02 -6.52
CA GLU A 72 -12.95 2.23 -7.27
C GLU A 72 -12.86 3.45 -8.20
N TYR A 73 -14.00 4.11 -8.43
CA TYR A 73 -14.08 5.27 -9.32
C TYR A 73 -13.03 6.35 -9.02
N PHE A 74 -11.91 6.28 -9.75
CA PHE A 74 -10.84 7.27 -9.60
C PHE A 74 -10.57 7.99 -10.94
N ASN A 75 -11.34 7.64 -11.97
CA ASN A 75 -11.22 8.24 -13.30
C ASN A 75 -12.60 8.42 -13.93
N GLY A 76 -12.64 9.02 -15.12
CA GLY A 76 -13.91 9.23 -15.81
C GLY A 76 -14.44 7.96 -16.45
N ILE A 77 -14.67 6.93 -15.65
CA ILE A 77 -15.17 5.64 -16.16
C ILE A 77 -15.65 4.74 -15.01
N LYS A 78 -16.91 4.92 -14.61
CA LYS A 78 -17.49 4.13 -13.52
C LYS A 78 -17.84 2.70 -13.96
N TYR A 79 -16.85 1.81 -13.90
CA TYR A 79 -17.04 0.40 -14.28
C TYR A 79 -15.78 -0.44 -13.96
N ASN A 80 -15.90 -1.76 -14.14
CA ASN A 80 -14.77 -2.68 -13.89
C ASN A 80 -14.27 -2.60 -12.44
N THR A 81 -15.16 -2.85 -11.47
CA THR A 81 -14.79 -2.82 -10.05
C THR A 81 -14.34 -4.20 -9.58
N THR A 82 -13.37 -4.77 -10.29
CA THR A 82 -12.85 -6.10 -9.95
C THR A 82 -11.33 -6.09 -9.77
N ARG A 83 -10.78 -7.22 -9.34
CA ARG A 83 -9.32 -7.39 -9.13
C ARG A 83 -8.83 -6.61 -7.90
N ASN A 84 -7.62 -6.95 -7.46
CA ASN A 84 -7.00 -6.30 -6.30
C ASN A 84 -5.62 -5.72 -6.64
N ALA A 85 -5.20 -4.76 -5.81
CA ALA A 85 -3.90 -4.11 -5.98
C ALA A 85 -2.84 -4.77 -5.09
N TYR A 86 -1.70 -5.12 -5.69
CA TYR A 86 -0.61 -5.77 -4.96
C TYR A 86 0.49 -4.77 -4.62
N ARG A 87 0.55 -4.37 -3.36
CA ARG A 87 1.57 -3.42 -2.90
C ARG A 87 2.70 -4.17 -2.19
N GLU A 88 3.93 -4.02 -2.69
CA GLU A 88 5.08 -4.73 -2.13
C GLU A 88 6.05 -3.83 -1.36
N CYS A 89 6.42 -4.30 -0.17
CA CYS A 89 7.38 -3.60 0.69
C CYS A 89 8.72 -4.32 0.66
N LEU A 90 9.70 -3.72 -0.01
CA LEU A 90 11.03 -4.29 -0.16
C LEU A 90 11.65 -4.70 1.17
N GLU A 91 12.35 -5.83 1.17
CA GLU A 91 13.02 -6.34 2.36
C GLU A 91 13.87 -5.25 3.00
N ASN A 92 14.36 -4.32 2.18
CA ASN A 92 15.18 -3.20 2.65
C ASN A 92 14.33 -2.17 3.41
N GLY A 93 13.01 -2.24 3.27
CA GLY A 93 12.11 -1.30 3.96
C GLY A 93 11.43 -0.31 3.02
N THR A 94 11.77 -0.34 1.73
CA THR A 94 11.18 0.58 0.76
C THR A 94 9.90 -0.01 0.14
N TRP A 95 8.90 0.85 -0.09
CA TRP A 95 7.64 0.43 -0.67
C TRP A 95 7.69 0.44 -2.21
N ALA A 96 7.42 -0.70 -2.81
CA ALA A 96 7.44 -0.81 -4.27
C ALA A 96 6.03 -0.59 -4.86
N SER A 97 5.97 0.00 -6.05
CA SER A 97 4.70 0.26 -6.72
C SER A 97 4.27 -0.95 -7.55
N ARG A 98 4.43 -2.12 -6.96
CA ARG A 98 4.06 -3.39 -7.61
C ARG A 98 2.59 -3.41 -8.03
N VAL A 99 1.76 -2.56 -7.42
CA VAL A 99 0.34 -2.49 -7.74
C VAL A 99 0.12 -2.42 -9.26
N ASN A 100 -0.63 -3.39 -9.78
CA ASN A 100 -0.91 -3.43 -11.22
C ASN A 100 -2.37 -3.06 -11.51
N TYR A 101 -2.67 -1.77 -11.44
CA TYR A 101 -4.03 -1.27 -11.71
C TYR A 101 -4.50 -1.75 -13.08
N SER A 102 -3.59 -1.72 -14.06
CA SER A 102 -3.88 -2.15 -15.43
C SER A 102 -4.72 -3.42 -15.47
N HIS A 103 -4.37 -4.41 -14.64
CA HIS A 103 -5.10 -5.68 -14.60
C HIS A 103 -6.57 -5.47 -14.19
N CYS A 104 -6.87 -4.32 -13.55
CA CYS A 104 -8.23 -4.01 -13.13
C CYS A 104 -8.98 -3.15 -14.17
N GLU A 105 -8.24 -2.68 -15.20
CA GLU A 105 -8.83 -1.85 -16.25
C GLU A 105 -9.16 -0.43 -15.73
N PRO A 106 -9.60 0.48 -16.61
CA PRO A 106 -9.94 1.86 -16.23
C PRO A 106 -11.12 1.94 -15.25
N ILE A 107 -11.09 2.93 -14.37
CA ILE A 107 -12.15 3.12 -13.39
C ILE A 107 -12.02 4.47 -12.67
N TYR A 30 -5.83 11.45 7.15
CA TYR A 30 -6.54 10.16 6.88
C TYR A 30 -5.69 8.93 7.20
N CYS A 31 -4.41 9.12 7.50
CA CYS A 31 -3.52 8.01 7.84
C CYS A 31 -2.81 8.27 9.18
N HIS A 32 -2.15 7.24 9.69
CA HIS A 32 -1.44 7.33 10.96
C HIS A 32 -0.43 6.18 11.12
N ARG A 33 -0.26 5.66 12.34
CA ARG A 33 0.67 4.57 12.59
C ARG A 33 0.08 3.51 13.52
N THR A 34 -0.42 3.95 14.70
CA THR A 34 -1.01 3.03 15.70
C THR A 34 -0.16 1.76 15.84
N THR A 35 1.15 1.95 15.98
CA THR A 35 2.09 0.84 16.12
C THR A 35 2.59 0.72 17.57
N ILE A 36 3.78 0.13 17.73
CA ILE A 36 4.38 -0.06 19.05
C ILE A 36 4.95 1.27 19.57
N GLY A 37 5.06 1.38 20.89
CA GLY A 37 5.59 2.59 21.50
C GLY A 37 7.07 2.80 21.23
N ASN A 38 7.49 4.07 21.18
CA ASN A 38 8.88 4.44 20.91
C ASN A 38 9.22 4.30 19.42
N PHE A 39 10.23 5.05 18.97
CA PHE A 39 10.64 5.01 17.56
C PHE A 39 11.00 3.59 17.13
N SER A 40 10.09 2.98 16.37
CA SER A 40 10.26 1.61 15.88
C SER A 40 10.54 0.63 17.03
N GLY A 41 9.53 0.40 17.87
CA GLY A 41 9.67 -0.51 19.00
C GLY A 41 10.25 -1.87 18.60
N PRO A 42 9.63 -2.55 17.62
CA PRO A 42 10.09 -3.86 17.15
C PRO A 42 11.12 -3.73 16.01
N TYR A 43 11.27 -4.79 15.22
CA TYR A 43 12.22 -4.79 14.10
C TYR A 43 11.80 -3.77 13.03
N THR A 44 12.73 -3.46 12.14
CA THR A 44 12.48 -2.50 11.06
C THR A 44 11.44 -3.02 10.07
N TYR A 45 10.28 -2.36 10.05
CA TYR A 45 9.19 -2.74 9.15
C TYR A 45 8.78 -1.57 8.26
N CYS A 46 8.10 -1.90 7.15
CA CYS A 46 7.62 -0.88 6.19
C CYS A 46 6.99 0.32 6.91
N ASN A 47 7.20 1.50 6.36
CA ASN A 47 6.64 2.72 6.94
C ASN A 47 5.24 2.98 6.43
N THR A 48 4.32 3.29 7.36
CA THR A 48 2.92 3.56 7.03
C THR A 48 2.79 4.80 6.15
N THR A 49 2.70 4.59 4.83
CA THR A 49 2.59 5.72 3.90
C THR A 49 1.54 5.47 2.82
N LEU A 50 1.40 6.46 1.93
CA LEU A 50 0.47 6.40 0.82
C LEU A 50 1.23 6.50 -0.50
N ASP A 51 0.74 5.83 -1.53
CA ASP A 51 1.40 5.86 -2.84
C ASP A 51 0.45 6.35 -3.94
N GLN A 52 0.83 6.15 -5.21
CA GLN A 52 0.03 6.58 -6.35
C GLN A 52 -1.47 6.36 -6.11
N ILE A 53 -1.83 5.16 -5.65
CA ILE A 53 -3.22 4.84 -5.37
C ILE A 53 -3.59 5.24 -3.95
N GLY A 54 -4.67 6.04 -3.83
CA GLY A 54 -5.12 6.51 -2.53
C GLY A 54 -5.35 5.41 -1.51
N THR A 55 -4.32 5.14 -0.71
CA THR A 55 -4.40 4.11 0.33
C THR A 55 -3.33 4.33 1.39
N CYS A 56 -3.06 3.30 2.19
CA CYS A 56 -2.06 3.39 3.24
C CYS A 56 -1.33 2.06 3.44
N TRP A 57 -0.01 2.08 3.27
CA TRP A 57 0.80 0.88 3.42
C TRP A 57 1.59 0.95 4.75
N PRO A 58 1.09 0.25 5.80
CA PRO A 58 1.72 0.26 7.13
C PRO A 58 2.83 -0.79 7.32
N GLN A 59 3.27 -0.93 8.57
CA GLN A 59 4.33 -1.89 8.92
C GLN A 59 4.01 -3.30 8.45
N SER A 60 4.93 -3.89 7.69
CA SER A 60 4.75 -5.24 7.16
C SER A 60 5.96 -6.13 7.49
N ALA A 61 7.03 -5.97 6.71
CA ALA A 61 8.26 -6.74 6.88
C ALA A 61 9.25 -6.45 5.74
N PRO A 62 10.56 -6.49 6.02
CA PRO A 62 11.58 -6.23 5.00
C PRO A 62 11.60 -7.29 3.89
N GLY A 63 11.02 -6.93 2.74
CA GLY A 63 10.97 -7.85 1.61
C GLY A 63 9.69 -8.68 1.60
N ALA A 64 8.55 -8.00 1.66
CA ALA A 64 7.26 -8.66 1.65
C ALA A 64 6.24 -7.87 0.84
N LEU A 65 5.07 -8.45 0.68
CA LEU A 65 3.97 -7.83 -0.08
C LEU A 65 2.78 -7.54 0.84
N VAL A 66 2.17 -6.36 0.66
CA VAL A 66 1.02 -5.97 1.46
C VAL A 66 -0.23 -5.79 0.60
N GLU A 67 -1.37 -6.29 1.12
CA GLU A 67 -2.65 -6.20 0.41
C GLU A 67 -3.51 -5.08 0.99
N ARG A 68 -4.05 -4.23 0.11
CA ARG A 68 -4.89 -3.10 0.53
C ARG A 68 -6.06 -2.91 -0.43
N PRO A 69 -6.99 -1.97 -0.13
CA PRO A 69 -8.15 -1.70 -0.99
C PRO A 69 -7.77 -0.91 -2.25
N CYS A 70 -8.76 -0.63 -3.09
CA CYS A 70 -8.54 0.13 -4.33
C CYS A 70 -8.62 1.64 -4.07
N PRO A 71 -8.01 2.47 -4.95
CA PRO A 71 -8.02 3.93 -4.79
C PRO A 71 -9.43 4.53 -4.83
N GLU A 72 -10.26 4.03 -5.77
CA GLU A 72 -11.64 4.51 -5.91
C GLU A 72 -11.68 6.04 -6.07
N TYR A 73 -12.46 6.75 -5.23
CA TYR A 73 -12.56 8.21 -5.32
C TYR A 73 -11.18 8.86 -5.56
N PHE A 74 -10.14 8.30 -4.93
CA PHE A 74 -8.77 8.81 -5.09
C PHE A 74 -8.30 8.73 -6.55
N ASN A 75 -8.98 7.91 -7.34
CA ASN A 75 -8.65 7.74 -8.75
C ASN A 75 -9.43 8.75 -9.62
N GLY A 76 -10.22 9.61 -8.99
CA GLY A 76 -11.00 10.59 -9.74
C GLY A 76 -12.49 10.30 -9.73
N ILE A 77 -12.87 9.08 -9.36
CA ILE A 77 -14.28 8.68 -9.32
C ILE A 77 -14.50 7.50 -8.37
N LYS A 78 -15.52 7.61 -7.51
CA LYS A 78 -15.84 6.54 -6.56
C LYS A 78 -16.45 5.35 -7.30
N TYR A 79 -15.63 4.70 -8.12
CA TYR A 79 -16.08 3.54 -8.88
C TYR A 79 -16.07 2.28 -8.03
N ASN A 80 -16.19 1.13 -8.67
CA ASN A 80 -16.19 -0.16 -7.98
C ASN A 80 -15.00 -0.26 -7.01
N THR A 81 -15.28 -0.57 -5.75
CA THR A 81 -14.23 -0.71 -4.73
C THR A 81 -14.10 -2.16 -4.25
N THR A 82 -14.58 -3.11 -5.07
CA THR A 82 -14.53 -4.53 -4.72
C THR A 82 -13.31 -5.23 -5.34
N ARG A 83 -12.11 -4.88 -4.87
CA ARG A 83 -10.88 -5.49 -5.38
C ARG A 83 -9.75 -5.42 -4.34
N ASN A 84 -8.65 -6.10 -4.61
CA ASN A 84 -7.50 -6.10 -3.69
C ASN A 84 -6.26 -5.46 -4.35
N ALA A 85 -5.57 -4.63 -3.58
CA ALA A 85 -4.36 -3.96 -4.06
C ALA A 85 -3.12 -4.55 -3.40
N TYR A 86 -2.45 -5.44 -4.11
CA TYR A 86 -1.25 -6.09 -3.60
C TYR A 86 0.00 -5.28 -3.93
N ARG A 87 0.68 -4.78 -2.90
CA ARG A 87 1.90 -3.99 -3.13
C ARG A 87 3.10 -4.59 -2.41
N GLU A 88 4.27 -4.47 -3.04
CA GLU A 88 5.51 -5.02 -2.49
C GLU A 88 6.23 -4.01 -1.57
N CYS A 89 6.96 -4.56 -0.60
CA CYS A 89 7.73 -3.76 0.36
C CYS A 89 9.21 -4.15 0.29
N LEU A 90 10.02 -3.28 -0.31
CA LEU A 90 11.46 -3.50 -0.45
C LEU A 90 12.11 -4.04 0.82
N GLU A 91 13.07 -4.94 0.64
CA GLU A 91 13.81 -5.52 1.77
C GLU A 91 14.41 -4.42 2.64
N ASN A 92 14.63 -3.25 2.04
CA ASN A 92 15.20 -2.11 2.76
C ASN A 92 14.15 -1.42 3.65
N GLY A 93 12.88 -1.81 3.51
CA GLY A 93 11.82 -1.23 4.33
C GLY A 93 10.91 -0.26 3.57
N THR A 94 11.30 0.08 2.34
CA THR A 94 10.51 1.00 1.52
C THR A 94 9.38 0.27 0.79
N TRP A 95 8.60 1.02 0.02
CA TRP A 95 7.47 0.44 -0.73
C TRP A 95 7.77 0.39 -2.23
N ALA A 96 7.19 -0.60 -2.91
CA ALA A 96 7.38 -0.76 -4.34
C ALA A 96 6.11 -0.40 -5.12
N SER A 97 6.17 -0.47 -6.44
CA SER A 97 5.02 -0.13 -7.30
C SER A 97 4.37 -1.38 -7.91
N ARG A 98 4.72 -2.57 -7.41
CA ARG A 98 4.16 -3.83 -7.91
C ARG A 98 2.71 -3.99 -7.48
N VAL A 99 1.81 -3.18 -8.05
CA VAL A 99 0.39 -3.24 -7.70
C VAL A 99 -0.48 -3.57 -8.92
N ASN A 100 -1.09 -4.76 -8.91
CA ASN A 100 -1.98 -5.18 -9.99
C ASN A 100 -3.39 -4.60 -9.79
N TYR A 101 -3.45 -3.27 -9.62
CA TYR A 101 -4.73 -2.59 -9.41
C TYR A 101 -5.37 -2.12 -10.72
N SER A 102 -4.74 -2.39 -11.85
CA SER A 102 -5.28 -2.00 -13.16
C SER A 102 -6.74 -2.44 -13.34
N HIS A 103 -7.15 -3.48 -12.58
CA HIS A 103 -8.53 -3.98 -12.65
C HIS A 103 -9.53 -3.04 -11.96
N CYS A 104 -9.05 -1.93 -11.38
CA CYS A 104 -9.94 -0.98 -10.69
C CYS A 104 -10.91 -0.30 -11.66
N GLU A 105 -11.81 -1.09 -12.24
CA GLU A 105 -12.81 -0.62 -13.19
C GLU A 105 -13.68 0.50 -12.63
N PRO A 106 -14.07 1.48 -13.47
CA PRO A 106 -14.91 2.60 -13.06
C PRO A 106 -16.40 2.21 -12.93
N ILE A 107 -17.26 3.20 -12.70
CA ILE A 107 -18.70 2.96 -12.53
C ILE A 107 -19.52 4.16 -13.01
N TYR A 30 -5.46 11.32 6.47
CA TYR A 30 -4.42 10.57 5.70
C TYR A 30 -3.22 10.22 6.59
N CYS A 31 -2.32 9.40 6.06
CA CYS A 31 -1.13 8.99 6.82
C CYS A 31 0.13 9.70 6.30
N HIS A 32 1.04 10.00 7.21
CA HIS A 32 2.29 10.68 6.86
C HIS A 32 3.31 9.70 6.26
N ARG A 33 4.57 10.10 6.26
CA ARG A 33 5.66 9.29 5.71
C ARG A 33 6.99 9.78 6.26
N THR A 34 8.05 8.99 6.08
CA THR A 34 9.40 9.36 6.54
C THR A 34 9.38 9.92 7.97
N THR A 35 8.70 9.24 8.89
CA THR A 35 8.62 9.71 10.28
C THR A 35 8.21 8.60 11.25
N ILE A 36 8.95 8.49 12.35
CA ILE A 36 8.69 7.50 13.39
C ILE A 36 8.77 8.13 14.79
N GLY A 37 8.54 7.32 15.82
CA GLY A 37 8.59 7.80 17.20
C GLY A 37 9.69 8.81 17.46
N ASN A 38 10.93 8.46 17.11
CA ASN A 38 12.06 9.35 17.31
C ASN A 38 13.00 9.32 16.10
N PHE A 39 12.44 9.54 14.91
CA PHE A 39 13.21 9.53 13.67
C PHE A 39 12.36 9.95 12.47
N SER A 40 13.00 10.58 11.49
CA SER A 40 12.30 11.03 10.29
C SER A 40 12.46 10.03 9.14
N GLY A 41 12.18 8.74 9.42
CA GLY A 41 12.30 7.71 8.40
C GLY A 41 12.90 6.42 8.94
N PRO A 42 12.06 5.44 9.32
CA PRO A 42 12.54 4.15 9.85
C PRO A 42 13.13 3.25 8.79
N TYR A 43 13.71 2.13 9.21
CA TYR A 43 14.31 1.17 8.30
C TYR A 43 13.84 -0.26 8.60
N THR A 44 14.26 -1.19 7.75
CA THR A 44 13.91 -2.61 7.90
C THR A 44 12.42 -2.85 7.71
N TYR A 45 11.64 -2.37 8.67
CA TYR A 45 10.18 -2.53 8.62
C TYR A 45 9.51 -1.36 7.90
N CYS A 46 8.49 -1.65 7.11
CA CYS A 46 7.75 -0.61 6.40
C CYS A 46 6.81 0.10 7.35
N ASN A 47 6.97 1.42 7.46
CA ASN A 47 6.14 2.22 8.36
C ASN A 47 4.82 2.63 7.71
N THR A 48 3.79 2.87 8.54
CA THR A 48 2.47 3.28 8.05
C THR A 48 2.57 4.54 7.19
N THR A 49 2.49 4.35 5.87
CA THR A 49 2.61 5.47 4.93
C THR A 49 1.50 5.49 3.86
N LEU A 50 1.58 6.51 3.01
CA LEU A 50 0.65 6.68 1.90
C LEU A 50 1.42 6.56 0.58
N ASP A 51 0.73 6.18 -0.47
CA ASP A 51 1.37 6.03 -1.79
C ASP A 51 0.55 6.73 -2.88
N GLN A 52 0.87 6.44 -4.15
CA GLN A 52 0.18 7.05 -5.29
C GLN A 52 -1.34 6.95 -5.13
N ILE A 53 -1.80 5.81 -4.64
CA ILE A 53 -3.23 5.57 -4.41
C ILE A 53 -3.61 5.97 -2.99
N GLY A 54 -4.85 6.40 -2.79
CA GLY A 54 -5.32 6.79 -1.46
C GLY A 54 -5.37 5.60 -0.51
N THR A 55 -4.21 5.00 -0.26
CA THR A 55 -4.12 3.84 0.62
C THR A 55 -3.03 4.00 1.67
N CYS A 56 -3.27 3.45 2.86
CA CYS A 56 -2.30 3.52 3.95
C CYS A 56 -1.59 2.19 4.12
N TRP A 57 -0.26 2.20 3.94
CA TRP A 57 0.55 1.00 4.08
C TRP A 57 1.20 0.92 5.46
N PRO A 58 0.58 0.19 6.41
CA PRO A 58 1.09 0.04 7.78
C PRO A 58 2.31 -0.89 7.88
N GLN A 59 2.69 -1.22 9.12
CA GLN A 59 3.85 -2.10 9.37
C GLN A 59 3.73 -3.41 8.59
N SER A 60 4.48 -3.50 7.50
CA SER A 60 4.45 -4.69 6.64
C SER A 60 5.71 -5.56 6.80
N ALA A 61 6.72 -5.05 7.50
CA ALA A 61 7.97 -5.79 7.71
C ALA A 61 8.83 -5.83 6.45
N PRO A 62 10.15 -6.04 6.59
CA PRO A 62 11.08 -6.09 5.46
C PRO A 62 10.80 -7.27 4.51
N GLY A 63 10.26 -6.96 3.33
CA GLY A 63 9.95 -7.99 2.36
C GLY A 63 8.60 -8.63 2.60
N ALA A 64 7.54 -8.01 2.07
CA ALA A 64 6.19 -8.53 2.24
C ALA A 64 5.21 -7.97 1.21
N LEU A 65 4.29 -8.81 0.78
CA LEU A 65 3.26 -8.43 -0.18
C LEU A 65 1.93 -8.15 0.53
N VAL A 66 1.24 -7.10 0.10
CA VAL A 66 -0.04 -6.72 0.71
C VAL A 66 -1.13 -6.44 -0.34
N GLU A 67 -2.34 -6.96 -0.07
CA GLU A 67 -3.48 -6.75 -0.96
C GLU A 67 -3.97 -5.30 -0.90
N ARG A 68 -4.88 -4.93 -1.81
CA ARG A 68 -5.41 -3.56 -1.85
C ARG A 68 -6.37 -3.35 -3.02
N PRO A 69 -7.56 -2.79 -2.77
CA PRO A 69 -8.53 -2.50 -3.83
C PRO A 69 -7.98 -1.46 -4.82
N CYS A 70 -8.74 -1.16 -5.86
CA CYS A 70 -8.30 -0.17 -6.84
C CYS A 70 -8.59 1.27 -6.40
N PRO A 71 -7.78 2.23 -6.85
CA PRO A 71 -7.94 3.65 -6.52
C PRO A 71 -9.33 4.19 -6.87
N GLU A 72 -9.99 4.83 -5.90
CA GLU A 72 -11.32 5.39 -6.14
C GLU A 72 -11.26 6.51 -7.19
N TYR A 73 -10.73 7.67 -6.80
CA TYR A 73 -10.61 8.80 -7.73
C TYR A 73 -9.20 9.39 -7.71
N PHE A 74 -8.27 8.72 -8.38
CA PHE A 74 -6.88 9.19 -8.44
C PHE A 74 -6.30 9.02 -9.86
N ASN A 75 -7.17 8.98 -10.87
CA ASN A 75 -6.74 8.82 -12.26
C ASN A 75 -7.80 9.37 -13.24
N GLY A 76 -8.27 10.58 -12.99
CA GLY A 76 -9.28 11.19 -13.87
C GLY A 76 -10.67 10.60 -13.71
N ILE A 77 -10.78 9.27 -13.84
CA ILE A 77 -12.06 8.57 -13.72
C ILE A 77 -12.09 7.71 -12.45
N LYS A 78 -13.29 7.34 -12.01
CA LYS A 78 -13.45 6.50 -10.83
C LYS A 78 -13.12 5.04 -11.14
N TYR A 79 -11.85 4.68 -11.03
CA TYR A 79 -11.43 3.31 -11.31
C TYR A 79 -12.20 2.32 -10.44
N ASN A 80 -12.55 1.17 -11.01
CA ASN A 80 -13.29 0.15 -10.29
C ASN A 80 -12.56 -0.27 -9.01
N THR A 81 -12.97 0.31 -7.88
CA THR A 81 -12.37 0.03 -6.57
C THR A 81 -12.23 -1.46 -6.30
N THR A 82 -13.34 -2.19 -6.43
CA THR A 82 -13.34 -3.64 -6.18
C THR A 82 -12.47 -4.41 -7.19
N ARG A 83 -11.15 -4.29 -7.04
CA ARG A 83 -10.20 -4.98 -7.92
C ARG A 83 -8.93 -5.38 -7.16
N ASN A 84 -7.84 -5.65 -7.89
CA ASN A 84 -6.57 -6.06 -7.26
C ASN A 84 -5.52 -4.94 -7.28
N ALA A 85 -4.63 -4.96 -6.29
CA ALA A 85 -3.55 -3.97 -6.19
C ALA A 85 -2.48 -4.46 -5.18
N TYR A 86 -2.06 -5.71 -5.36
CA TYR A 86 -1.07 -6.35 -4.50
C TYR A 86 0.24 -5.55 -4.42
N ARG A 87 0.47 -4.89 -3.28
CA ARG A 87 1.69 -4.10 -3.07
C ARG A 87 2.76 -4.95 -2.40
N GLU A 88 4.03 -4.53 -2.54
CA GLU A 88 5.13 -5.28 -1.95
C GLU A 88 6.11 -4.37 -1.20
N CYS A 89 6.64 -4.88 -0.10
CA CYS A 89 7.60 -4.14 0.71
C CYS A 89 9.01 -4.67 0.48
N LEU A 90 9.99 -3.78 0.53
CA LEU A 90 11.39 -4.16 0.32
C LEU A 90 12.06 -4.52 1.64
N GLU A 91 12.81 -5.62 1.62
CA GLU A 91 13.53 -6.09 2.82
C GLU A 91 14.37 -4.96 3.42
N ASN A 92 14.78 -4.00 2.58
CA ASN A 92 15.57 -2.85 3.04
C ASN A 92 14.74 -1.91 3.93
N GLY A 93 13.41 -2.08 3.91
CA GLY A 93 12.52 -1.24 4.73
C GLY A 93 11.72 -0.25 3.90
N THR A 94 11.85 -0.33 2.56
CA THR A 94 11.13 0.56 1.65
C THR A 94 9.94 -0.15 1.01
N TRP A 95 9.08 0.61 0.35
CA TRP A 95 7.92 0.05 -0.33
C TRP A 95 8.20 -0.12 -1.83
N ALA A 96 7.83 -1.29 -2.36
CA ALA A 96 8.07 -1.59 -3.77
C ALA A 96 6.94 -1.04 -4.66
N SER A 97 7.18 -1.07 -5.97
CA SER A 97 6.21 -0.59 -6.95
C SER A 97 5.44 -1.75 -7.59
N ARG A 98 5.03 -2.71 -6.76
CA ARG A 98 4.30 -3.87 -7.25
C ARG A 98 2.88 -3.49 -7.69
N VAL A 99 1.90 -3.60 -6.79
CA VAL A 99 0.50 -3.27 -7.07
C VAL A 99 -0.02 -4.01 -8.31
N ASN A 100 -1.25 -3.72 -8.72
CA ASN A 100 -1.84 -4.38 -9.88
C ASN A 100 -2.77 -3.44 -10.63
N TYR A 101 -2.18 -2.55 -11.44
CA TYR A 101 -2.95 -1.60 -12.23
C TYR A 101 -3.39 -2.21 -13.56
N SER A 102 -2.83 -3.37 -13.92
CA SER A 102 -3.18 -4.06 -15.17
C SER A 102 -4.69 -4.19 -15.35
N HIS A 103 -5.42 -4.41 -14.25
CA HIS A 103 -6.87 -4.54 -14.33
C HIS A 103 -7.54 -3.20 -13.98
N CYS A 104 -7.94 -3.04 -12.71
CA CYS A 104 -8.59 -1.81 -12.25
C CYS A 104 -9.87 -1.50 -13.05
N GLU A 105 -9.70 -1.05 -14.30
CA GLU A 105 -10.81 -0.72 -15.19
C GLU A 105 -11.56 0.54 -14.73
N PRO A 106 -11.80 1.48 -15.66
CA PRO A 106 -12.51 2.74 -15.36
C PRO A 106 -14.00 2.54 -15.12
N ILE A 107 -14.59 3.43 -14.32
CA ILE A 107 -16.01 3.38 -14.00
C ILE A 107 -16.59 4.79 -13.83
N TYR A 30 -1.13 11.34 5.48
CA TYR A 30 -2.31 10.48 5.79
C TYR A 30 -1.93 9.25 6.62
N CYS A 31 -0.79 8.67 6.32
CA CYS A 31 -0.30 7.48 7.03
C CYS A 31 0.43 7.86 8.32
N HIS A 32 0.66 6.85 9.15
CA HIS A 32 1.36 7.03 10.43
C HIS A 32 2.86 7.23 10.23
N ARG A 33 3.61 7.10 11.31
CA ARG A 33 5.06 7.25 11.26
C ARG A 33 5.73 5.95 10.81
N THR A 34 7.06 5.95 10.77
CA THR A 34 7.81 4.78 10.35
C THR A 34 8.68 4.25 11.50
N THR A 35 8.22 4.45 12.74
CA THR A 35 8.95 4.00 13.92
C THR A 35 8.01 3.85 15.12
N ILE A 36 8.53 3.22 16.18
CA ILE A 36 7.77 3.00 17.41
C ILE A 36 8.54 3.48 18.63
N GLY A 37 7.82 3.99 19.63
CA GLY A 37 8.45 4.48 20.85
C GLY A 37 9.31 5.70 20.59
N ASN A 38 10.51 5.73 21.18
CA ASN A 38 11.42 6.87 21.01
C ASN A 38 12.88 6.41 21.06
N PHE A 39 13.16 5.29 20.42
CA PHE A 39 14.52 4.73 20.36
C PHE A 39 14.58 3.42 19.56
N SER A 40 13.74 3.35 18.53
CA SER A 40 13.68 2.16 17.66
C SER A 40 13.47 0.88 18.47
N GLY A 41 12.26 0.73 19.03
CA GLY A 41 11.94 -0.45 19.84
C GLY A 41 12.11 -1.77 19.10
N PRO A 42 11.28 -2.04 18.07
CA PRO A 42 11.35 -3.28 17.30
C PRO A 42 12.40 -3.25 16.19
N TYR A 43 12.43 -4.30 15.37
CA TYR A 43 13.38 -4.42 14.27
C TYR A 43 13.03 -3.50 13.10
N THR A 44 11.89 -2.81 13.22
CA THR A 44 11.40 -1.89 12.19
C THR A 44 10.72 -2.66 11.05
N TYR A 45 9.56 -2.15 10.63
CA TYR A 45 8.79 -2.78 9.56
C TYR A 45 8.31 -1.75 8.54
N CYS A 46 8.75 -1.87 7.29
CA CYS A 46 8.35 -0.95 6.22
C CYS A 46 8.66 0.51 6.58
N ASN A 47 8.25 1.44 5.72
CA ASN A 47 8.50 2.85 5.95
C ASN A 47 7.25 3.69 5.72
N THR A 48 6.15 3.23 6.31
CA THR A 48 4.84 3.89 6.24
C THR A 48 4.77 5.01 5.21
N THR A 49 4.33 4.68 3.99
CA THR A 49 4.23 5.67 2.92
C THR A 49 2.82 5.78 2.35
N LEU A 50 2.63 6.76 1.47
CA LEU A 50 1.35 7.00 0.82
C LEU A 50 1.56 7.14 -0.69
N ASP A 51 0.65 6.51 -1.45
CA ASP A 51 0.73 6.54 -2.91
C ASP A 51 -0.56 7.10 -3.51
N GLN A 52 -0.65 7.10 -4.85
CA GLN A 52 -1.84 7.57 -5.55
C GLN A 52 -3.09 6.91 -4.96
N ILE A 53 -3.02 5.59 -4.81
CA ILE A 53 -4.11 4.81 -4.22
C ILE A 53 -4.12 5.01 -2.71
N GLY A 54 -5.10 5.77 -2.21
CA GLY A 54 -5.20 6.06 -0.79
C GLY A 54 -5.47 4.84 0.08
N THR A 55 -4.60 3.83 -0.01
CA THR A 55 -4.73 2.62 0.80
C THR A 55 -3.85 2.67 2.05
N CYS A 56 -2.93 3.63 2.06
CA CYS A 56 -2.01 3.82 3.19
C CYS A 56 -1.10 2.61 3.38
N TRP A 57 0.20 2.79 3.16
CA TRP A 57 1.16 1.71 3.32
C TRP A 57 2.04 1.92 4.54
N PRO A 58 1.55 1.56 5.75
CA PRO A 58 2.30 1.73 7.00
C PRO A 58 3.30 0.60 7.26
N GLN A 59 3.76 0.49 8.50
CA GLN A 59 4.72 -0.54 8.89
C GLN A 59 4.19 -1.94 8.55
N SER A 60 5.08 -2.83 8.12
CA SER A 60 4.70 -4.20 7.76
C SER A 60 5.84 -5.18 8.03
N ALA A 61 6.88 -5.13 7.19
CA ALA A 61 8.04 -6.02 7.32
C ALA A 61 8.99 -5.87 6.13
N PRO A 62 10.32 -5.94 6.38
CA PRO A 62 11.31 -5.84 5.31
C PRO A 62 11.29 -7.06 4.40
N GLY A 63 10.57 -6.94 3.29
CA GLY A 63 10.44 -8.04 2.34
C GLY A 63 9.12 -8.77 2.50
N ALA A 64 8.02 -8.04 2.33
CA ALA A 64 6.69 -8.60 2.46
C ALA A 64 5.70 -7.98 1.47
N LEU A 65 4.84 -8.82 0.91
CA LEU A 65 3.83 -8.39 -0.05
C LEU A 65 2.50 -8.08 0.66
N VAL A 66 1.83 -7.01 0.22
CA VAL A 66 0.55 -6.61 0.80
C VAL A 66 -0.54 -6.58 -0.27
N GLU A 67 -1.63 -7.27 0.00
CA GLU A 67 -2.75 -7.36 -0.93
C GLU A 67 -3.84 -6.34 -0.60
N ARG A 68 -4.39 -5.72 -1.65
CA ARG A 68 -5.44 -4.72 -1.51
C ARG A 68 -6.43 -4.81 -2.68
N PRO A 69 -7.64 -4.24 -2.52
CA PRO A 69 -8.66 -4.27 -3.58
C PRO A 69 -8.18 -3.55 -4.85
N CYS A 70 -8.46 -2.25 -4.96
CA CYS A 70 -8.03 -1.46 -6.13
C CYS A 70 -8.67 -0.08 -6.11
N PRO A 71 -8.15 0.85 -6.93
CA PRO A 71 -8.69 2.21 -7.00
C PRO A 71 -10.03 2.28 -7.74
N GLU A 72 -10.91 3.16 -7.26
CA GLU A 72 -12.24 3.33 -7.86
C GLU A 72 -12.55 4.81 -8.10
N TYR A 73 -13.15 5.09 -9.26
CA TYR A 73 -13.52 6.45 -9.64
C TYR A 73 -12.29 7.38 -9.71
N PHE A 74 -11.16 6.86 -10.19
CA PHE A 74 -9.94 7.64 -10.30
C PHE A 74 -9.64 7.97 -11.76
N ASN A 75 -8.63 8.81 -11.99
CA ASN A 75 -8.25 9.22 -13.33
C ASN A 75 -9.39 9.97 -14.01
N GLY A 76 -9.23 10.23 -15.29
CA GLY A 76 -10.25 10.94 -16.04
C GLY A 76 -11.22 10.02 -16.78
N ILE A 77 -11.55 8.89 -16.17
CA ILE A 77 -12.47 7.93 -16.79
C ILE A 77 -13.43 7.34 -15.75
N LYS A 78 -14.49 6.69 -16.22
CA LYS A 78 -15.47 6.09 -15.31
C LYS A 78 -15.84 4.65 -15.73
N TYR A 79 -14.83 3.78 -15.75
CA TYR A 79 -15.03 2.38 -16.09
C TYR A 79 -14.04 1.51 -15.32
N ASN A 80 -14.46 0.27 -15.01
CA ASN A 80 -13.62 -0.68 -14.26
C ASN A 80 -13.60 -0.33 -12.76
N THR A 81 -13.62 -1.36 -11.92
CA THR A 81 -13.59 -1.18 -10.46
C THR A 81 -13.12 -2.45 -9.76
N THR A 82 -13.79 -3.56 -10.02
CA THR A 82 -13.44 -4.85 -9.42
C THR A 82 -12.11 -5.39 -9.94
N ARG A 83 -11.03 -5.04 -9.22
CA ARG A 83 -9.68 -5.47 -9.59
C ARG A 83 -8.85 -5.78 -8.33
N ASN A 84 -7.61 -6.21 -8.52
CA ASN A 84 -6.71 -6.52 -7.39
C ASN A 84 -5.50 -5.59 -7.39
N ALA A 85 -5.14 -5.10 -6.21
CA ALA A 85 -4.01 -4.18 -6.07
C ALA A 85 -2.95 -4.74 -5.11
N TYR A 86 -2.03 -5.56 -5.64
CA TYR A 86 -0.97 -6.15 -4.81
C TYR A 86 0.22 -5.19 -4.71
N ARG A 87 0.67 -4.95 -3.48
CA ARG A 87 1.82 -4.07 -3.23
C ARG A 87 2.90 -4.80 -2.44
N GLU A 88 4.15 -4.34 -2.52
CA GLU A 88 5.25 -5.01 -1.85
C GLU A 88 6.11 -4.07 -1.00
N CYS A 89 6.72 -4.65 0.03
CA CYS A 89 7.62 -3.94 0.92
C CYS A 89 9.01 -4.58 0.81
N LEU A 90 9.92 -3.87 0.15
CA LEU A 90 11.29 -4.35 -0.07
C LEU A 90 11.97 -4.83 1.20
N GLU A 91 12.79 -5.87 1.03
CA GLU A 91 13.56 -6.46 2.14
C GLU A 91 14.43 -5.41 2.81
N ASN A 92 14.73 -4.32 2.09
CA ASN A 92 15.56 -3.25 2.63
C ASN A 92 14.72 -2.24 3.43
N GLY A 93 13.40 -2.47 3.54
CA GLY A 93 12.53 -1.56 4.27
C GLY A 93 11.96 -0.44 3.41
N THR A 94 11.70 -0.75 2.14
CA THR A 94 11.15 0.23 1.20
C THR A 94 9.82 -0.23 0.61
N TRP A 95 8.97 0.71 0.25
CA TRP A 95 7.65 0.40 -0.31
C TRP A 95 7.67 0.39 -1.84
N ALA A 96 7.19 -0.70 -2.43
CA ALA A 96 7.12 -0.83 -3.89
C ALA A 96 5.87 -0.15 -4.44
N SER A 97 5.89 0.21 -5.71
CA SER A 97 4.75 0.86 -6.36
C SER A 97 4.06 -0.09 -7.33
N ARG A 98 3.83 -1.33 -6.89
CA ARG A 98 3.18 -2.34 -7.72
C ARG A 98 1.68 -2.06 -7.89
N VAL A 99 0.91 -2.35 -6.85
CA VAL A 99 -0.56 -2.17 -6.84
C VAL A 99 -1.24 -2.87 -8.01
N ASN A 100 -0.52 -3.81 -8.60
CA ASN A 100 -1.02 -4.58 -9.74
C ASN A 100 -1.68 -3.67 -10.77
N TYR A 101 -1.24 -2.40 -10.84
CA TYR A 101 -1.80 -1.43 -11.78
C TYR A 101 -1.90 -2.00 -13.19
N SER A 102 -0.84 -2.68 -13.63
CA SER A 102 -0.80 -3.29 -14.97
C SER A 102 -2.02 -4.18 -15.23
N HIS A 103 -2.41 -4.97 -14.22
CA HIS A 103 -3.57 -5.86 -14.36
C HIS A 103 -4.85 -5.23 -13.77
N CYS A 104 -4.69 -4.31 -12.83
CA CYS A 104 -5.84 -3.63 -12.21
C CYS A 104 -6.41 -2.58 -13.15
N GLU A 105 -5.57 -1.99 -14.01
CA GLU A 105 -5.97 -0.99 -14.96
C GLU A 105 -6.29 0.35 -14.28
N PRO A 106 -6.30 1.47 -15.04
CA PRO A 106 -6.58 2.81 -14.51
C PRO A 106 -7.99 2.91 -13.92
N ILE A 107 -8.28 4.04 -13.26
CA ILE A 107 -9.58 4.31 -12.62
C ILE A 107 -9.54 4.00 -11.13
N TYR A 30 -5.72 9.61 9.45
CA TYR A 30 -4.45 9.09 8.85
C TYR A 30 -4.34 7.57 9.01
N CYS A 31 -3.20 7.01 8.62
CA CYS A 31 -2.97 5.57 8.73
C CYS A 31 -2.36 5.22 10.10
N HIS A 32 -2.89 4.18 10.74
CA HIS A 32 -2.40 3.76 12.07
C HIS A 32 -1.84 2.33 12.07
N ARG A 33 -1.42 1.90 13.25
CA ARG A 33 -0.86 0.56 13.44
C ARG A 33 -0.97 0.11 14.91
N THR A 34 -0.48 0.95 15.83
CA THR A 34 -0.50 0.65 17.27
C THR A 34 -0.10 -0.80 17.56
N THR A 35 0.93 -1.27 16.87
CA THR A 35 1.43 -2.64 17.05
C THR A 35 2.80 -2.65 17.73
N ILE A 36 3.37 -3.86 17.86
CA ILE A 36 4.70 -4.05 18.46
C ILE A 36 4.80 -3.46 19.87
N GLY A 37 5.99 -3.58 20.46
CA GLY A 37 6.23 -3.06 21.81
C GLY A 37 6.29 -1.55 21.83
N ASN A 38 5.16 -0.91 22.15
CA ASN A 38 5.06 0.56 22.19
C ASN A 38 5.03 1.14 20.77
N PHE A 39 4.45 2.33 20.64
CA PHE A 39 4.36 2.98 19.33
C PHE A 39 5.73 3.11 18.69
N SER A 40 5.83 2.56 17.49
CA SER A 40 7.08 2.57 16.71
C SER A 40 8.27 2.10 17.56
N GLY A 41 8.10 0.97 18.25
CA GLY A 41 9.15 0.43 19.09
C GLY A 41 10.43 0.15 18.30
N PRO A 42 10.43 -0.86 17.41
CA PRO A 42 11.58 -1.20 16.59
C PRO A 42 11.60 -0.45 15.27
N TYR A 43 12.55 -0.80 14.40
CA TYR A 43 12.67 -0.15 13.10
C TYR A 43 12.62 -1.16 11.94
N THR A 44 12.47 -2.43 12.28
CA THR A 44 12.41 -3.50 11.28
C THR A 44 11.01 -3.64 10.69
N TYR A 45 10.74 -2.90 9.64
CA TYR A 45 9.44 -2.94 8.97
C TYR A 45 9.38 -1.95 7.80
N CYS A 46 8.18 -1.83 7.21
CA CYS A 46 7.97 -0.93 6.07
C CYS A 46 8.04 0.55 6.51
N ASN A 47 7.90 1.45 5.53
CA ASN A 47 7.97 2.90 5.79
C ASN A 47 6.59 3.57 5.91
N THR A 48 5.59 2.82 6.36
CA THR A 48 4.23 3.34 6.56
C THR A 48 3.93 4.57 5.69
N THR A 49 3.42 4.33 4.47
CA THR A 49 3.10 5.43 3.55
C THR A 49 1.76 5.24 2.85
N LEU A 50 1.54 6.07 1.84
CA LEU A 50 0.33 6.05 1.03
C LEU A 50 0.70 6.31 -0.44
N ASP A 51 0.04 5.63 -1.36
CA ASP A 51 0.34 5.79 -2.78
C ASP A 51 -0.73 6.62 -3.51
N GLN A 52 -0.64 6.65 -4.85
CA GLN A 52 -1.58 7.41 -5.69
C GLN A 52 -3.02 7.20 -5.21
N ILE A 53 -3.43 5.94 -5.12
CA ILE A 53 -4.78 5.60 -4.68
C ILE A 53 -4.91 5.75 -3.17
N GLY A 54 -6.14 6.00 -2.71
CA GLY A 54 -6.40 6.17 -1.28
C GLY A 54 -6.13 4.89 -0.49
N THR A 55 -4.87 4.46 -0.48
CA THR A 55 -4.48 3.24 0.23
C THR A 55 -3.24 3.49 1.09
N CYS A 56 -3.31 3.07 2.36
CA CYS A 56 -2.19 3.25 3.30
C CYS A 56 -1.36 1.97 3.41
N TRP A 57 -0.04 2.14 3.34
CA TRP A 57 0.90 1.01 3.44
C TRP A 57 1.77 1.15 4.70
N PRO A 58 1.22 0.77 5.88
CA PRO A 58 1.95 0.87 7.15
C PRO A 58 3.07 -0.16 7.29
N GLN A 59 3.75 -0.12 8.43
CA GLN A 59 4.86 -1.04 8.71
C GLN A 59 4.40 -2.50 8.60
N SER A 60 4.91 -3.20 7.58
CA SER A 60 4.57 -4.59 7.34
C SER A 60 5.70 -5.52 7.78
N ALA A 61 6.76 -5.57 6.97
CA ALA A 61 7.92 -6.40 7.25
C ALA A 61 8.92 -6.34 6.07
N PRO A 62 10.19 -6.69 6.32
CA PRO A 62 11.21 -6.68 5.27
C PRO A 62 11.03 -7.80 4.25
N GLY A 63 10.61 -7.43 3.03
CA GLY A 63 10.40 -8.44 1.99
C GLY A 63 9.02 -9.07 2.08
N ALA A 64 7.99 -8.35 1.60
CA ALA A 64 6.62 -8.86 1.64
C ALA A 64 5.68 -8.07 0.73
N LEU A 65 4.76 -8.78 0.07
CA LEU A 65 3.76 -8.16 -0.80
C LEU A 65 2.44 -8.02 -0.05
N VAL A 66 1.91 -6.80 0.00
CA VAL A 66 0.65 -6.54 0.70
C VAL A 66 -0.47 -6.19 -0.28
N GLU A 67 -1.63 -6.82 -0.10
CA GLU A 67 -2.79 -6.59 -0.95
C GLU A 67 -3.82 -5.71 -0.24
N ARG A 68 -4.38 -4.74 -0.98
CA ARG A 68 -5.38 -3.83 -0.42
C ARG A 68 -6.50 -3.55 -1.43
N PRO A 69 -7.70 -3.20 -0.95
CA PRO A 69 -8.84 -2.90 -1.83
C PRO A 69 -8.50 -1.91 -2.94
N CYS A 70 -8.82 -2.28 -4.19
CA CYS A 70 -8.54 -1.42 -5.35
C CYS A 70 -9.43 -0.18 -5.33
N PRO A 71 -9.04 0.88 -6.08
CA PRO A 71 -9.81 2.14 -6.14
C PRO A 71 -11.23 1.95 -6.72
N GLU A 72 -12.08 1.26 -5.96
CA GLU A 72 -13.47 1.02 -6.37
C GLU A 72 -14.29 2.30 -6.42
N TYR A 73 -13.85 3.32 -5.66
CA TYR A 73 -14.54 4.60 -5.63
C TYR A 73 -13.81 5.65 -6.47
N PHE A 74 -13.32 5.24 -7.64
CA PHE A 74 -12.60 6.13 -8.53
C PHE A 74 -13.43 6.45 -9.78
N ASN A 75 -13.22 7.63 -10.36
CA ASN A 75 -13.97 8.08 -11.54
C ASN A 75 -15.40 8.42 -11.17
N GLY A 76 -16.09 9.10 -12.08
CA GLY A 76 -17.50 9.43 -11.83
C GLY A 76 -18.37 8.19 -11.99
N ILE A 77 -18.00 7.13 -11.23
CA ILE A 77 -18.69 5.85 -11.28
C ILE A 77 -18.23 4.96 -10.12
N LYS A 78 -18.97 3.88 -9.85
CA LYS A 78 -18.60 2.97 -8.77
C LYS A 78 -19.05 1.53 -9.04
N TYR A 79 -18.11 0.71 -9.52
CA TYR A 79 -18.39 -0.70 -9.81
C TYR A 79 -17.08 -1.50 -9.91
N ASN A 80 -17.19 -2.76 -10.38
CA ASN A 80 -16.02 -3.63 -10.56
C ASN A 80 -15.08 -3.61 -9.34
N THR A 81 -15.52 -4.26 -8.26
CA THR A 81 -14.73 -4.31 -7.02
C THR A 81 -13.90 -5.59 -6.89
N THR A 82 -14.04 -6.53 -7.83
CA THR A 82 -13.28 -7.78 -7.77
C THR A 82 -11.81 -7.58 -8.15
N ARG A 83 -11.09 -6.80 -7.33
CA ARG A 83 -9.67 -6.51 -7.58
C ARG A 83 -9.03 -5.79 -6.40
N ASN A 84 -7.71 -5.93 -6.26
CA ASN A 84 -6.97 -5.31 -5.14
C ASN A 84 -5.62 -4.73 -5.61
N ALA A 85 -4.98 -3.98 -4.71
CA ALA A 85 -3.67 -3.37 -4.98
C ALA A 85 -2.55 -4.16 -4.30
N TYR A 86 -1.57 -4.60 -5.09
CA TYR A 86 -0.46 -5.39 -4.56
C TYR A 86 0.80 -4.55 -4.40
N ARG A 87 1.10 -4.15 -3.17
CA ARG A 87 2.29 -3.36 -2.90
C ARG A 87 3.33 -4.21 -2.16
N GLU A 88 4.53 -4.27 -2.74
CA GLU A 88 5.62 -5.05 -2.16
C GLU A 88 6.50 -4.21 -1.26
N CYS A 89 7.04 -4.86 -0.24
CA CYS A 89 7.94 -4.20 0.69
C CYS A 89 9.30 -4.88 0.63
N LEU A 90 10.33 -4.08 0.37
CA LEU A 90 11.69 -4.60 0.24
C LEU A 90 12.28 -5.03 1.58
N GLU A 91 13.15 -6.04 1.52
CA GLU A 91 13.82 -6.57 2.71
C GLU A 91 14.52 -5.45 3.49
N ASN A 92 14.77 -4.33 2.82
CA ASN A 92 15.40 -3.18 3.45
C ASN A 92 14.36 -2.29 4.16
N GLY A 93 13.07 -2.59 3.97
CA GLY A 93 12.01 -1.81 4.59
C GLY A 93 11.35 -0.80 3.66
N THR A 94 11.82 -0.74 2.41
CA THR A 94 11.28 0.19 1.42
C THR A 94 10.00 -0.33 0.75
N TRP A 95 9.18 0.59 0.27
CA TRP A 95 7.91 0.25 -0.39
C TRP A 95 8.07 0.17 -1.91
N ALA A 96 7.63 -0.93 -2.51
CA ALA A 96 7.72 -1.13 -3.95
C ALA A 96 6.50 -0.55 -4.67
N SER A 97 6.67 -0.28 -5.97
CA SER A 97 5.59 0.26 -6.80
C SER A 97 4.85 -0.85 -7.56
N ARG A 98 4.66 -1.99 -6.90
CA ARG A 98 3.97 -3.13 -7.52
C ARG A 98 2.47 -2.87 -7.66
N VAL A 99 1.93 -1.89 -6.92
CA VAL A 99 0.51 -1.56 -6.97
C VAL A 99 0.09 -1.19 -8.41
N ASN A 100 -0.61 -2.11 -9.06
CA ASN A 100 -1.06 -1.89 -10.42
C ASN A 100 -2.39 -1.15 -10.45
N TYR A 101 -3.40 -1.77 -9.82
CA TYR A 101 -4.76 -1.21 -9.74
C TYR A 101 -5.26 -0.64 -11.09
N SER A 102 -4.72 -1.14 -12.20
CA SER A 102 -5.16 -0.70 -13.52
C SER A 102 -6.29 -1.59 -14.03
N HIS A 103 -6.42 -2.79 -13.45
CA HIS A 103 -7.47 -3.73 -13.84
C HIS A 103 -8.86 -3.30 -13.38
N CYS A 104 -8.94 -2.22 -12.59
CA CYS A 104 -10.22 -1.71 -12.09
C CYS A 104 -10.92 -0.90 -13.20
N GLU A 105 -12.02 -1.46 -13.72
CA GLU A 105 -12.77 -0.81 -14.79
C GLU A 105 -14.18 -0.37 -14.34
N PRO A 106 -14.91 0.37 -15.21
CA PRO A 106 -16.27 0.85 -14.90
C PRO A 106 -17.32 -0.26 -15.07
N ILE A 107 -18.59 0.15 -15.24
CA ILE A 107 -19.69 -0.81 -15.41
C ILE A 107 -20.99 -0.11 -15.83
N TYR A 30 -6.55 9.95 7.01
CA TYR A 30 -5.50 10.83 7.61
C TYR A 30 -4.10 10.23 7.48
N CYS A 31 -4.01 8.92 7.38
CA CYS A 31 -2.74 8.22 7.25
C CYS A 31 -1.78 8.60 8.39
N HIS A 32 -0.46 8.47 8.18
CA HIS A 32 0.51 8.81 9.21
C HIS A 32 0.48 10.29 9.56
N ARG A 33 0.85 10.58 10.80
CA ARG A 33 0.91 11.95 11.30
C ARG A 33 2.33 12.52 11.19
N THR A 34 3.30 11.70 11.59
CA THR A 34 4.71 12.08 11.55
C THR A 34 5.59 10.83 11.61
N THR A 35 5.12 9.75 10.99
CA THR A 35 5.84 8.48 10.99
C THR A 35 6.44 8.17 9.62
N ILE A 36 7.64 7.58 9.63
CA ILE A 36 8.36 7.20 8.42
C ILE A 36 8.65 8.40 7.50
N GLY A 37 9.37 8.14 6.40
CA GLY A 37 9.72 9.22 5.47
C GLY A 37 10.89 10.03 5.99
N ASN A 38 10.70 10.68 7.13
CA ASN A 38 11.73 11.49 7.78
C ASN A 38 12.28 10.77 9.01
N PHE A 39 13.14 11.44 9.76
CA PHE A 39 13.75 10.88 10.97
C PHE A 39 12.71 10.68 12.08
N SER A 40 11.73 9.85 11.78
CA SER A 40 10.64 9.54 12.71
C SER A 40 9.92 8.25 12.30
N GLY A 41 10.62 7.12 12.43
CA GLY A 41 10.04 5.84 12.07
C GLY A 41 11.01 4.69 12.30
N PRO A 42 10.66 3.46 11.85
CA PRO A 42 11.49 2.29 12.02
C PRO A 42 12.35 1.97 10.79
N TYR A 43 13.13 0.91 10.89
CA TYR A 43 14.00 0.47 9.80
C TYR A 43 13.79 -1.01 9.50
N THR A 44 14.28 -1.45 8.34
CA THR A 44 14.13 -2.85 7.92
C THR A 44 12.68 -3.32 8.07
N TYR A 45 11.75 -2.37 7.97
CA TYR A 45 10.32 -2.63 8.11
C TYR A 45 9.51 -1.51 7.45
N CYS A 46 8.34 -1.83 6.93
CA CYS A 46 7.49 -0.81 6.30
C CYS A 46 6.72 -0.02 7.37
N ASN A 47 6.06 1.05 6.94
CA ASN A 47 5.30 1.89 7.87
C ASN A 47 4.07 2.50 7.20
N THR A 48 2.97 2.57 7.96
CA THR A 48 1.69 3.13 7.48
C THR A 48 1.89 4.41 6.67
N THR A 49 1.96 4.26 5.34
CA THR A 49 2.14 5.40 4.44
C THR A 49 1.28 5.29 3.19
N LEU A 50 1.20 6.39 2.44
CA LEU A 50 0.44 6.41 1.20
C LEU A 50 1.40 6.43 0.01
N ASP A 51 0.97 5.87 -1.12
CA ASP A 51 1.83 5.82 -2.30
C ASP A 51 1.04 5.51 -3.59
N GLN A 52 1.19 6.40 -4.57
CA GLN A 52 0.53 6.28 -5.88
C GLN A 52 -1.00 6.42 -5.78
N ILE A 53 -1.64 5.51 -5.06
CA ILE A 53 -3.09 5.56 -4.89
C ILE A 53 -3.49 6.00 -3.48
N GLY A 54 -4.77 6.35 -3.31
CA GLY A 54 -5.26 6.78 -2.01
C GLY A 54 -5.40 5.64 -1.01
N THR A 55 -4.28 5.00 -0.69
CA THR A 55 -4.29 3.89 0.27
C THR A 55 -3.08 3.95 1.20
N CYS A 56 -3.31 3.64 2.48
CA CYS A 56 -2.25 3.66 3.48
C CYS A 56 -1.70 2.26 3.72
N TRP A 57 -0.38 2.10 3.52
CA TRP A 57 0.29 0.83 3.70
C TRP A 57 0.98 0.76 5.06
N PRO A 58 0.36 0.09 6.05
CA PRO A 58 0.90 -0.03 7.42
C PRO A 58 2.23 -0.78 7.50
N GLN A 59 2.76 -0.88 8.71
CA GLN A 59 4.01 -1.59 8.96
C GLN A 59 3.82 -3.09 8.74
N SER A 60 4.66 -3.67 7.89
CA SER A 60 4.56 -5.09 7.57
C SER A 60 5.86 -5.82 7.95
N ALA A 61 6.62 -6.25 6.94
CA ALA A 61 7.88 -6.96 7.18
C ALA A 61 8.84 -6.75 6.01
N PRO A 62 10.16 -6.79 6.27
CA PRO A 62 11.18 -6.60 5.24
C PRO A 62 11.19 -7.77 4.23
N GLY A 63 10.56 -7.55 3.08
CA GLY A 63 10.49 -8.57 2.06
C GLY A 63 9.16 -9.31 2.07
N ALA A 64 8.06 -8.56 1.98
CA ALA A 64 6.73 -9.15 1.98
C ALA A 64 5.76 -8.32 1.13
N LEU A 65 4.79 -9.00 0.56
CA LEU A 65 3.77 -8.35 -0.28
C LEU A 65 2.54 -7.96 0.53
N VAL A 66 2.12 -6.69 0.41
CA VAL A 66 0.95 -6.19 1.11
C VAL A 66 -0.12 -5.76 0.10
N GLU A 67 -1.38 -6.11 0.38
CA GLU A 67 -2.48 -5.77 -0.53
C GLU A 67 -3.41 -4.71 0.04
N ARG A 68 -4.02 -3.94 -0.86
CA ARG A 68 -4.94 -2.88 -0.48
C ARG A 68 -6.14 -2.84 -1.44
N PRO A 69 -7.31 -2.40 -0.96
CA PRO A 69 -8.53 -2.32 -1.78
C PRO A 69 -8.37 -1.41 -3.01
N CYS A 70 -8.93 -1.86 -4.14
CA CYS A 70 -8.85 -1.08 -5.38
C CYS A 70 -9.54 0.27 -5.19
N PRO A 71 -8.95 1.36 -5.72
CA PRO A 71 -9.50 2.72 -5.58
C PRO A 71 -10.81 2.94 -6.36
N GLU A 72 -11.00 2.23 -7.46
CA GLU A 72 -12.20 2.39 -8.30
C GLU A 72 -12.45 3.88 -8.60
N TYR A 73 -11.38 4.60 -8.93
CA TYR A 73 -11.48 6.04 -9.23
C TYR A 73 -10.17 6.60 -9.78
N PHE A 74 -9.05 6.28 -9.11
CA PHE A 74 -7.73 6.76 -9.52
C PHE A 74 -7.36 6.41 -10.96
N ASN A 75 -8.07 5.44 -11.54
CA ASN A 75 -7.85 5.03 -12.92
C ASN A 75 -8.80 5.73 -13.89
N GLY A 76 -9.49 6.78 -13.41
CA GLY A 76 -10.43 7.49 -14.26
C GLY A 76 -11.73 6.72 -14.45
N ILE A 77 -11.96 5.72 -13.59
CA ILE A 77 -13.17 4.90 -13.66
C ILE A 77 -13.87 4.87 -12.30
N LYS A 78 -15.18 5.09 -12.32
CA LYS A 78 -16.00 5.11 -11.10
C LYS A 78 -16.94 3.91 -11.04
N TYR A 79 -16.39 2.70 -11.18
CA TYR A 79 -17.22 1.48 -11.13
C TYR A 79 -16.42 0.25 -11.52
N ASN A 80 -16.91 -0.91 -11.07
CA ASN A 80 -16.27 -2.19 -11.38
C ASN A 80 -14.86 -2.30 -10.80
N THR A 81 -14.66 -3.29 -9.93
CA THR A 81 -13.37 -3.50 -9.30
C THR A 81 -13.31 -4.87 -8.61
N THR A 82 -13.53 -4.90 -7.29
CA THR A 82 -13.52 -6.14 -6.51
C THR A 82 -12.12 -6.79 -6.51
N ARG A 83 -11.07 -5.95 -6.48
CA ARG A 83 -9.68 -6.47 -6.46
C ARG A 83 -8.79 -5.70 -5.47
N ASN A 84 -7.62 -6.26 -5.22
CA ASN A 84 -6.65 -5.68 -4.28
C ASN A 84 -5.34 -5.30 -4.98
N ALA A 85 -4.69 -4.25 -4.47
CA ALA A 85 -3.42 -3.77 -5.02
C ALA A 85 -2.25 -4.40 -4.27
N TYR A 86 -1.48 -5.25 -4.95
CA TYR A 86 -0.34 -5.93 -4.34
C TYR A 86 0.91 -5.06 -4.34
N ARG A 87 1.28 -4.56 -3.16
CA ARG A 87 2.48 -3.73 -3.02
C ARG A 87 3.54 -4.46 -2.17
N GLU A 88 4.70 -4.70 -2.76
CA GLU A 88 5.79 -5.40 -2.07
C GLU A 88 6.55 -4.48 -1.13
N CYS A 89 6.94 -5.04 0.02
CA CYS A 89 7.70 -4.30 1.03
C CYS A 89 9.15 -4.78 1.03
N LEU A 90 10.02 -3.92 0.51
CA LEU A 90 11.46 -4.21 0.40
C LEU A 90 12.07 -4.65 1.73
N GLU A 91 13.11 -5.48 1.64
CA GLU A 91 13.82 -5.96 2.83
C GLU A 91 14.27 -4.78 3.71
N ASN A 92 14.40 -3.60 3.08
CA ASN A 92 14.81 -2.40 3.80
C ASN A 92 13.61 -1.72 4.48
N GLY A 93 12.39 -2.11 4.08
CA GLY A 93 11.19 -1.53 4.66
C GLY A 93 10.48 -0.54 3.73
N THR A 94 10.86 -0.52 2.45
CA THR A 94 10.23 0.37 1.47
C THR A 94 9.21 -0.38 0.62
N TRP A 95 8.45 0.36 -0.19
CA TRP A 95 7.42 -0.26 -1.04
C TRP A 95 7.88 -0.35 -2.49
N ALA A 96 7.74 -1.55 -3.07
CA ALA A 96 8.15 -1.79 -4.47
C ALA A 96 7.29 -1.03 -5.50
N SER A 97 6.16 -0.51 -5.04
CA SER A 97 5.23 0.26 -5.90
C SER A 97 4.54 -0.60 -6.96
N ARG A 98 4.54 -1.92 -6.78
CA ARG A 98 3.89 -2.83 -7.75
C ARG A 98 2.39 -2.51 -7.91
N VAL A 99 1.73 -2.33 -6.77
CA VAL A 99 0.28 -2.01 -6.69
C VAL A 99 -0.47 -2.14 -8.02
N ASN A 100 -0.94 -3.34 -8.32
CA ASN A 100 -1.69 -3.60 -9.54
C ASN A 100 -3.12 -3.04 -9.44
N TYR A 101 -3.23 -1.74 -9.20
CA TYR A 101 -4.54 -1.08 -9.06
C TYR A 101 -5.14 -0.72 -10.43
N SER A 102 -4.29 -0.62 -11.46
CA SER A 102 -4.77 -0.30 -12.82
C SER A 102 -5.63 -1.44 -13.36
N HIS A 103 -5.38 -2.66 -12.87
CA HIS A 103 -6.14 -3.85 -13.27
C HIS A 103 -7.47 -3.92 -12.50
N CYS A 104 -8.15 -2.78 -12.44
CA CYS A 104 -9.42 -2.69 -11.72
C CYS A 104 -10.65 -2.94 -12.63
N GLU A 105 -10.40 -3.23 -13.91
CA GLU A 105 -11.47 -3.50 -14.86
C GLU A 105 -12.39 -2.29 -15.05
N PRO A 106 -12.02 -1.37 -15.97
CA PRO A 106 -12.81 -0.17 -16.26
C PRO A 106 -14.10 -0.46 -17.02
N ILE A 107 -14.92 0.57 -17.21
CA ILE A 107 -16.19 0.44 -17.93
C ILE A 107 -16.46 1.68 -18.79
N TYR A 30 -2.63 11.81 2.60
CA TYR A 30 -3.88 12.12 3.37
C TYR A 30 -3.80 11.68 4.83
N CYS A 31 -2.92 10.72 5.12
CA CYS A 31 -2.75 10.22 6.49
C CYS A 31 -1.34 10.49 7.01
N HIS A 32 -1.16 10.39 8.33
CA HIS A 32 0.14 10.62 8.96
C HIS A 32 0.98 9.35 9.00
N ARG A 33 2.05 9.39 9.78
CA ARG A 33 2.95 8.24 9.95
C ARG A 33 2.71 7.56 11.30
N THR A 34 3.32 6.39 11.50
CA THR A 34 3.15 5.64 12.75
C THR A 34 4.46 5.54 13.55
N THR A 35 5.27 4.52 13.27
CA THR A 35 6.54 4.30 13.99
C THR A 35 6.32 4.19 15.50
N ILE A 36 5.20 3.57 15.89
CA ILE A 36 4.85 3.35 17.29
C ILE A 36 4.81 4.66 18.10
N GLY A 37 4.53 4.54 19.40
CA GLY A 37 4.47 5.71 20.27
C GLY A 37 5.83 6.33 20.48
N ASN A 38 6.76 5.55 21.03
CA ASN A 38 8.13 6.03 21.25
C ASN A 38 8.91 6.01 19.94
N PHE A 39 9.16 7.21 19.39
CA PHE A 39 9.89 7.34 18.13
C PHE A 39 11.04 6.35 18.00
N SER A 40 11.07 5.64 16.87
CA SER A 40 12.10 4.63 16.58
C SER A 40 11.94 3.40 17.48
N GLY A 41 11.18 2.43 17.00
CA GLY A 41 10.95 1.20 17.77
C GLY A 41 11.72 0.01 17.24
N PRO A 42 11.06 -0.87 16.46
CA PRO A 42 11.70 -2.08 15.91
C PRO A 42 12.56 -1.78 14.68
N TYR A 43 13.12 -2.84 14.08
CA TYR A 43 13.96 -2.72 12.89
C TYR A 43 13.15 -2.23 11.69
N THR A 44 13.77 -2.22 10.50
CA THR A 44 13.09 -1.75 9.28
C THR A 44 11.80 -2.53 9.03
N TYR A 45 10.72 -2.04 9.60
CA TYR A 45 9.40 -2.65 9.47
C TYR A 45 8.48 -1.82 8.56
N CYS A 46 9.08 -0.88 7.80
CA CYS A 46 8.32 -0.01 6.89
C CYS A 46 7.59 1.08 7.68
N ASN A 47 7.23 2.16 7.00
CA ASN A 47 6.54 3.27 7.63
C ASN A 47 5.17 3.53 6.97
N THR A 48 4.20 3.89 7.80
CA THR A 48 2.85 4.17 7.31
C THR A 48 2.86 5.32 6.30
N THR A 49 2.73 4.96 5.02
CA THR A 49 2.74 5.95 3.95
C THR A 49 1.63 5.70 2.92
N LEU A 50 1.29 6.75 2.19
CA LEU A 50 0.27 6.66 1.15
C LEU A 50 0.89 6.89 -0.22
N ASP A 51 0.55 6.03 -1.17
CA ASP A 51 1.10 6.14 -2.53
C ASP A 51 0.35 5.25 -3.52
N GLN A 52 0.44 5.58 -4.80
CA GLN A 52 -0.21 4.83 -5.89
C GLN A 52 -1.73 4.98 -5.84
N ILE A 53 -2.35 4.47 -4.77
CA ILE A 53 -3.80 4.54 -4.61
C ILE A 53 -4.19 5.20 -3.28
N GLY A 54 -5.47 5.52 -3.12
CA GLY A 54 -5.95 6.15 -1.91
C GLY A 54 -5.95 5.24 -0.70
N THR A 55 -4.79 4.72 -0.33
CA THR A 55 -4.67 3.82 0.82
C THR A 55 -3.40 4.10 1.62
N CYS A 56 -3.50 3.97 2.94
CA CYS A 56 -2.36 4.18 3.82
C CYS A 56 -1.61 2.87 4.02
N TRP A 57 -0.35 2.85 3.64
CA TRP A 57 0.48 1.65 3.77
C TRP A 57 1.30 1.68 5.06
N PRO A 58 0.81 1.04 6.15
CA PRO A 58 1.49 1.02 7.46
C PRO A 58 2.70 0.06 7.47
N GLN A 59 3.17 -0.26 8.68
CA GLN A 59 4.31 -1.17 8.86
C GLN A 59 4.08 -2.48 8.08
N SER A 60 5.16 -3.14 7.67
CA SER A 60 5.06 -4.39 6.90
C SER A 60 6.23 -5.32 7.14
N ALA A 61 7.45 -4.81 6.96
CA ALA A 61 8.70 -5.58 7.12
C ALA A 61 9.33 -5.89 5.76
N PRO A 62 10.64 -6.22 5.73
CA PRO A 62 11.35 -6.54 4.48
C PRO A 62 10.86 -7.85 3.84
N GLY A 63 10.49 -7.76 2.56
CA GLY A 63 10.01 -8.94 1.85
C GLY A 63 8.57 -9.27 2.19
N ALA A 64 7.72 -8.25 2.24
CA ALA A 64 6.31 -8.43 2.57
C ALA A 64 5.41 -7.74 1.54
N LEU A 65 4.58 -8.54 0.88
CA LEU A 65 3.64 -8.03 -0.12
C LEU A 65 2.24 -7.88 0.48
N VAL A 66 1.71 -6.67 0.45
CA VAL A 66 0.39 -6.39 1.01
C VAL A 66 -0.65 -6.21 -0.10
N GLU A 67 -1.86 -6.73 0.13
CA GLU A 67 -2.93 -6.61 -0.85
C GLU A 67 -3.75 -5.35 -0.60
N ARG A 68 -4.54 -4.96 -1.58
CA ARG A 68 -5.36 -3.76 -1.47
C ARG A 68 -6.59 -3.81 -2.39
N PRO A 69 -7.79 -3.58 -1.83
CA PRO A 69 -9.03 -3.59 -2.61
C PRO A 69 -9.12 -2.35 -3.51
N CYS A 70 -9.41 -2.56 -4.79
CA CYS A 70 -9.50 -1.44 -5.75
C CYS A 70 -10.32 -0.29 -5.17
N PRO A 71 -9.99 0.96 -5.57
CA PRO A 71 -10.67 2.19 -5.10
C PRO A 71 -12.21 2.04 -4.97
N GLU A 72 -12.79 1.11 -5.74
CA GLU A 72 -14.24 0.83 -5.71
C GLU A 72 -15.03 1.74 -6.65
N TYR A 73 -15.04 3.04 -6.36
CA TYR A 73 -15.78 4.00 -7.19
C TYR A 73 -14.99 5.31 -7.34
N PHE A 74 -14.19 5.39 -8.38
CA PHE A 74 -13.38 6.59 -8.63
C PHE A 74 -13.60 7.13 -10.05
N ASN A 75 -13.52 8.45 -10.21
CA ASN A 75 -13.72 9.09 -11.52
C ASN A 75 -15.04 8.64 -12.17
N GLY A 76 -16.03 8.29 -11.34
CA GLY A 76 -17.31 7.83 -11.86
C GLY A 76 -17.26 6.40 -12.39
N ILE A 77 -16.16 5.69 -12.10
CA ILE A 77 -16.00 4.32 -12.55
C ILE A 77 -16.22 3.31 -11.41
N LYS A 78 -17.11 2.34 -11.63
CA LYS A 78 -17.44 1.32 -10.61
C LYS A 78 -17.72 -0.04 -11.27
N TYR A 79 -16.84 -0.43 -12.17
CA TYR A 79 -16.98 -1.69 -12.90
C TYR A 79 -15.75 -2.57 -12.69
N ASN A 80 -15.80 -3.81 -13.19
CA ASN A 80 -14.68 -4.75 -13.04
C ASN A 80 -14.36 -5.01 -11.57
N THR A 81 -15.39 -4.97 -10.72
CA THR A 81 -15.22 -5.21 -9.27
C THR A 81 -15.05 -6.71 -8.98
N THR A 82 -14.13 -7.34 -9.70
CA THR A 82 -13.84 -8.77 -9.54
C THR A 82 -12.33 -9.02 -9.52
N ARG A 83 -11.55 -8.02 -9.08
CA ARG A 83 -10.10 -8.12 -9.01
C ARG A 83 -9.58 -7.45 -7.73
N ASN A 84 -8.25 -7.28 -7.63
CA ASN A 84 -7.65 -6.65 -6.45
C ASN A 84 -6.28 -6.05 -6.77
N ALA A 85 -5.74 -5.31 -5.79
CA ALA A 85 -4.43 -4.67 -5.93
C ALA A 85 -3.45 -5.21 -4.88
N TYR A 86 -2.15 -5.00 -5.12
CA TYR A 86 -1.12 -5.47 -4.19
C TYR A 86 -0.02 -4.41 -4.02
N ARG A 87 0.89 -4.65 -3.07
CA ARG A 87 1.98 -3.72 -2.81
C ARG A 87 3.10 -4.40 -2.00
N GLU A 88 4.33 -4.29 -2.48
CA GLU A 88 5.48 -4.91 -1.82
C GLU A 88 6.33 -3.88 -1.09
N CYS A 89 6.75 -4.22 0.13
CA CYS A 89 7.58 -3.33 0.94
C CYS A 89 9.08 -3.62 0.77
N LEU A 90 9.41 -4.24 -0.36
CA LEU A 90 10.80 -4.60 -0.72
C LEU A 90 11.51 -5.41 0.38
N GLU A 91 12.50 -6.20 -0.03
CA GLU A 91 13.27 -7.01 0.91
C GLU A 91 14.17 -6.12 1.80
N ASN A 92 14.20 -4.82 1.51
CA ASN A 92 15.01 -3.89 2.28
C ASN A 92 14.19 -3.16 3.37
N GLY A 93 12.85 -3.19 3.25
CA GLY A 93 12.00 -2.52 4.23
C GLY A 93 11.33 -1.26 3.70
N THR A 94 11.59 -0.92 2.43
CA THR A 94 11.00 0.26 1.81
C THR A 94 10.09 -0.14 0.65
N TRP A 95 8.85 0.35 0.68
CA TRP A 95 7.88 0.03 -0.38
C TRP A 95 8.53 0.02 -1.75
N ALA A 96 8.33 -1.06 -2.51
CA ALA A 96 8.92 -1.19 -3.84
C ALA A 96 8.12 -0.47 -4.92
N SER A 97 7.02 0.17 -4.52
CA SER A 97 6.14 0.90 -5.45
C SER A 97 5.26 -0.06 -6.27
N ARG A 98 5.76 -1.26 -6.53
CA ARG A 98 5.04 -2.28 -7.30
C ARG A 98 3.66 -2.55 -6.73
N VAL A 99 2.64 -2.38 -7.56
CA VAL A 99 1.26 -2.65 -7.16
C VAL A 99 0.59 -3.54 -8.20
N ASN A 100 0.51 -4.84 -7.89
CA ASN A 100 -0.10 -5.82 -8.80
C ASN A 100 -1.60 -5.62 -8.93
N TYR A 101 -1.99 -4.52 -9.58
CA TYR A 101 -3.40 -4.22 -9.78
C TYR A 101 -3.73 -3.90 -11.25
N SER A 102 -2.83 -4.30 -12.16
CA SER A 102 -3.04 -4.08 -13.60
C SER A 102 -4.36 -4.69 -14.06
N HIS A 103 -4.61 -5.94 -13.64
CA HIS A 103 -5.84 -6.64 -14.00
C HIS A 103 -7.07 -6.03 -13.32
N CYS A 104 -6.86 -5.15 -12.33
CA CYS A 104 -7.97 -4.51 -11.62
C CYS A 104 -8.64 -3.47 -12.50
N GLU A 105 -7.84 -2.68 -13.25
CA GLU A 105 -8.36 -1.64 -14.12
C GLU A 105 -9.05 -0.55 -13.29
N PRO A 106 -9.33 0.63 -13.88
CA PRO A 106 -9.99 1.72 -13.17
C PRO A 106 -11.26 1.27 -12.45
N ILE A 107 -11.35 1.63 -11.17
CA ILE A 107 -12.51 1.28 -10.34
C ILE A 107 -12.23 1.62 -8.86
N TYR A 30 -4.84 12.46 4.67
CA TYR A 30 -3.41 12.05 4.70
C TYR A 30 -3.15 10.98 5.77
N CYS A 31 -1.95 10.39 5.76
CA CYS A 31 -1.59 9.36 6.73
C CYS A 31 -0.41 9.82 7.59
N HIS A 32 -0.14 9.06 8.65
CA HIS A 32 0.96 9.35 9.55
C HIS A 32 2.19 8.51 9.22
N ARG A 33 3.27 8.69 9.98
CA ARG A 33 4.52 7.97 9.75
C ARG A 33 5.11 7.46 11.06
N THR A 34 5.23 8.36 12.05
CA THR A 34 5.79 8.03 13.36
C THR A 34 7.11 7.26 13.23
N THR A 35 8.13 7.92 12.70
CA THR A 35 9.47 7.32 12.52
C THR A 35 10.08 6.93 13.87
N ILE A 36 11.26 6.32 13.83
CA ILE A 36 11.97 5.92 15.05
C ILE A 36 12.11 7.10 16.01
N GLY A 37 12.39 6.79 17.27
CA GLY A 37 12.55 7.82 18.29
C GLY A 37 13.84 8.62 18.14
N ASN A 38 14.55 8.82 19.25
CA ASN A 38 15.82 9.55 19.22
C ASN A 38 16.91 8.73 18.52
N PHE A 39 16.71 8.50 17.23
CA PHE A 39 17.66 7.72 16.43
C PHE A 39 17.31 7.83 14.94
N SER A 40 18.12 7.19 14.09
CA SER A 40 17.88 7.20 12.65
C SER A 40 18.32 5.89 12.01
N GLY A 41 17.85 4.77 12.58
CA GLY A 41 18.18 3.46 12.07
C GLY A 41 17.51 2.32 12.81
N PRO A 42 16.16 2.23 12.73
CA PRO A 42 15.39 1.16 13.40
C PRO A 42 15.55 -0.20 12.70
N TYR A 43 14.59 -1.11 12.93
CA TYR A 43 14.62 -2.45 12.31
C TYR A 43 14.44 -2.40 10.80
N THR A 44 14.11 -1.23 10.29
CA THR A 44 13.88 -1.00 8.85
C THR A 44 12.50 -1.49 8.36
N TYR A 45 11.66 -1.94 9.30
CA TYR A 45 10.31 -2.41 8.97
C TYR A 45 9.57 -1.39 8.08
N CYS A 46 8.65 -1.87 7.25
CA CYS A 46 7.87 -0.97 6.39
C CYS A 46 7.28 0.15 7.24
N ASN A 47 7.34 1.37 6.76
CA ASN A 47 6.81 2.51 7.51
C ASN A 47 5.46 2.96 6.96
N THR A 48 4.56 3.31 7.87
CA THR A 48 3.22 3.78 7.49
C THR A 48 3.31 4.86 6.42
N THR A 49 2.96 4.48 5.19
CA THR A 49 3.02 5.41 4.05
C THR A 49 1.72 5.40 3.24
N LEU A 50 1.77 6.08 2.10
CA LEU A 50 0.62 6.16 1.20
C LEU A 50 0.94 5.48 -0.13
N ASP A 51 0.00 5.52 -1.07
CA ASP A 51 0.18 4.90 -2.37
C ASP A 51 -0.26 5.85 -3.49
N GLN A 52 -0.26 5.36 -4.73
CA GLN A 52 -0.69 6.16 -5.88
C GLN A 52 -2.09 6.74 -5.63
N ILE A 53 -2.90 5.99 -4.89
CA ILE A 53 -4.25 6.42 -4.53
C ILE A 53 -4.37 6.54 -3.01
N GLY A 54 -5.58 6.79 -2.52
CA GLY A 54 -5.80 6.94 -1.08
C GLY A 54 -5.61 5.63 -0.32
N THR A 55 -4.41 5.07 -0.37
CA THR A 55 -4.11 3.82 0.34
C THR A 55 -3.05 4.05 1.42
N CYS A 56 -3.28 3.50 2.61
CA CYS A 56 -2.34 3.64 3.72
C CYS A 56 -1.58 2.34 3.96
N TRP A 57 -0.25 2.40 3.94
CA TRP A 57 0.58 1.23 4.15
C TRP A 57 1.38 1.30 5.44
N PRO A 58 0.81 0.78 6.55
CA PRO A 58 1.45 0.78 7.88
C PRO A 58 2.57 -0.25 8.01
N GLN A 59 3.11 -0.37 9.23
CA GLN A 59 4.18 -1.32 9.52
C GLN A 59 3.73 -2.77 9.29
N SER A 60 4.31 -3.40 8.27
CA SER A 60 3.97 -4.79 7.95
C SER A 60 5.15 -5.73 8.24
N ALA A 61 6.12 -5.74 7.33
CA ALA A 61 7.31 -6.58 7.45
C ALA A 61 8.22 -6.38 6.24
N PRO A 62 9.55 -6.25 6.46
CA PRO A 62 10.51 -6.06 5.37
C PRO A 62 10.52 -7.24 4.40
N GLY A 63 10.10 -6.98 3.16
CA GLY A 63 10.03 -8.04 2.16
C GLY A 63 8.68 -8.74 2.15
N ALA A 64 7.62 -7.98 1.87
CA ALA A 64 6.27 -8.53 1.85
C ALA A 64 5.36 -7.82 0.85
N LEU A 65 4.63 -8.62 0.08
CA LEU A 65 3.69 -8.07 -0.91
C LEU A 65 2.32 -7.86 -0.27
N VAL A 66 1.98 -6.61 0.01
CA VAL A 66 0.71 -6.27 0.63
C VAL A 66 -0.29 -5.84 -0.44
N GLU A 67 -1.33 -6.65 -0.64
CA GLU A 67 -2.35 -6.37 -1.64
C GLU A 67 -3.50 -5.53 -1.07
N ARG A 68 -4.24 -4.87 -1.97
CA ARG A 68 -5.37 -4.03 -1.59
C ARG A 68 -6.45 -4.05 -2.68
N PRO A 69 -7.72 -3.82 -2.30
CA PRO A 69 -8.86 -3.81 -3.23
C PRO A 69 -8.60 -2.99 -4.50
N CYS A 70 -8.98 -3.55 -5.65
CA CYS A 70 -8.79 -2.86 -6.93
C CYS A 70 -9.78 -1.72 -7.10
N PRO A 71 -9.28 -0.47 -7.18
CA PRO A 71 -10.13 0.71 -7.36
C PRO A 71 -10.85 0.71 -8.72
N GLU A 72 -12.00 0.05 -8.76
CA GLU A 72 -12.79 -0.05 -10.00
C GLU A 72 -13.28 1.32 -10.49
N TYR A 73 -13.74 2.16 -9.56
CA TYR A 73 -14.23 3.50 -9.91
C TYR A 73 -13.15 4.57 -9.66
N PHE A 74 -12.02 4.45 -10.36
CA PHE A 74 -10.91 5.40 -10.21
C PHE A 74 -10.35 5.81 -11.57
N ASN A 75 -11.17 5.72 -12.61
CA ASN A 75 -10.76 6.08 -13.97
C ASN A 75 -11.99 6.40 -14.83
N GLY A 76 -11.76 6.65 -16.13
CA GLY A 76 -12.87 6.95 -17.03
C GLY A 76 -13.91 5.84 -17.05
N ILE A 77 -13.48 4.62 -16.68
CA ILE A 77 -14.38 3.47 -16.65
C ILE A 77 -14.50 2.91 -15.23
N LYS A 78 -15.51 2.08 -15.02
CA LYS A 78 -15.75 1.46 -13.73
C LYS A 78 -16.37 0.07 -13.93
N TYR A 79 -15.53 -0.89 -14.32
CA TYR A 79 -15.98 -2.26 -14.58
C TYR A 79 -14.85 -3.26 -14.31
N ASN A 80 -15.09 -4.53 -14.71
CA ASN A 80 -14.13 -5.62 -14.55
C ASN A 80 -13.45 -5.61 -13.17
N THR A 81 -14.14 -6.12 -12.16
CA THR A 81 -13.59 -6.19 -10.80
C THR A 81 -13.18 -7.64 -10.49
N THR A 82 -12.28 -8.18 -11.30
CA THR A 82 -11.82 -9.57 -11.15
C THR A 82 -10.46 -9.69 -10.43
N ARG A 83 -9.81 -8.57 -10.11
CA ARG A 83 -8.51 -8.63 -9.43
C ARG A 83 -8.36 -7.51 -8.38
N ASN A 84 -7.13 -7.32 -7.89
CA ASN A 84 -6.84 -6.30 -6.88
C ASN A 84 -5.53 -5.56 -7.22
N ALA A 85 -5.10 -4.69 -6.32
CA ALA A 85 -3.87 -3.91 -6.51
C ALA A 85 -2.84 -4.22 -5.42
N TYR A 86 -1.73 -4.85 -5.82
CA TYR A 86 -0.66 -5.23 -4.88
C TYR A 86 0.08 -4.01 -4.30
N ARG A 87 1.16 -4.31 -3.59
CA ARG A 87 2.01 -3.31 -2.96
C ARG A 87 3.11 -4.02 -2.14
N GLU A 88 4.30 -4.16 -2.73
CA GLU A 88 5.40 -4.87 -2.07
C GLU A 88 6.26 -3.99 -1.17
N CYS A 89 6.70 -4.57 -0.06
CA CYS A 89 7.57 -3.89 0.89
C CYS A 89 8.97 -4.50 0.79
N LEU A 90 9.97 -3.66 0.56
CA LEU A 90 11.35 -4.12 0.42
C LEU A 90 11.98 -4.49 1.76
N GLU A 91 12.68 -5.63 1.77
CA GLU A 91 13.35 -6.10 2.98
C GLU A 91 14.21 -4.99 3.59
N ASN A 92 14.72 -4.11 2.73
CA ASN A 92 15.56 -2.99 3.18
C ASN A 92 14.73 -1.94 3.94
N GLY A 93 13.43 -1.88 3.66
CA GLY A 93 12.56 -0.92 4.32
C GLY A 93 11.71 -0.10 3.36
N THR A 94 12.10 -0.07 2.07
CA THR A 94 11.36 0.68 1.05
C THR A 94 10.21 -0.15 0.50
N TRP A 95 9.56 0.37 -0.55
CA TRP A 95 8.44 -0.34 -1.16
C TRP A 95 8.71 -0.66 -2.63
N ALA A 96 8.28 -1.86 -3.03
CA ALA A 96 8.44 -2.33 -4.41
C ALA A 96 7.14 -2.99 -4.90
N SER A 97 7.17 -3.59 -6.10
CA SER A 97 5.98 -4.26 -6.67
C SER A 97 4.70 -3.58 -6.18
N ARG A 98 4.68 -2.25 -6.28
CA ARG A 98 3.54 -1.45 -5.84
C ARG A 98 2.28 -1.77 -6.63
N VAL A 99 1.22 -1.00 -6.36
CA VAL A 99 -0.05 -1.17 -7.04
C VAL A 99 0.17 -1.30 -8.56
N ASN A 100 -0.19 -2.46 -9.09
CA ASN A 100 -0.01 -2.73 -10.51
C ASN A 100 -0.98 -1.90 -11.36
N TYR A 101 -2.25 -1.88 -10.96
CA TYR A 101 -3.29 -1.13 -11.67
C TYR A 101 -3.59 -1.76 -13.03
N SER A 102 -2.56 -1.81 -13.89
CA SER A 102 -2.71 -2.39 -15.24
C SER A 102 -3.35 -3.77 -15.20
N HIS A 103 -2.86 -4.63 -14.29
CA HIS A 103 -3.39 -5.99 -14.14
C HIS A 103 -4.89 -6.01 -13.77
N CYS A 104 -5.42 -4.86 -13.37
CA CYS A 104 -6.84 -4.76 -13.00
C CYS A 104 -7.73 -4.91 -14.23
N GLU A 105 -7.41 -4.19 -15.31
CA GLU A 105 -8.16 -4.23 -16.56
C GLU A 105 -9.55 -3.61 -16.44
N PRO A 106 -10.00 -2.88 -17.48
CA PRO A 106 -11.31 -2.24 -17.50
C PRO A 106 -12.39 -3.17 -18.11
N ILE A 107 -13.47 -2.59 -18.59
CA ILE A 107 -14.55 -3.37 -19.21
C ILE A 107 -14.15 -3.83 -20.62
N TYR A 30 -2.52 13.45 5.64
CA TYR A 30 -1.42 12.59 6.16
C TYR A 30 -1.96 11.26 6.71
N CYS A 31 -1.06 10.37 7.10
CA CYS A 31 -1.45 9.07 7.65
C CYS A 31 -1.44 9.08 9.18
N HIS A 32 -1.96 8.01 9.78
CA HIS A 32 -2.01 7.89 11.23
C HIS A 32 -0.73 7.21 11.78
N ARG A 33 -0.83 6.60 12.97
CA ARG A 33 0.30 5.93 13.61
C ARG A 33 1.35 6.93 14.09
N THR A 34 1.88 7.74 13.15
CA THR A 34 2.90 8.75 13.45
C THR A 34 4.06 8.12 14.23
N THR A 35 4.85 7.32 13.52
CA THR A 35 6.00 6.65 14.14
C THR A 35 7.21 7.58 14.23
N ILE A 36 8.18 7.21 15.07
CA ILE A 36 9.40 8.00 15.27
C ILE A 36 9.10 9.40 15.79
N GLY A 37 10.16 10.12 16.18
CA GLY A 37 10.01 11.47 16.71
C GLY A 37 9.29 11.49 18.05
N ASN A 38 8.06 10.97 18.07
CA ASN A 38 7.25 10.91 19.27
C ASN A 38 7.14 9.46 19.76
N PHE A 39 6.28 9.24 20.75
CA PHE A 39 6.07 7.90 21.32
C PHE A 39 5.65 6.89 20.24
N SER A 40 5.96 5.62 20.46
CA SER A 40 5.62 4.54 19.53
C SER A 40 6.52 4.59 18.29
N GLY A 41 7.77 4.14 18.46
CA GLY A 41 8.72 4.14 17.36
C GLY A 41 8.58 2.92 16.45
N PRO A 42 9.07 3.01 15.20
CA PRO A 42 9.00 1.91 14.24
C PRO A 42 10.17 0.93 14.39
N TYR A 43 10.29 0.01 13.44
CA TYR A 43 11.36 -0.99 13.45
C TYR A 43 12.03 -1.09 12.08
N THR A 44 13.00 -2.01 11.96
CA THR A 44 13.71 -2.22 10.69
C THR A 44 12.75 -2.65 9.56
N TYR A 45 11.52 -3.01 9.92
CA TYR A 45 10.52 -3.44 8.95
C TYR A 45 9.96 -2.22 8.18
N CYS A 46 8.86 -2.43 7.46
CA CYS A 46 8.24 -1.33 6.70
C CYS A 46 7.63 -0.30 7.66
N ASN A 47 7.01 0.74 7.10
CA ASN A 47 6.38 1.79 7.91
C ASN A 47 5.09 2.29 7.24
N THR A 48 4.16 2.79 8.06
CA THR A 48 2.88 3.31 7.54
C THR A 48 3.08 4.49 6.60
N THR A 49 3.17 4.20 5.31
CA THR A 49 3.39 5.24 4.30
C THR A 49 2.22 5.31 3.31
N LEU A 50 2.20 6.40 2.54
CA LEU A 50 1.18 6.61 1.51
C LEU A 50 1.84 6.58 0.15
N ASP A 51 1.18 5.99 -0.83
CA ASP A 51 1.74 5.87 -2.16
C ASP A 51 1.06 6.81 -3.18
N GLN A 52 1.41 6.64 -4.46
CA GLN A 52 0.87 7.45 -5.56
C GLN A 52 -0.65 7.65 -5.44
N ILE A 53 -1.37 6.59 -5.04
CA ILE A 53 -2.82 6.68 -4.91
C ILE A 53 -3.24 6.73 -3.43
N GLY A 54 -4.45 7.25 -3.19
CA GLY A 54 -4.97 7.34 -1.83
C GLY A 54 -5.03 6.00 -1.12
N THR A 55 -3.94 5.64 -0.46
CA THR A 55 -3.85 4.36 0.25
C THR A 55 -2.60 4.33 1.14
N CYS A 56 -2.79 4.02 2.42
CA CYS A 56 -1.69 3.96 3.38
C CYS A 56 -1.27 2.53 3.68
N TRP A 57 0.04 2.26 3.60
CA TRP A 57 0.58 0.92 3.86
C TRP A 57 1.36 0.89 5.17
N PRO A 58 0.75 0.34 6.24
CA PRO A 58 1.37 0.26 7.58
C PRO A 58 2.62 -0.63 7.62
N GLN A 59 3.30 -0.64 8.76
CA GLN A 59 4.50 -1.44 8.96
C GLN A 59 4.14 -2.94 8.96
N SER A 60 5.04 -3.76 8.42
CA SER A 60 4.81 -5.20 8.36
C SER A 60 6.12 -5.97 8.48
N ALA A 61 6.94 -5.88 7.43
CA ALA A 61 8.23 -6.57 7.37
C ALA A 61 8.97 -6.18 6.09
N PRO A 62 10.31 -6.21 6.12
CA PRO A 62 11.11 -5.87 4.95
C PRO A 62 11.15 -7.02 3.94
N GLY A 63 10.55 -6.80 2.78
CA GLY A 63 10.50 -7.83 1.75
C GLY A 63 9.21 -8.62 1.83
N ALA A 64 8.09 -7.92 1.84
CA ALA A 64 6.78 -8.56 1.91
C ALA A 64 5.80 -7.86 0.96
N LEU A 65 4.63 -8.44 0.84
CA LEU A 65 3.59 -7.91 -0.02
C LEU A 65 2.24 -7.82 0.71
N VAL A 66 1.45 -6.81 0.35
CA VAL A 66 0.13 -6.60 0.95
C VAL A 66 -0.95 -6.43 -0.11
N GLU A 67 -1.96 -7.31 -0.05
CA GLU A 67 -3.08 -7.30 -0.99
C GLU A 67 -4.12 -6.24 -0.64
N ARG A 68 -5.08 -6.04 -1.55
CA ARG A 68 -6.15 -5.05 -1.36
C ARG A 68 -7.13 -5.04 -2.54
N PRO A 69 -8.40 -4.64 -2.29
CA PRO A 69 -9.44 -4.59 -3.33
C PRO A 69 -9.44 -3.25 -4.08
N CYS A 70 -10.09 -3.21 -5.24
CA CYS A 70 -10.16 -1.98 -6.04
C CYS A 70 -10.86 -0.85 -5.28
N PRO A 71 -10.43 0.41 -5.52
CA PRO A 71 -10.99 1.59 -4.84
C PRO A 71 -12.47 1.86 -5.20
N GLU A 72 -12.87 1.52 -6.42
CA GLU A 72 -14.25 1.70 -6.88
C GLU A 72 -14.65 3.19 -6.92
N TYR A 73 -15.29 3.70 -5.86
CA TYR A 73 -15.71 5.10 -5.81
C TYR A 73 -14.52 6.04 -5.65
N PHE A 74 -13.66 6.10 -6.66
CA PHE A 74 -12.47 6.97 -6.62
C PHE A 74 -12.24 7.71 -7.95
N ASN A 75 -13.24 7.67 -8.84
CA ASN A 75 -13.13 8.34 -10.14
C ASN A 75 -14.52 8.65 -10.71
N GLY A 76 -14.57 9.11 -11.97
CA GLY A 76 -15.85 9.40 -12.61
C GLY A 76 -16.76 8.20 -12.67
N ILE A 77 -16.17 7.00 -12.65
CA ILE A 77 -16.94 5.76 -12.69
C ILE A 77 -16.56 4.83 -11.52
N LYS A 78 -17.47 3.94 -11.17
CA LYS A 78 -17.25 2.99 -10.08
C LYS A 78 -16.72 1.66 -10.61
N TYR A 79 -15.50 1.68 -11.17
CA TYR A 79 -14.88 0.47 -11.73
C TYR A 79 -14.94 -0.71 -10.76
N ASN A 80 -14.90 -1.93 -11.32
CA ASN A 80 -14.94 -3.17 -10.55
C ASN A 80 -14.22 -3.05 -9.21
N THR A 81 -14.97 -3.24 -8.12
CA THR A 81 -14.41 -3.16 -6.76
C THR A 81 -13.44 -4.32 -6.47
N THR A 82 -13.50 -5.39 -7.27
CA THR A 82 -12.65 -6.56 -7.08
C THR A 82 -11.16 -6.25 -7.40
N ARG A 83 -10.49 -7.14 -8.15
CA ARG A 83 -9.07 -6.94 -8.48
C ARG A 83 -8.21 -7.00 -7.21
N ASN A 84 -6.89 -6.97 -7.37
CA ASN A 84 -5.99 -7.06 -6.20
C ASN A 84 -4.90 -5.98 -6.23
N ALA A 85 -4.85 -5.19 -5.17
CA ALA A 85 -3.84 -4.13 -5.03
C ALA A 85 -2.60 -4.62 -4.27
N TYR A 86 -2.22 -5.88 -4.51
CA TYR A 86 -1.05 -6.47 -3.85
C TYR A 86 0.20 -5.61 -4.03
N ARG A 87 0.52 -4.86 -2.99
CA ARG A 87 1.67 -3.97 -2.98
C ARG A 87 2.84 -4.63 -2.23
N GLU A 88 4.05 -4.51 -2.78
CA GLU A 88 5.23 -5.11 -2.17
C GLU A 88 6.08 -4.10 -1.41
N CYS A 89 6.66 -4.56 -0.30
CA CYS A 89 7.54 -3.75 0.55
C CYS A 89 8.97 -4.27 0.46
N LEU A 90 9.80 -3.56 -0.32
CA LEU A 90 11.20 -3.92 -0.51
C LEU A 90 11.94 -4.08 0.81
N GLU A 91 12.65 -5.20 0.95
CA GLU A 91 13.42 -5.48 2.16
C GLU A 91 14.26 -4.28 2.58
N ASN A 92 14.67 -3.46 1.61
CA ASN A 92 15.46 -2.26 1.88
C ASN A 92 14.69 -1.27 2.76
N GLY A 93 13.36 -1.40 2.79
CA GLY A 93 12.53 -0.51 3.59
C GLY A 93 11.54 0.30 2.77
N THR A 94 11.81 0.46 1.47
CA THR A 94 10.93 1.23 0.59
C THR A 94 9.83 0.35 0.00
N TRP A 95 8.71 0.98 -0.39
CA TRP A 95 7.58 0.24 -0.98
C TRP A 95 7.75 0.13 -2.50
N ALA A 96 7.25 -0.97 -3.07
CA ALA A 96 7.37 -1.22 -4.52
C ALA A 96 6.14 -0.77 -5.31
N SER A 97 6.23 -0.87 -6.63
CA SER A 97 5.13 -0.52 -7.53
C SER A 97 4.36 -1.77 -7.93
N ARG A 98 4.13 -2.65 -6.96
CA ARG A 98 3.40 -3.90 -7.19
C ARG A 98 1.88 -3.69 -7.16
N VAL A 99 1.45 -2.61 -6.50
CA VAL A 99 0.03 -2.29 -6.38
C VAL A 99 -0.68 -2.29 -7.74
N ASN A 100 -1.94 -2.69 -7.74
CA ASN A 100 -2.76 -2.71 -8.95
C ASN A 100 -3.90 -1.69 -8.83
N TYR A 101 -3.57 -0.52 -8.29
CA TYR A 101 -4.55 0.55 -8.10
C TYR A 101 -4.81 1.31 -9.40
N SER A 102 -3.74 1.59 -10.15
CA SER A 102 -3.85 2.33 -11.41
C SER A 102 -4.30 1.42 -12.57
N HIS A 103 -5.26 0.54 -12.29
CA HIS A 103 -5.78 -0.38 -13.31
C HIS A 103 -7.30 -0.49 -13.18
N CYS A 104 -7.77 -1.54 -12.51
CA CYS A 104 -9.21 -1.75 -12.31
C CYS A 104 -9.97 -1.88 -13.64
N GLU A 105 -11.27 -2.12 -13.55
CA GLU A 105 -12.12 -2.27 -14.73
C GLU A 105 -13.36 -1.37 -14.63
N PRO A 106 -13.39 -0.27 -15.43
CA PRO A 106 -14.52 0.68 -15.42
C PRO A 106 -15.88 0.00 -15.54
N ILE A 107 -16.80 0.40 -14.67
CA ILE A 107 -18.15 -0.16 -14.65
C ILE A 107 -19.12 0.85 -14.01
N TYR A 30 -3.80 10.86 7.28
CA TYR A 30 -3.12 10.09 8.38
C TYR A 30 -3.19 8.57 8.18
N CYS A 31 -4.13 8.12 7.34
CA CYS A 31 -4.30 6.71 7.05
C CYS A 31 -4.62 5.88 8.30
N HIS A 32 -4.70 4.55 8.13
CA HIS A 32 -5.00 3.65 9.23
C HIS A 32 -3.77 3.43 10.13
N ARG A 33 -3.89 2.52 11.10
CA ARG A 33 -2.80 2.22 12.02
C ARG A 33 -1.55 1.74 11.27
N THR A 34 -0.42 1.79 11.97
CA THR A 34 0.86 1.37 11.38
C THR A 34 1.77 0.69 12.42
N THR A 35 1.17 0.00 13.39
CA THR A 35 1.93 -0.70 14.44
C THR A 35 1.01 -1.39 15.43
N ILE A 36 0.38 -2.50 14.98
CA ILE A 36 -0.54 -3.27 15.81
C ILE A 36 -1.59 -2.37 16.48
N GLY A 37 -2.27 -2.88 17.51
CA GLY A 37 -3.28 -2.09 18.20
C GLY A 37 -2.75 -0.75 18.66
N ASN A 38 -1.67 -0.77 19.44
CA ASN A 38 -1.04 0.45 19.95
C ASN A 38 0.30 0.15 20.61
N PHE A 39 1.24 -0.39 19.82
CA PHE A 39 2.57 -0.72 20.33
C PHE A 39 3.51 -1.16 19.20
N SER A 40 4.81 -1.06 19.44
CA SER A 40 5.82 -1.46 18.46
C SER A 40 6.31 -2.87 18.77
N GLY A 41 5.37 -3.81 18.80
CA GLY A 41 5.68 -5.21 19.10
C GLY A 41 6.83 -5.78 18.28
N PRO A 42 6.62 -6.02 16.96
CA PRO A 42 7.67 -6.59 16.10
C PRO A 42 8.86 -5.65 15.91
N TYR A 43 9.92 -6.20 15.31
CA TYR A 43 11.15 -5.47 15.06
C TYR A 43 11.11 -4.71 13.71
N THR A 44 12.27 -4.24 13.26
CA THR A 44 12.41 -3.48 12.00
C THR A 44 11.31 -3.79 10.97
N TYR A 45 10.56 -2.75 10.58
CA TYR A 45 9.49 -2.90 9.59
C TYR A 45 9.66 -1.88 8.45
N CYS A 46 8.67 -1.84 7.56
CA CYS A 46 8.68 -0.92 6.41
C CYS A 46 8.30 0.50 6.88
N ASN A 47 7.92 1.38 5.94
CA ASN A 47 7.52 2.75 6.31
C ASN A 47 6.17 3.10 5.71
N THR A 48 5.25 3.44 6.59
CA THR A 48 3.89 3.82 6.19
C THR A 48 3.91 4.83 5.04
N THR A 49 3.47 4.38 3.86
CA THR A 49 3.45 5.22 2.68
C THR A 49 2.12 5.17 1.93
N LEU A 50 1.96 6.08 0.98
CA LEU A 50 0.76 6.17 0.16
C LEU A 50 1.16 6.38 -1.31
N ASP A 51 0.45 5.71 -2.22
CA ASP A 51 0.77 5.81 -3.65
C ASP A 51 -0.49 5.97 -4.51
N GLN A 52 -0.66 7.18 -5.07
CA GLN A 52 -1.78 7.50 -5.96
C GLN A 52 -3.16 7.30 -5.30
N ILE A 53 -3.64 6.06 -5.29
CA ILE A 53 -4.94 5.73 -4.71
C ILE A 53 -4.95 5.87 -3.19
N GLY A 54 -6.15 6.04 -2.62
CA GLY A 54 -6.27 6.17 -1.17
C GLY A 54 -5.98 4.89 -0.42
N THR A 55 -4.82 4.30 -0.69
CA THR A 55 -4.40 3.06 -0.03
C THR A 55 -3.03 3.25 0.62
N CYS A 56 -3.02 3.41 1.93
CA CYS A 56 -1.78 3.60 2.67
C CYS A 56 -1.14 2.26 3.03
N TRP A 57 0.17 2.19 2.86
CA TRP A 57 0.94 0.99 3.18
C TRP A 57 1.84 1.26 4.38
N PRO A 58 1.38 0.91 5.60
CA PRO A 58 2.13 1.13 6.85
C PRO A 58 3.49 0.43 6.88
N GLN A 59 4.10 0.42 8.07
CA GLN A 59 5.38 -0.24 8.26
C GLN A 59 5.20 -1.75 8.39
N SER A 60 5.00 -2.42 7.26
CA SER A 60 4.79 -3.86 7.22
C SER A 60 6.03 -4.63 7.69
N ALA A 61 7.03 -4.77 6.81
CA ALA A 61 8.27 -5.48 7.14
C ALA A 61 9.17 -5.59 5.92
N PRO A 62 10.50 -5.51 6.12
CA PRO A 62 11.49 -5.61 5.03
C PRO A 62 11.38 -6.93 4.27
N GLY A 63 10.94 -6.85 3.01
CA GLY A 63 10.79 -8.04 2.19
C GLY A 63 9.45 -8.73 2.40
N ALA A 64 8.37 -8.05 2.02
CA ALA A 64 7.03 -8.59 2.19
C ALA A 64 6.03 -7.91 1.26
N LEU A 65 5.05 -8.67 0.81
CA LEU A 65 4.00 -8.16 -0.08
C LEU A 65 2.70 -7.94 0.69
N VAL A 66 1.99 -6.87 0.36
CA VAL A 66 0.73 -6.55 1.05
C VAL A 66 -0.38 -6.20 0.07
N GLU A 67 -1.58 -6.70 0.35
CA GLU A 67 -2.75 -6.47 -0.50
C GLU A 67 -3.75 -5.52 0.16
N ARG A 68 -4.50 -4.80 -0.68
CA ARG A 68 -5.51 -3.85 -0.21
C ARG A 68 -6.69 -3.77 -1.21
N PRO A 69 -7.88 -3.39 -0.74
CA PRO A 69 -9.08 -3.29 -1.58
C PRO A 69 -8.94 -2.26 -2.71
N CYS A 70 -9.68 -2.46 -3.80
CA CYS A 70 -9.63 -1.56 -4.95
C CYS A 70 -10.10 -0.16 -4.57
N PRO A 71 -9.51 0.88 -5.19
CA PRO A 71 -9.86 2.29 -4.92
C PRO A 71 -11.25 2.66 -5.44
N GLU A 72 -12.27 2.47 -4.60
CA GLU A 72 -13.65 2.79 -4.96
C GLU A 72 -13.75 4.24 -5.46
N TYR A 73 -13.97 4.40 -6.77
CA TYR A 73 -14.06 5.71 -7.40
C TYR A 73 -12.70 6.16 -7.94
N PHE A 74 -12.14 5.34 -8.84
CA PHE A 74 -10.86 5.63 -9.46
C PHE A 74 -11.04 5.77 -10.97
N ASN A 75 -10.27 6.66 -11.60
CA ASN A 75 -10.39 6.91 -13.05
C ASN A 75 -11.84 7.28 -13.44
N GLY A 76 -12.65 7.64 -12.44
CA GLY A 76 -14.04 7.95 -12.69
C GLY A 76 -14.91 6.71 -12.51
N ILE A 77 -14.25 5.56 -12.31
CA ILE A 77 -14.93 4.29 -12.10
C ILE A 77 -15.10 4.00 -10.60
N LYS A 78 -16.34 4.14 -10.15
CA LYS A 78 -16.69 3.91 -8.76
C LYS A 78 -17.61 2.69 -8.65
N TYR A 79 -17.05 1.51 -8.89
CA TYR A 79 -17.83 0.27 -8.87
C TYR A 79 -16.95 -0.93 -9.25
N ASN A 80 -17.50 -2.13 -9.06
CA ASN A 80 -16.81 -3.37 -9.40
C ASN A 80 -15.42 -3.44 -8.77
N THR A 81 -15.37 -3.65 -7.46
CA THR A 81 -14.10 -3.76 -6.74
C THR A 81 -13.69 -5.24 -6.65
N THR A 82 -13.80 -5.95 -7.77
CA THR A 82 -13.45 -7.37 -7.84
C THR A 82 -11.95 -7.58 -7.70
N ARG A 83 -11.17 -6.56 -8.06
CA ARG A 83 -9.71 -6.63 -7.98
C ARG A 83 -9.19 -5.91 -6.73
N ASN A 84 -7.92 -6.15 -6.41
CA ASN A 84 -7.30 -5.52 -5.25
C ASN A 84 -5.92 -4.93 -5.57
N ALA A 85 -5.30 -4.34 -4.56
CA ALA A 85 -3.99 -3.71 -4.71
C ALA A 85 -2.90 -4.45 -3.91
N TYR A 86 -1.98 -5.12 -4.61
CA TYR A 86 -0.89 -5.84 -3.94
C TYR A 86 0.43 -5.09 -4.10
N ARG A 87 0.98 -4.62 -2.98
CA ARG A 87 2.24 -3.89 -2.99
C ARG A 87 3.37 -4.71 -2.37
N GLU A 88 4.56 -4.53 -2.92
CA GLU A 88 5.75 -5.25 -2.44
C GLU A 88 6.63 -4.33 -1.59
N CYS A 89 7.24 -4.90 -0.57
CA CYS A 89 8.12 -4.14 0.33
C CYS A 89 9.53 -4.70 0.26
N LEU A 90 10.47 -3.83 -0.10
CA LEU A 90 11.88 -4.18 -0.23
C LEU A 90 12.48 -4.74 1.05
N GLU A 91 13.47 -5.62 0.89
CA GLU A 91 14.16 -6.23 2.03
C GLU A 91 14.78 -5.16 2.95
N ASN A 92 14.89 -3.92 2.43
CA ASN A 92 15.45 -2.81 3.21
C ASN A 92 14.36 -2.05 3.97
N GLY A 93 13.09 -2.40 3.73
CA GLY A 93 11.99 -1.71 4.41
C GLY A 93 11.28 -0.69 3.53
N THR A 94 11.76 -0.52 2.30
CA THR A 94 11.17 0.43 1.36
C THR A 94 9.95 -0.17 0.65
N TRP A 95 8.93 0.65 0.45
CA TRP A 95 7.70 0.19 -0.22
C TRP A 95 7.81 0.34 -1.73
N ALA A 96 7.55 -0.74 -2.46
CA ALA A 96 7.60 -0.72 -3.92
C ALA A 96 6.37 0.00 -4.49
N SER A 97 6.25 0.01 -5.82
CA SER A 97 5.12 0.64 -6.50
C SER A 97 4.47 -0.34 -7.47
N ARG A 98 4.04 -1.48 -6.95
CA ARG A 98 3.39 -2.51 -7.77
C ARG A 98 1.89 -2.23 -7.93
N VAL A 99 1.09 -2.71 -6.98
CA VAL A 99 -0.37 -2.50 -7.01
C VAL A 99 -1.01 -3.09 -8.28
N ASN A 100 -2.34 -3.06 -8.34
CA ASN A 100 -3.07 -3.58 -9.51
C ASN A 100 -4.50 -3.04 -9.61
N TYR A 101 -4.74 -1.86 -9.02
CA TYR A 101 -6.06 -1.23 -9.08
C TYR A 101 -6.46 -0.95 -10.53
N SER A 102 -5.46 -0.66 -11.38
CA SER A 102 -5.70 -0.39 -12.81
C SER A 102 -6.37 -1.58 -13.50
N HIS A 103 -6.37 -2.75 -12.84
CA HIS A 103 -6.99 -3.95 -13.40
C HIS A 103 -8.45 -4.10 -12.97
N CYS A 104 -8.96 -3.15 -12.17
CA CYS A 104 -10.35 -3.20 -11.71
C CYS A 104 -11.31 -2.95 -12.86
N GLU A 105 -12.43 -3.67 -12.86
CA GLU A 105 -13.43 -3.55 -13.93
C GLU A 105 -14.20 -2.23 -13.86
N PRO A 106 -14.40 -1.57 -15.02
CA PRO A 106 -15.15 -0.32 -15.10
C PRO A 106 -16.64 -0.56 -15.32
N ILE A 107 -17.43 0.50 -15.25
CA ILE A 107 -18.88 0.40 -15.44
C ILE A 107 -19.45 1.66 -16.10
N TYR A 30 0.89 10.00 3.70
CA TYR A 30 2.00 9.29 4.40
C TYR A 30 1.58 8.71 5.76
N CYS A 31 0.41 9.14 6.26
CA CYS A 31 -0.11 8.66 7.54
C CYS A 31 0.82 9.05 8.71
N HIS A 32 0.38 8.78 9.94
CA HIS A 32 1.16 9.10 11.11
C HIS A 32 2.25 8.06 11.36
N ARG A 33 3.32 8.48 12.03
CA ARG A 33 4.44 7.59 12.33
C ARG A 33 4.21 6.83 13.65
N THR A 34 4.84 5.67 13.77
CA THR A 34 4.71 4.82 14.96
C THR A 34 6.04 4.69 15.70
N THR A 35 6.20 5.49 16.75
CA THR A 35 7.44 5.48 17.56
C THR A 35 7.45 4.33 18.56
N ILE A 36 8.54 3.57 18.57
CA ILE A 36 8.70 2.43 19.47
C ILE A 36 9.30 2.85 20.82
N GLY A 37 8.98 2.07 21.87
CA GLY A 37 9.48 2.34 23.21
C GLY A 37 9.11 3.72 23.74
N ASN A 38 8.05 4.32 23.19
CA ASN A 38 7.59 5.65 23.61
C ASN A 38 8.76 6.62 23.79
N PHE A 39 9.71 6.53 22.87
CA PHE A 39 10.90 7.39 22.90
C PHE A 39 11.51 7.54 21.50
N SER A 40 10.64 7.52 20.51
CA SER A 40 11.07 7.64 19.11
C SER A 40 11.93 6.44 18.68
N GLY A 41 11.49 5.25 19.06
CA GLY A 41 12.20 4.03 18.71
C GLY A 41 11.68 3.38 17.44
N PRO A 42 12.48 2.52 16.79
CA PRO A 42 12.12 1.85 15.55
C PRO A 42 11.68 0.40 15.77
N TYR A 43 10.96 -0.11 14.79
CA TYR A 43 10.47 -1.48 14.81
C TYR A 43 10.99 -2.28 13.62
N THR A 44 11.80 -1.64 12.79
CA THR A 44 12.38 -2.27 11.59
C THR A 44 11.28 -2.66 10.59
N TYR A 45 10.25 -1.82 10.50
CA TYR A 45 9.15 -2.08 9.59
C TYR A 45 9.26 -1.23 8.31
N CYS A 46 8.29 -1.40 7.39
CA CYS A 46 8.27 -0.66 6.12
C CYS A 46 8.28 0.86 6.36
N ASN A 47 8.53 1.61 5.30
CA ASN A 47 8.59 3.06 5.35
C ASN A 47 7.24 3.75 5.54
N THR A 48 6.30 3.10 6.26
CA THR A 48 4.94 3.63 6.54
C THR A 48 4.64 4.89 5.73
N THR A 49 4.02 4.71 4.58
CA THR A 49 3.71 5.83 3.69
C THR A 49 2.31 5.72 3.06
N LEU A 50 2.13 6.45 1.95
CA LEU A 50 0.89 6.45 1.21
C LEU A 50 1.18 6.66 -0.28
N ASP A 51 0.40 6.02 -1.13
CA ASP A 51 0.59 6.12 -2.58
C ASP A 51 -0.60 6.83 -3.23
N GLN A 52 -0.63 6.82 -4.57
CA GLN A 52 -1.72 7.46 -5.33
C GLN A 52 -3.05 7.20 -4.64
N ILE A 53 -3.37 5.93 -4.41
CA ILE A 53 -4.59 5.56 -3.71
C ILE A 53 -4.34 5.68 -2.20
N GLY A 54 -4.98 6.68 -1.57
CA GLY A 54 -4.79 6.92 -0.14
C GLY A 54 -5.23 5.76 0.74
N THR A 55 -4.58 4.61 0.58
CA THR A 55 -4.89 3.42 1.37
C THR A 55 -3.97 3.28 2.58
N CYS A 56 -2.85 3.98 2.54
CA CYS A 56 -1.85 3.94 3.61
C CYS A 56 -1.05 2.65 3.57
N TRP A 57 0.27 2.78 3.60
CA TRP A 57 1.18 1.63 3.56
C TRP A 57 2.14 1.68 4.75
N PRO A 58 1.69 1.23 5.94
CA PRO A 58 2.48 1.23 7.16
C PRO A 58 3.36 -0.01 7.35
N GLN A 59 3.85 -0.17 8.58
CA GLN A 59 4.72 -1.29 8.95
C GLN A 59 4.22 -2.64 8.41
N SER A 60 4.86 -3.10 7.34
CA SER A 60 4.50 -4.38 6.72
C SER A 60 5.57 -5.44 7.01
N ALA A 61 6.84 -5.02 6.98
CA ALA A 61 8.01 -5.88 7.23
C ALA A 61 8.86 -6.01 5.95
N PRO A 62 10.20 -6.07 6.11
CA PRO A 62 11.12 -6.21 4.97
C PRO A 62 10.89 -7.48 4.16
N GLY A 63 10.66 -7.34 2.86
CA GLY A 63 10.42 -8.49 2.01
C GLY A 63 9.04 -9.07 2.22
N ALA A 64 8.01 -8.24 1.99
CA ALA A 64 6.63 -8.66 2.17
C ALA A 64 5.70 -7.95 1.20
N LEU A 65 4.73 -8.69 0.68
CA LEU A 65 3.76 -8.17 -0.27
C LEU A 65 2.42 -7.89 0.43
N VAL A 66 1.78 -6.79 0.05
CA VAL A 66 0.50 -6.40 0.64
C VAL A 66 -0.54 -6.16 -0.45
N GLU A 67 -1.64 -6.89 -0.38
CA GLU A 67 -2.72 -6.76 -1.35
C GLU A 67 -3.93 -6.05 -0.75
N ARG A 68 -4.70 -5.40 -1.61
CA ARG A 68 -5.90 -4.67 -1.19
C ARG A 68 -7.02 -4.82 -2.21
N PRO A 69 -8.27 -5.05 -1.75
CA PRO A 69 -9.45 -5.25 -2.62
C PRO A 69 -9.78 -4.06 -3.55
N CYS A 70 -8.79 -3.61 -4.32
CA CYS A 70 -8.99 -2.50 -5.26
C CYS A 70 -9.49 -1.24 -4.54
N PRO A 71 -9.69 -0.13 -5.26
CA PRO A 71 -10.15 1.13 -4.66
C PRO A 71 -11.65 1.12 -4.38
N GLU A 72 -12.04 1.67 -3.23
CA GLU A 72 -13.47 1.71 -2.85
C GLU A 72 -14.16 2.91 -3.53
N TYR A 73 -13.41 3.97 -3.78
CA TYR A 73 -13.92 5.17 -4.42
C TYR A 73 -12.77 6.14 -4.72
N PHE A 74 -12.02 5.83 -5.77
CA PHE A 74 -10.88 6.66 -6.17
C PHE A 74 -11.04 7.21 -7.59
N ASN A 75 -12.12 6.82 -8.26
CA ASN A 75 -12.40 7.28 -9.62
C ASN A 75 -13.88 7.64 -9.75
N GLY A 76 -14.31 8.04 -10.94
CA GLY A 76 -15.71 8.38 -11.15
C GLY A 76 -16.59 7.14 -11.18
N ILE A 77 -16.49 6.31 -10.14
CA ILE A 77 -17.26 5.07 -10.05
C ILE A 77 -17.47 4.67 -8.59
N LYS A 78 -18.60 4.05 -8.29
CA LYS A 78 -18.88 3.61 -6.92
C LYS A 78 -19.47 2.19 -6.90
N TYR A 79 -18.69 1.25 -7.41
CA TYR A 79 -19.10 -0.17 -7.44
C TYR A 79 -17.95 -1.06 -7.90
N ASN A 80 -18.19 -2.38 -7.85
CA ASN A 80 -17.18 -3.37 -8.26
C ASN A 80 -15.98 -3.39 -7.31
N THR A 81 -16.22 -3.83 -6.07
CA THR A 81 -15.15 -3.93 -5.07
C THR A 81 -14.46 -5.29 -5.15
N THR A 82 -14.03 -5.65 -6.35
CA THR A 82 -13.36 -6.94 -6.58
C THR A 82 -11.90 -6.74 -6.98
N ARG A 83 -11.17 -7.85 -7.17
CA ARG A 83 -9.75 -7.80 -7.55
C ARG A 83 -8.92 -7.15 -6.45
N ASN A 84 -7.59 -7.26 -6.55
CA ASN A 84 -6.72 -6.69 -5.53
C ASN A 84 -5.47 -6.04 -6.14
N ALA A 85 -4.87 -5.13 -5.38
CA ALA A 85 -3.66 -4.43 -5.79
C ALA A 85 -2.49 -4.82 -4.90
N TYR A 86 -1.50 -5.50 -5.48
CA TYR A 86 -0.34 -5.98 -4.72
C TYR A 86 0.73 -4.90 -4.51
N ARG A 87 0.94 -4.53 -3.26
CA ARG A 87 1.95 -3.55 -2.89
C ARG A 87 3.07 -4.27 -2.14
N GLU A 88 4.23 -4.40 -2.77
CA GLU A 88 5.36 -5.13 -2.17
C GLU A 88 6.31 -4.23 -1.39
N CYS A 89 6.90 -4.80 -0.33
CA CYS A 89 7.85 -4.08 0.51
C CYS A 89 9.24 -4.72 0.38
N LEU A 90 10.17 -3.95 -0.16
CA LEU A 90 11.54 -4.38 -0.36
C LEU A 90 12.16 -5.00 0.89
N GLU A 91 13.02 -5.99 0.68
CA GLU A 91 13.72 -6.67 1.78
C GLU A 91 14.44 -5.64 2.67
N ASN A 92 14.75 -4.48 2.11
CA ASN A 92 15.42 -3.41 2.85
C ASN A 92 14.43 -2.61 3.73
N GLY A 93 13.13 -2.80 3.50
CA GLY A 93 12.12 -2.10 4.29
C GLY A 93 11.42 -0.96 3.53
N THR A 94 11.66 -0.86 2.22
CA THR A 94 11.04 0.18 1.40
C THR A 94 9.83 -0.36 0.64
N TRP A 95 8.97 0.56 0.18
CA TRP A 95 7.75 0.19 -0.56
C TRP A 95 8.02 0.08 -2.06
N ALA A 96 7.58 -1.02 -2.68
CA ALA A 96 7.75 -1.23 -4.11
C ALA A 96 6.64 -0.52 -4.89
N SER A 97 6.77 -0.47 -6.21
CA SER A 97 5.77 0.17 -7.07
C SER A 97 5.02 -0.86 -7.92
N ARG A 98 4.53 -1.91 -7.26
CA ARG A 98 3.78 -2.97 -7.94
C ARG A 98 2.35 -2.51 -8.26
N VAL A 99 1.42 -2.77 -7.34
CA VAL A 99 -0.02 -2.42 -7.50
C VAL A 99 -0.53 -2.71 -8.91
N ASN A 100 -1.21 -3.85 -9.04
CA ASN A 100 -1.78 -4.30 -10.30
C ASN A 100 -2.47 -3.17 -11.07
N TYR A 101 -3.60 -2.69 -10.54
CA TYR A 101 -4.38 -1.62 -11.17
C TYR A 101 -4.89 -1.99 -12.56
N SER A 102 -3.98 -2.36 -13.47
CA SER A 102 -4.36 -2.77 -14.83
C SER A 102 -5.51 -3.77 -14.79
N HIS A 103 -5.46 -4.69 -13.83
CA HIS A 103 -6.50 -5.71 -13.68
C HIS A 103 -7.54 -5.28 -12.61
N CYS A 104 -7.78 -3.96 -12.54
CA CYS A 104 -8.74 -3.41 -11.58
C CYS A 104 -9.72 -2.48 -12.30
N GLU A 105 -10.98 -2.92 -12.43
CA GLU A 105 -12.01 -2.14 -13.10
C GLU A 105 -12.14 -0.74 -12.46
N PRO A 106 -12.61 0.26 -13.23
CA PRO A 106 -12.76 1.63 -12.74
C PRO A 106 -13.57 1.73 -11.45
N ILE A 107 -13.03 2.48 -10.49
CA ILE A 107 -13.68 2.69 -9.19
C ILE A 107 -12.83 3.61 -8.29
N TYR A 30 -4.26 11.29 8.62
CA TYR A 30 -3.00 10.68 9.11
C TYR A 30 -2.97 9.15 8.94
N CYS A 31 -4.10 8.56 8.56
CA CYS A 31 -4.21 7.13 8.34
C CYS A 31 -4.02 6.34 9.65
N HIS A 32 -4.53 5.10 9.66
CA HIS A 32 -4.44 4.24 10.83
C HIS A 32 -3.47 3.06 10.62
N ARG A 33 -3.29 2.27 11.67
CA ARG A 33 -2.40 1.10 11.65
C ARG A 33 -0.94 1.52 11.68
N THR A 34 -0.08 0.57 12.02
CA THR A 34 1.36 0.84 12.11
C THR A 34 2.17 -0.44 12.41
N THR A 35 1.90 -1.50 11.64
CA THR A 35 2.59 -2.79 11.79
C THR A 35 1.85 -3.88 11.02
N ILE A 36 2.48 -5.06 10.93
CA ILE A 36 1.87 -6.20 10.22
C ILE A 36 0.79 -6.86 11.07
N GLY A 37 -0.22 -7.41 10.40
CA GLY A 37 -1.32 -8.08 11.09
C GLY A 37 -1.95 -7.21 12.16
N ASN A 38 -2.05 -7.76 13.38
CA ASN A 38 -2.62 -7.02 14.51
C ASN A 38 -2.40 -7.79 15.83
N PHE A 39 -1.17 -8.23 16.05
CA PHE A 39 -0.82 -8.97 17.25
C PHE A 39 0.70 -9.09 17.43
N SER A 40 1.26 -8.10 18.14
CA SER A 40 2.69 -8.06 18.40
C SER A 40 3.50 -7.86 17.12
N GLY A 41 3.78 -6.60 16.81
CA GLY A 41 4.55 -6.27 15.61
C GLY A 41 5.82 -7.09 15.48
N PRO A 42 6.12 -7.61 14.26
CA PRO A 42 7.32 -8.41 14.01
C PRO A 42 8.61 -7.58 14.11
N TYR A 43 9.68 -8.03 13.43
CA TYR A 43 10.97 -7.33 13.45
C TYR A 43 10.87 -5.98 12.70
N THR A 44 11.95 -5.60 12.00
CA THR A 44 11.98 -4.33 11.25
C THR A 44 10.69 -4.11 10.45
N TYR A 45 10.23 -2.86 10.41
CA TYR A 45 8.99 -2.52 9.70
C TYR A 45 9.23 -1.60 8.51
N CYS A 46 8.14 -1.23 7.83
CA CYS A 46 8.18 -0.33 6.68
C CYS A 46 7.97 1.12 7.15
N ASN A 47 7.62 2.01 6.23
CA ASN A 47 7.36 3.40 6.59
C ASN A 47 5.94 3.82 6.22
N THR A 48 5.21 4.29 7.22
CA THR A 48 3.83 4.72 7.04
C THR A 48 3.72 5.89 6.06
N THR A 49 3.67 5.55 4.78
CA THR A 49 3.57 6.55 3.72
C THR A 49 2.27 6.40 2.93
N LEU A 50 1.95 7.43 2.15
CA LEU A 50 0.74 7.42 1.34
C LEU A 50 1.09 7.57 -0.15
N ASP A 51 0.47 6.74 -0.97
CA ASP A 51 0.71 6.74 -2.41
C ASP A 51 -0.55 7.15 -3.18
N GLN A 52 -0.56 6.93 -4.49
CA GLN A 52 -1.71 7.28 -5.34
C GLN A 52 -3.01 6.76 -4.72
N ILE A 53 -2.99 5.51 -4.26
CA ILE A 53 -4.16 4.91 -3.62
C ILE A 53 -4.28 5.38 -2.18
N GLY A 54 -5.51 5.61 -1.73
CA GLY A 54 -5.74 6.06 -0.36
C GLY A 54 -5.35 5.04 0.71
N THR A 55 -4.89 3.85 0.29
CA THR A 55 -4.49 2.81 1.22
C THR A 55 -3.14 3.12 1.88
N CYS A 56 -3.12 4.12 2.76
CA CYS A 56 -1.89 4.50 3.45
C CYS A 56 -1.13 3.25 3.88
N TRP A 57 0.15 3.18 3.53
CA TRP A 57 0.96 2.01 3.85
C TRP A 57 1.80 2.24 5.11
N PRO A 58 1.27 1.88 6.30
CA PRO A 58 1.99 2.03 7.58
C PRO A 58 3.26 1.20 7.64
N GLN A 59 4.01 1.35 8.74
CA GLN A 59 5.25 0.60 8.91
C GLN A 59 4.98 -0.91 9.00
N SER A 60 4.85 -1.53 7.84
CA SER A 60 4.60 -2.96 7.71
C SER A 60 5.86 -3.78 8.01
N ALA A 61 6.64 -4.07 6.96
CA ALA A 61 7.88 -4.84 7.09
C ALA A 61 8.53 -5.04 5.71
N PRO A 62 9.87 -4.87 5.63
CA PRO A 62 10.62 -5.03 4.38
C PRO A 62 10.18 -6.25 3.55
N GLY A 63 10.07 -7.40 4.20
CA GLY A 63 9.65 -8.61 3.50
C GLY A 63 8.18 -8.90 3.68
N ALA A 64 7.35 -7.87 3.60
CA ALA A 64 5.91 -8.03 3.76
C ALA A 64 5.14 -7.59 2.50
N LEU A 65 4.54 -8.55 1.83
CA LEU A 65 3.76 -8.27 0.61
C LEU A 65 2.36 -7.79 1.00
N VAL A 66 2.12 -6.49 0.85
CA VAL A 66 0.82 -5.92 1.18
C VAL A 66 -0.15 -6.06 0.01
N GLU A 67 -1.34 -6.59 0.31
CA GLU A 67 -2.36 -6.81 -0.72
C GLU A 67 -3.51 -5.82 -0.60
N ARG A 68 -3.92 -5.28 -1.75
CA ARG A 68 -5.02 -4.31 -1.81
C ARG A 68 -6.00 -4.67 -2.93
N PRO A 69 -6.84 -5.69 -2.71
CA PRO A 69 -7.84 -6.15 -3.69
C PRO A 69 -8.38 -5.01 -4.56
N CYS A 70 -8.37 -5.22 -5.87
CA CYS A 70 -8.86 -4.21 -6.82
C CYS A 70 -10.23 -3.68 -6.40
N PRO A 71 -10.28 -2.44 -5.88
CA PRO A 71 -11.52 -1.81 -5.42
C PRO A 71 -12.41 -1.30 -6.56
N GLU A 72 -13.72 -1.44 -6.40
CA GLU A 72 -14.68 -0.97 -7.41
C GLU A 72 -14.65 0.55 -7.54
N TYR A 73 -15.01 1.24 -6.45
CA TYR A 73 -15.02 2.71 -6.43
C TYR A 73 -13.65 3.25 -5.98
N PHE A 74 -12.66 3.11 -6.87
CA PHE A 74 -11.30 3.57 -6.59
C PHE A 74 -10.43 3.54 -7.86
N ASN A 75 -11.01 3.99 -8.98
CA ASN A 75 -10.30 3.99 -10.25
C ASN A 75 -11.04 4.84 -11.29
N GLY A 76 -10.45 4.97 -12.48
CA GLY A 76 -11.09 5.73 -13.55
C GLY A 76 -12.33 5.03 -14.10
N ILE A 77 -12.59 3.82 -13.60
CA ILE A 77 -13.75 3.04 -14.02
C ILE A 77 -14.52 2.55 -12.78
N LYS A 78 -15.83 2.35 -12.92
CA LYS A 78 -16.66 1.92 -11.79
C LYS A 78 -17.23 0.51 -11.96
N TYR A 79 -16.43 -0.50 -11.58
CA TYR A 79 -16.82 -1.93 -11.65
C TYR A 79 -15.57 -2.82 -11.61
N ASN A 80 -15.78 -4.12 -11.81
CA ASN A 80 -14.69 -5.11 -11.85
C ASN A 80 -13.75 -4.98 -10.64
N THR A 81 -14.34 -5.07 -9.44
CA THR A 81 -13.55 -5.00 -8.20
C THR A 81 -13.16 -6.41 -7.72
N THR A 82 -12.98 -7.32 -8.67
CA THR A 82 -12.60 -8.71 -8.37
C THR A 82 -11.10 -8.94 -8.57
N ARG A 83 -10.41 -8.00 -9.23
CA ARG A 83 -8.97 -8.13 -9.46
C ARG A 83 -8.19 -7.95 -8.14
N ASN A 84 -6.88 -7.94 -8.23
CA ASN A 84 -6.03 -7.78 -7.05
C ASN A 84 -5.06 -6.61 -7.18
N ALA A 85 -4.28 -6.38 -6.12
CA ALA A 85 -3.28 -5.29 -6.08
C ALA A 85 -2.22 -5.57 -5.01
N TYR A 86 -1.07 -6.09 -5.43
CA TYR A 86 0.02 -6.42 -4.50
C TYR A 86 1.06 -5.29 -4.39
N ARG A 87 1.29 -4.84 -3.15
CA ARG A 87 2.26 -3.78 -2.87
C ARG A 87 3.31 -4.28 -1.85
N GLU A 88 4.49 -4.64 -2.37
CA GLU A 88 5.57 -5.16 -1.53
C GLU A 88 6.39 -4.04 -0.88
N CYS A 89 6.90 -4.33 0.33
CA CYS A 89 7.74 -3.37 1.06
C CYS A 89 9.23 -3.68 0.87
N LEU A 90 9.58 -4.03 -0.39
CA LEU A 90 10.98 -4.34 -0.78
C LEU A 90 11.90 -4.65 0.40
N GLU A 91 12.13 -5.95 0.62
CA GLU A 91 13.00 -6.45 1.71
C GLU A 91 14.12 -5.47 2.10
N ASN A 92 14.70 -4.79 1.11
CA ASN A 92 15.79 -3.83 1.38
C ASN A 92 15.32 -2.65 2.25
N GLY A 93 14.00 -2.39 2.27
CA GLY A 93 13.46 -1.31 3.07
C GLY A 93 12.81 -0.21 2.24
N THR A 94 12.22 -0.58 1.10
CA THR A 94 11.56 0.38 0.22
C THR A 94 10.16 -0.09 -0.17
N TRP A 95 9.40 0.75 -0.87
CA TRP A 95 8.04 0.38 -1.28
C TRP A 95 7.98 0.05 -2.78
N ALA A 96 7.43 -1.14 -3.09
CA ALA A 96 7.31 -1.57 -4.49
C ALA A 96 6.12 -0.90 -5.18
N SER A 97 6.35 -0.37 -6.36
CA SER A 97 5.29 0.29 -7.13
C SER A 97 4.68 -0.69 -8.14
N ARG A 98 4.50 -1.93 -7.69
CA ARG A 98 3.92 -2.99 -8.55
C ARG A 98 2.40 -2.89 -8.61
N VAL A 99 1.73 -3.33 -7.54
CA VAL A 99 0.27 -3.31 -7.46
C VAL A 99 -0.36 -3.93 -8.72
N ASN A 100 -1.65 -3.68 -8.95
CA ASN A 100 -2.32 -4.24 -10.12
C ASN A 100 -3.62 -3.48 -10.45
N TYR A 101 -3.65 -2.18 -10.13
CA TYR A 101 -4.83 -1.35 -10.40
C TYR A 101 -5.09 -1.22 -11.90
N SER A 102 -4.04 -0.91 -12.67
CA SER A 102 -4.17 -0.76 -14.12
C SER A 102 -4.71 -2.03 -14.77
N HIS A 103 -4.37 -3.20 -14.21
CA HIS A 103 -4.85 -4.48 -14.75
C HIS A 103 -6.38 -4.57 -14.70
N CYS A 104 -7.01 -3.80 -13.81
CA CYS A 104 -8.45 -3.81 -13.67
C CYS A 104 -9.13 -3.27 -14.93
N GLU A 105 -9.73 -4.17 -15.71
CA GLU A 105 -10.43 -3.80 -16.95
C GLU A 105 -11.41 -2.64 -16.71
N PRO A 106 -11.72 -1.86 -17.76
CA PRO A 106 -12.63 -0.72 -17.68
C PRO A 106 -14.07 -1.06 -18.06
N ILE A 107 -14.96 -0.07 -17.90
CA ILE A 107 -16.39 -0.23 -18.21
C ILE A 107 -17.20 0.98 -17.69
N TYR A 30 -1.68 12.86 3.64
CA TYR A 30 -0.35 12.63 4.28
C TYR A 30 -0.48 11.77 5.54
N CYS A 31 0.64 11.25 6.04
CA CYS A 31 0.63 10.41 7.25
C CYS A 31 1.83 10.73 8.15
N HIS A 32 1.76 10.26 9.38
CA HIS A 32 2.84 10.47 10.35
C HIS A 32 3.69 9.22 10.57
N ARG A 33 4.58 9.30 11.54
CA ARG A 33 5.46 8.19 11.90
C ARG A 33 5.41 7.94 13.40
N THR A 34 5.87 8.93 14.17
CA THR A 34 5.87 8.86 15.64
C THR A 34 6.81 7.76 16.15
N THR A 35 6.60 6.52 15.69
CA THR A 35 7.42 5.37 16.10
C THR A 35 7.58 5.31 17.61
N ILE A 36 6.46 5.17 18.33
CA ILE A 36 6.46 5.10 19.79
C ILE A 36 7.10 6.35 20.43
N GLY A 37 7.43 6.26 21.72
CA GLY A 37 8.03 7.39 22.42
C GLY A 37 9.40 7.79 21.86
N ASN A 38 10.27 6.81 21.66
CA ASN A 38 11.61 7.06 21.13
C ASN A 38 11.62 7.00 19.61
N PHE A 39 12.79 7.17 18.99
CA PHE A 39 12.91 7.13 17.54
C PHE A 39 13.48 5.79 17.07
N SER A 40 13.19 4.75 17.83
CA SER A 40 13.66 3.39 17.56
C SER A 40 13.29 2.44 18.70
N GLY A 41 12.15 1.78 18.58
CA GLY A 41 11.69 0.85 19.62
C GLY A 41 11.62 -0.59 19.13
N PRO A 42 10.54 -0.96 18.41
CA PRO A 42 10.36 -2.33 17.89
C PRO A 42 11.29 -2.63 16.71
N TYR A 43 11.01 -3.72 15.99
CA TYR A 43 11.83 -4.11 14.84
C TYR A 43 11.70 -3.11 13.68
N THR A 44 12.52 -3.30 12.66
CA THR A 44 12.51 -2.42 11.50
C THR A 44 11.57 -2.93 10.42
N TYR A 45 10.42 -2.29 10.31
CA TYR A 45 9.40 -2.65 9.32
C TYR A 45 9.29 -1.57 8.24
N CYS A 46 8.34 -1.72 7.32
CA CYS A 46 8.15 -0.73 6.27
C CYS A 46 7.61 0.57 6.89
N ASN A 47 7.92 1.70 6.26
CA ASN A 47 7.45 2.98 6.77
C ASN A 47 6.14 3.36 6.12
N THR A 48 5.20 3.84 6.94
CA THR A 48 3.87 4.22 6.44
C THR A 48 3.96 5.14 5.22
N THR A 49 3.81 4.56 4.04
CA THR A 49 3.88 5.31 2.79
C THR A 49 2.53 5.34 2.06
N LEU A 50 2.45 6.16 1.04
CA LEU A 50 1.24 6.27 0.24
C LEU A 50 1.59 6.18 -1.25
N ASP A 51 0.91 5.30 -1.96
CA ASP A 51 1.15 5.08 -3.37
C ASP A 51 0.11 5.82 -4.24
N GLN A 52 -0.03 5.41 -5.50
CA GLN A 52 -0.99 6.04 -6.40
C GLN A 52 -2.39 6.08 -5.79
N ILE A 53 -2.73 5.07 -4.98
CA ILE A 53 -4.04 5.02 -4.32
C ILE A 53 -3.94 5.57 -2.90
N GLY A 54 -5.06 6.11 -2.40
CA GLY A 54 -5.11 6.67 -1.05
C GLY A 54 -4.96 5.61 0.03
N THR A 55 -3.81 4.93 0.03
CA THR A 55 -3.54 3.89 1.02
C THR A 55 -2.20 4.14 1.71
N CYS A 56 -2.25 4.47 3.01
CA CYS A 56 -1.03 4.72 3.76
C CYS A 56 -0.42 3.40 4.25
N TRP A 57 0.21 2.69 3.31
CA TRP A 57 0.85 1.39 3.60
C TRP A 57 1.82 1.51 4.79
N PRO A 58 1.41 1.01 5.98
CA PRO A 58 2.24 1.08 7.19
C PRO A 58 3.24 -0.07 7.30
N GLN A 59 3.83 -0.21 8.49
CA GLN A 59 4.82 -1.26 8.75
C GLN A 59 4.29 -2.64 8.37
N SER A 60 4.93 -3.26 7.38
CA SER A 60 4.54 -4.58 6.91
C SER A 60 5.64 -5.59 7.21
N ALA A 61 6.77 -5.42 6.54
CA ALA A 61 7.94 -6.28 6.69
C ALA A 61 8.93 -5.99 5.57
N PRO A 62 10.25 -5.99 5.87
CA PRO A 62 11.29 -5.71 4.86
C PRO A 62 11.21 -6.71 3.69
N GLY A 63 10.49 -6.33 2.64
CA GLY A 63 10.33 -7.19 1.48
C GLY A 63 9.13 -8.10 1.61
N ALA A 64 7.94 -7.60 1.25
CA ALA A 64 6.72 -8.38 1.35
C ALA A 64 5.58 -7.80 0.50
N LEU A 65 4.83 -8.69 -0.13
CA LEU A 65 3.68 -8.31 -0.96
C LEU A 65 2.40 -8.48 -0.15
N VAL A 66 1.48 -7.52 -0.25
CA VAL A 66 0.22 -7.58 0.49
C VAL A 66 -0.98 -7.17 -0.38
N GLU A 67 -2.14 -7.75 -0.07
CA GLU A 67 -3.38 -7.48 -0.80
C GLU A 67 -3.97 -6.10 -0.44
N ARG A 68 -5.05 -5.73 -1.11
CA ARG A 68 -5.71 -4.44 -0.87
C ARG A 68 -6.88 -4.22 -1.84
N PRO A 69 -8.02 -3.67 -1.35
CA PRO A 69 -9.19 -3.40 -2.19
C PRO A 69 -8.88 -2.37 -3.27
N CYS A 70 -9.38 -2.63 -4.49
CA CYS A 70 -9.15 -1.73 -5.62
C CYS A 70 -9.71 -0.34 -5.32
N PRO A 71 -9.00 0.73 -5.76
CA PRO A 71 -9.41 2.12 -5.55
C PRO A 71 -10.93 2.33 -5.57
N GLU A 72 -11.51 2.47 -4.38
CA GLU A 72 -12.95 2.66 -4.22
C GLU A 72 -13.34 4.11 -4.54
N TYR A 73 -12.68 5.05 -3.87
CA TYR A 73 -12.95 6.48 -4.08
C TYR A 73 -11.65 7.25 -4.34
N PHE A 74 -10.79 6.66 -5.17
CA PHE A 74 -9.50 7.28 -5.51
C PHE A 74 -9.18 7.11 -7.00
N ASN A 75 -7.99 7.55 -7.42
CA ASN A 75 -7.55 7.43 -8.81
C ASN A 75 -8.45 8.23 -9.78
N GLY A 76 -9.20 9.20 -9.25
CA GLY A 76 -10.09 10.00 -10.09
C GLY A 76 -11.16 9.19 -10.79
N ILE A 77 -11.78 8.26 -10.07
CA ILE A 77 -12.83 7.42 -10.63
C ILE A 77 -13.77 6.89 -9.53
N TYR A 79 -16.31 1.70 -6.99
CA TYR A 79 -16.93 0.69 -7.85
C TYR A 79 -15.88 -0.20 -8.52
N ASN A 80 -16.33 -1.34 -9.05
CA ASN A 80 -15.42 -2.29 -9.72
C ASN A 80 -14.27 -2.72 -8.79
N THR A 81 -14.54 -2.75 -7.48
CA THR A 81 -13.55 -3.12 -6.48
C THR A 81 -13.28 -4.64 -6.45
N THR A 82 -14.00 -5.40 -7.28
CA THR A 82 -13.84 -6.87 -7.34
C THR A 82 -12.48 -7.27 -7.94
N ARG A 83 -11.41 -6.72 -7.39
CA ARG A 83 -10.04 -7.02 -7.82
C ARG A 83 -9.10 -6.94 -6.62
N ASN A 84 -7.99 -6.22 -6.74
CA ASN A 84 -7.07 -6.07 -5.64
C ASN A 84 -5.88 -5.18 -5.97
N ALA A 85 -5.14 -4.83 -4.94
CA ALA A 85 -3.96 -4.01 -5.05
C ALA A 85 -2.81 -4.68 -4.30
N TYR A 86 -2.29 -5.77 -4.88
CA TYR A 86 -1.21 -6.53 -4.28
C TYR A 86 0.08 -5.71 -4.22
N ARG A 87 0.13 -4.80 -3.24
CA ARG A 87 1.28 -3.92 -3.04
C ARG A 87 2.48 -4.71 -2.49
N GLU A 88 3.69 -4.19 -2.69
CA GLU A 88 4.90 -4.88 -2.23
C GLU A 88 5.88 -3.94 -1.52
N CYS A 89 6.65 -4.51 -0.60
CA CYS A 89 7.66 -3.75 0.15
C CYS A 89 9.06 -4.22 -0.19
N LEU A 90 10.06 -3.38 0.11
CA LEU A 90 11.46 -3.70 -0.17
C LEU A 90 12.17 -4.25 1.07
N GLU A 91 13.06 -5.21 0.84
CA GLU A 91 13.84 -5.83 1.90
C GLU A 91 14.55 -4.78 2.75
N ASN A 92 14.79 -3.61 2.17
CA ASN A 92 15.46 -2.51 2.88
C ASN A 92 14.49 -1.74 3.79
N GLY A 93 13.21 -2.15 3.80
CA GLY A 93 12.23 -1.46 4.62
C GLY A 93 11.35 -0.51 3.82
N THR A 94 11.88 -0.03 2.70
CA THR A 94 11.15 0.88 1.82
C THR A 94 9.99 0.17 1.13
N TRP A 95 8.94 0.90 0.82
CA TRP A 95 7.78 0.33 0.15
C TRP A 95 8.00 0.31 -1.37
N ALA A 96 7.24 -0.54 -2.08
CA ALA A 96 7.36 -0.65 -3.52
C ALA A 96 6.03 -0.29 -4.20
N SER A 97 6.12 0.32 -5.38
CA SER A 97 4.93 0.72 -6.12
C SER A 97 4.43 -0.42 -7.03
N ARG A 98 4.55 -1.66 -6.53
CA ARG A 98 4.09 -2.83 -7.29
C ARG A 98 2.57 -2.81 -7.43
N VAL A 99 1.88 -3.13 -6.35
CA VAL A 99 0.41 -3.16 -6.31
C VAL A 99 -0.15 -3.94 -7.52
N ASN A 100 -1.40 -3.70 -7.89
CA ASN A 100 -1.99 -4.40 -9.03
C ASN A 100 -2.29 -3.43 -10.18
N TYR A 101 -3.39 -2.69 -10.07
CA TYR A 101 -3.78 -1.71 -11.09
C TYR A 101 -4.11 -2.36 -12.44
N SER A 102 -3.16 -3.13 -12.97
CA SER A 102 -3.30 -3.83 -14.26
C SER A 102 -4.72 -4.38 -14.49
N HIS A 103 -5.38 -4.85 -13.43
CA HIS A 103 -6.73 -5.40 -13.55
C HIS A 103 -7.75 -4.60 -12.72
N CYS A 104 -7.45 -3.32 -12.48
CA CYS A 104 -8.34 -2.45 -11.72
C CYS A 104 -9.22 -1.61 -12.66
N GLU A 105 -10.20 -2.26 -13.26
CA GLU A 105 -11.11 -1.59 -14.20
C GLU A 105 -11.91 -0.48 -13.51
N PRO A 106 -11.97 0.71 -14.13
CA PRO A 106 -12.72 1.85 -13.58
C PRO A 106 -14.21 1.80 -13.97
N ILE A 107 -14.93 2.88 -13.66
CA ILE A 107 -16.36 2.98 -13.96
C ILE A 107 -16.78 4.43 -14.23
N TYR A 30 -4.27 12.76 7.51
CA TYR A 30 -3.10 12.41 6.67
C TYR A 30 -2.14 11.46 7.39
N CYS A 31 -1.16 10.92 6.66
CA CYS A 31 -0.18 10.00 7.26
C CYS A 31 1.08 10.75 7.70
N HIS A 32 1.77 10.19 8.70
CA HIS A 32 3.00 10.81 9.23
C HIS A 32 4.14 9.79 9.31
N ARG A 33 5.18 10.13 10.07
CA ARG A 33 6.34 9.25 10.24
C ARG A 33 6.65 9.01 11.73
N THR A 34 7.09 10.06 12.42
CA THR A 34 7.43 9.99 13.85
C THR A 34 8.63 9.07 14.12
N THR A 35 8.54 7.81 13.69
CA THR A 35 9.63 6.84 13.88
C THR A 35 10.05 6.74 15.35
N ILE A 36 11.27 6.26 15.59
CA ILE A 36 11.80 6.12 16.94
C ILE A 36 12.41 7.45 17.42
N GLY A 37 12.80 7.52 18.69
CA GLY A 37 13.39 8.75 19.22
C GLY A 37 14.75 9.08 18.62
N ASN A 38 14.79 9.19 17.28
CA ASN A 38 16.01 9.51 16.54
C ASN A 38 17.25 8.78 17.11
N PHE A 39 17.11 7.48 17.32
CA PHE A 39 18.21 6.67 17.85
C PHE A 39 18.20 5.25 17.28
N SER A 40 17.65 5.12 16.09
CA SER A 40 17.57 3.83 15.37
C SER A 40 17.49 2.63 16.33
N GLY A 41 16.46 2.63 17.18
CA GLY A 41 16.29 1.54 18.14
C GLY A 41 16.16 0.16 17.49
N PRO A 42 15.17 -0.02 16.58
CA PRO A 42 14.96 -1.29 15.90
C PRO A 42 15.73 -1.39 14.57
N TYR A 43 15.48 -2.45 13.83
CA TYR A 43 16.15 -2.67 12.54
C TYR A 43 15.31 -2.07 11.40
N THR A 44 15.87 -2.13 10.18
CA THR A 44 15.18 -1.59 8.99
C THR A 44 13.82 -2.24 8.80
N TYR A 45 12.76 -1.46 9.00
CA TYR A 45 11.40 -1.97 8.85
C TYR A 45 10.55 -1.02 8.00
N CYS A 46 9.46 -1.55 7.43
CA CYS A 46 8.56 -0.77 6.59
C CYS A 46 8.06 0.47 7.35
N ASN A 47 7.56 1.44 6.59
CA ASN A 47 7.04 2.68 7.19
C ASN A 47 5.75 3.12 6.50
N THR A 48 4.87 3.76 7.28
CA THR A 48 3.59 4.25 6.77
C THR A 48 3.77 5.08 5.50
N THR A 49 3.26 4.55 4.39
CA THR A 49 3.38 5.24 3.09
C THR A 49 2.03 5.22 2.36
N LEU A 50 1.82 6.23 1.52
CA LEU A 50 0.58 6.34 0.75
C LEU A 50 0.84 6.20 -0.74
N ASP A 51 -0.03 5.47 -1.42
CA ASP A 51 0.08 5.26 -2.86
C ASP A 51 -0.81 6.26 -3.61
N GLN A 52 -0.83 6.18 -4.95
CA GLN A 52 -1.65 7.07 -5.77
C GLN A 52 -3.10 7.07 -5.27
N ILE A 53 -3.55 5.90 -4.80
CA ILE A 53 -4.90 5.75 -4.26
C ILE A 53 -4.94 6.07 -2.77
N GLY A 54 -6.10 6.49 -2.28
CA GLY A 54 -6.26 6.83 -0.87
C GLY A 54 -6.07 5.64 0.06
N THR A 55 -4.87 5.06 0.05
CA THR A 55 -4.56 3.90 0.89
C THR A 55 -3.21 4.09 1.57
N CYS A 56 -3.23 4.18 2.90
CA CYS A 56 -2.00 4.35 3.67
C CYS A 56 -1.46 3.00 4.10
N TRP A 57 -0.24 2.68 3.64
CA TRP A 57 0.39 1.41 3.98
C TRP A 57 1.34 1.58 5.15
N PRO A 58 0.88 1.23 6.38
CA PRO A 58 1.71 1.34 7.60
C PRO A 58 2.95 0.45 7.56
N GLN A 59 3.63 0.37 8.69
CA GLN A 59 4.81 -0.46 8.82
C GLN A 59 4.43 -1.94 8.98
N SER A 60 4.45 -2.68 7.87
CA SER A 60 4.09 -4.09 7.88
C SER A 60 5.28 -4.97 8.28
N ALA A 61 6.26 -5.06 7.37
CA ALA A 61 7.47 -5.85 7.60
C ALA A 61 8.28 -5.95 6.30
N PRO A 62 9.62 -5.90 6.39
CA PRO A 62 10.49 -5.99 5.21
C PRO A 62 10.48 -7.40 4.62
N GLY A 63 9.88 -7.53 3.44
CA GLY A 63 9.78 -8.83 2.77
C GLY A 63 8.37 -9.39 2.82
N ALA A 64 7.38 -8.50 2.69
CA ALA A 64 5.98 -8.89 2.72
C ALA A 64 5.16 -8.07 1.72
N LEU A 65 4.38 -8.75 0.89
CA LEU A 65 3.55 -8.08 -0.12
C LEU A 65 2.07 -8.11 0.26
N VAL A 66 1.41 -6.96 0.16
CA VAL A 66 -0.01 -6.86 0.47
C VAL A 66 -0.84 -6.68 -0.81
N GLU A 67 -2.04 -7.26 -0.80
CA GLU A 67 -2.93 -7.21 -1.96
C GLU A 67 -4.25 -6.50 -1.64
N ARG A 68 -4.77 -5.77 -2.62
CA ARG A 68 -6.04 -5.04 -2.48
C ARG A 68 -6.62 -4.74 -3.86
N PRO A 69 -7.96 -4.68 -3.98
CA PRO A 69 -8.62 -4.39 -5.26
C PRO A 69 -8.67 -2.90 -5.58
N CYS A 70 -8.69 -2.59 -6.87
CA CYS A 70 -8.77 -1.20 -7.32
C CYS A 70 -9.99 -0.54 -6.69
N PRO A 71 -10.01 0.79 -6.57
CA PRO A 71 -11.16 1.49 -5.97
C PRO A 71 -12.40 1.51 -6.89
N GLU A 72 -12.70 0.37 -7.51
CA GLU A 72 -13.87 0.21 -8.40
C GLU A 72 -13.92 1.28 -9.50
N TYR A 73 -14.48 2.46 -9.18
CA TYR A 73 -14.60 3.54 -10.15
C TYR A 73 -13.25 4.20 -10.45
N PHE A 74 -12.65 3.84 -11.57
CA PHE A 74 -11.36 4.40 -11.98
C PHE A 74 -11.45 4.97 -13.40
N ASN A 75 -10.54 5.90 -13.71
CA ASN A 75 -10.52 6.53 -15.03
C ASN A 75 -11.90 7.08 -15.41
N GLY A 76 -12.72 7.40 -14.40
CA GLY A 76 -14.07 7.89 -14.64
C GLY A 76 -14.99 6.81 -15.21
N ILE A 77 -14.54 5.55 -15.15
CA ILE A 77 -15.34 4.43 -15.66
C ILE A 77 -16.00 3.63 -14.54
N LYS A 78 -17.18 3.07 -14.82
CA LYS A 78 -17.92 2.29 -13.83
C LYS A 78 -18.05 0.82 -14.24
N TYR A 79 -16.94 0.20 -14.62
CA TYR A 79 -16.95 -1.21 -15.00
C TYR A 79 -15.53 -1.75 -15.15
N ASN A 80 -15.10 -2.52 -14.15
CA ASN A 80 -13.76 -3.13 -14.11
C ASN A 80 -13.50 -3.75 -12.73
N THR A 81 -13.67 -5.07 -12.65
CA THR A 81 -13.48 -5.79 -11.39
C THR A 81 -12.96 -7.20 -11.63
N THR A 82 -11.66 -7.31 -11.91
CA THR A 82 -11.04 -8.61 -12.17
C THR A 82 -9.70 -8.74 -11.46
N ARG A 83 -8.69 -8.02 -11.96
CA ARG A 83 -7.34 -8.05 -11.37
C ARG A 83 -7.31 -7.38 -10.00
N ASN A 84 -6.13 -7.31 -9.39
CA ASN A 84 -5.98 -6.68 -8.07
C ASN A 84 -4.74 -5.80 -8.01
N ALA A 85 -4.68 -4.96 -6.98
CA ALA A 85 -3.57 -4.04 -6.77
C ALA A 85 -2.69 -4.51 -5.59
N TYR A 86 -1.51 -5.04 -5.90
CA TYR A 86 -0.60 -5.55 -4.87
C TYR A 86 0.50 -4.54 -4.53
N ARG A 87 0.78 -4.42 -3.23
CA ARG A 87 1.82 -3.51 -2.74
C ARG A 87 2.85 -4.30 -1.91
N GLU A 88 4.06 -4.42 -2.46
CA GLU A 88 5.12 -5.18 -1.81
C GLU A 88 5.93 -4.32 -0.83
N CYS A 89 6.38 -4.96 0.25
CA CYS A 89 7.20 -4.29 1.26
C CYS A 89 8.62 -4.82 1.23
N LEU A 90 9.48 -4.13 0.49
CA LEU A 90 10.89 -4.53 0.33
C LEU A 90 11.51 -5.00 1.64
N GLU A 91 12.24 -6.11 1.56
CA GLU A 91 12.91 -6.69 2.72
C GLU A 91 14.21 -5.96 3.10
N ASN A 92 14.48 -4.82 2.45
CA ASN A 92 15.68 -4.05 2.75
C ASN A 92 15.34 -2.61 3.17
N GLY A 93 14.09 -2.38 3.62
CA GLY A 93 13.70 -1.05 4.04
C GLY A 93 12.21 -0.87 4.28
N THR A 94 11.43 -0.80 3.20
CA THR A 94 9.98 -0.60 3.31
C THR A 94 9.24 -0.91 2.02
N TRP A 95 8.00 -0.45 1.95
CA TRP A 95 7.12 -0.65 0.80
C TRP A 95 7.83 -0.35 -0.53
N ALA A 96 7.47 -1.13 -1.56
CA ALA A 96 8.06 -0.98 -2.89
C ALA A 96 7.20 -0.06 -3.79
N SER A 97 7.12 -0.38 -5.08
CA SER A 97 6.35 0.41 -6.04
C SER A 97 5.73 -0.48 -7.13
N ARG A 98 4.85 -1.39 -6.71
CA ARG A 98 4.20 -2.30 -7.66
C ARG A 98 2.79 -1.83 -8.03
N VAL A 99 1.79 -2.19 -7.21
CA VAL A 99 0.39 -1.83 -7.42
C VAL A 99 -0.07 -2.05 -8.87
N ASN A 100 -0.64 -3.23 -9.09
CA ASN A 100 -1.15 -3.62 -10.39
C ASN A 100 -2.55 -3.04 -10.63
N TYR A 101 -2.57 -1.76 -11.00
CA TYR A 101 -3.84 -1.04 -11.26
C TYR A 101 -4.70 -1.64 -12.40
N SER A 102 -4.33 -2.80 -12.95
CA SER A 102 -5.12 -3.42 -14.03
C SER A 102 -6.60 -3.48 -13.66
N HIS A 103 -6.90 -3.72 -12.39
CA HIS A 103 -8.29 -3.77 -11.91
C HIS A 103 -9.01 -2.44 -12.21
N CYS A 104 -8.23 -1.38 -12.44
CA CYS A 104 -8.78 -0.05 -12.74
C CYS A 104 -9.03 0.14 -14.25
N GLU A 105 -8.62 -0.84 -15.07
CA GLU A 105 -8.78 -0.75 -16.52
C GLU A 105 -10.24 -0.73 -16.95
N PRO A 106 -10.65 0.24 -17.78
CA PRO A 106 -12.03 0.35 -18.26
C PRO A 106 -12.49 -0.93 -19.00
N ILE A 107 -13.71 -1.35 -18.70
CA ILE A 107 -14.28 -2.55 -19.32
C ILE A 107 -15.16 -2.21 -20.52
N TYR A 30 -7.26 9.05 7.10
CA TYR A 30 -5.90 9.61 6.81
C TYR A 30 -4.80 8.73 7.40
N CYS A 31 -3.55 9.19 7.30
CA CYS A 31 -2.40 8.43 7.83
C CYS A 31 -1.77 9.15 9.03
N HIS A 32 -1.01 8.40 9.82
CA HIS A 32 -0.36 8.95 11.01
C HIS A 32 0.91 8.16 11.39
N ARG A 33 1.34 8.31 12.64
CA ARG A 33 2.53 7.61 13.14
C ARG A 33 2.32 7.13 14.59
N THR A 34 2.25 8.09 15.53
CA THR A 34 2.04 7.79 16.96
C THR A 34 2.94 6.67 17.50
N THR A 35 4.12 6.50 16.89
CA THR A 35 5.10 5.48 17.31
C THR A 35 4.56 4.05 17.12
N ILE A 36 5.40 3.05 17.42
CA ILE A 36 5.02 1.64 17.28
C ILE A 36 3.98 1.23 18.31
N GLY A 37 3.14 0.27 17.95
CA GLY A 37 2.08 -0.22 18.83
C GLY A 37 2.55 -0.53 20.25
N ASN A 38 3.53 -1.42 20.38
CA ASN A 38 4.04 -1.80 21.70
C ASN A 38 5.57 -1.96 21.70
N PHE A 39 6.28 -0.89 21.35
CA PHE A 39 7.74 -0.92 21.33
C PHE A 39 8.35 0.44 20.99
N SER A 40 9.46 0.75 21.64
CA SER A 40 10.17 2.01 21.44
C SER A 40 11.28 1.82 20.41
N GLY A 41 10.92 1.30 19.24
CA GLY A 41 11.89 1.06 18.18
C GLY A 41 12.25 -0.42 18.04
N PRO A 42 11.30 -1.25 17.55
CA PRO A 42 11.54 -2.69 17.38
C PRO A 42 12.37 -3.01 16.13
N TYR A 43 12.25 -4.24 15.62
CA TYR A 43 12.98 -4.65 14.42
C TYR A 43 12.62 -3.78 13.20
N THR A 44 13.21 -4.10 12.05
CA THR A 44 12.96 -3.34 10.83
C THR A 44 11.68 -3.80 10.13
N TYR A 45 10.83 -2.83 9.79
CA TYR A 45 9.57 -3.06 9.09
C TYR A 45 9.26 -1.86 8.19
N CYS A 46 8.13 -1.90 7.47
CA CYS A 46 7.76 -0.78 6.59
C CYS A 46 7.70 0.52 7.40
N ASN A 47 7.92 1.64 6.73
CA ASN A 47 7.94 2.95 7.41
C ASN A 47 6.61 3.69 7.37
N THR A 48 5.53 2.93 7.47
CA THR A 48 4.17 3.50 7.49
C THR A 48 4.03 4.64 6.47
N THR A 49 3.75 4.30 5.22
CA THR A 49 3.62 5.31 4.16
C THR A 49 2.46 5.04 3.18
N LEU A 50 2.56 5.66 1.99
CA LEU A 50 1.56 5.54 0.94
C LEU A 50 2.23 5.08 -0.37
N ASP A 51 1.44 4.49 -1.28
CA ASP A 51 1.98 3.99 -2.55
C ASP A 51 1.23 4.56 -3.76
N GLN A 52 1.56 5.81 -4.13
CA GLN A 52 0.94 6.49 -5.29
C GLN A 52 -0.57 6.66 -5.14
N ILE A 53 -1.29 5.54 -5.01
CA ILE A 53 -2.74 5.57 -4.84
C ILE A 53 -3.08 5.82 -3.38
N GLY A 54 -4.37 6.02 -3.09
CA GLY A 54 -4.80 6.24 -1.70
C GLY A 54 -4.66 4.99 -0.85
N THR A 55 -3.45 4.43 -0.83
CA THR A 55 -3.17 3.22 -0.07
C THR A 55 -2.14 3.47 1.01
N CYS A 56 -2.59 3.48 2.26
CA CYS A 56 -1.70 3.69 3.41
C CYS A 56 -1.14 2.36 3.90
N TRP A 57 0.18 2.31 4.10
CA TRP A 57 0.83 1.08 4.54
C TRP A 57 1.71 1.30 5.77
N PRO A 58 1.19 0.94 6.96
CA PRO A 58 1.95 1.08 8.21
C PRO A 58 3.12 0.10 8.32
N GLN A 59 3.83 0.14 9.44
CA GLN A 59 4.97 -0.74 9.67
C GLN A 59 4.53 -2.21 9.57
N SER A 60 4.97 -2.88 8.51
CA SER A 60 4.62 -4.27 8.26
C SER A 60 5.85 -5.17 8.38
N ALA A 61 6.71 -5.14 7.37
CA ALA A 61 7.94 -5.93 7.32
C ALA A 61 8.72 -5.64 6.04
N PRO A 62 10.04 -5.81 6.05
CA PRO A 62 10.87 -5.56 4.88
C PRO A 62 10.77 -6.70 3.86
N GLY A 63 10.24 -6.39 2.68
CA GLY A 63 10.06 -7.39 1.64
C GLY A 63 8.75 -8.14 1.81
N ALA A 64 7.65 -7.39 1.86
CA ALA A 64 6.33 -7.99 2.05
C ALA A 64 5.29 -7.40 1.10
N LEU A 65 4.58 -8.28 0.41
CA LEU A 65 3.53 -7.88 -0.52
C LEU A 65 2.17 -7.89 0.17
N VAL A 66 1.57 -6.71 0.31
CA VAL A 66 0.27 -6.58 0.97
C VAL A 66 -0.88 -6.35 -0.02
N GLU A 67 -2.08 -6.77 0.37
CA GLU A 67 -3.27 -6.63 -0.49
C GLU A 67 -4.13 -5.43 -0.05
N ARG A 68 -5.00 -4.99 -0.97
CA ARG A 68 -5.91 -3.87 -0.72
C ARG A 68 -7.13 -3.97 -1.62
N PRO A 69 -8.35 -3.75 -1.07
CA PRO A 69 -9.62 -3.83 -1.83
C PRO A 69 -9.80 -2.73 -2.90
N CYS A 70 -8.74 -2.45 -3.67
CA CYS A 70 -8.80 -1.45 -4.74
C CYS A 70 -9.24 -0.06 -4.23
N PRO A 71 -9.10 0.99 -5.06
CA PRO A 71 -9.49 2.35 -4.68
C PRO A 71 -11.01 2.55 -4.73
N GLU A 72 -11.71 1.86 -3.81
CA GLU A 72 -13.18 1.92 -3.72
C GLU A 72 -13.77 3.23 -4.25
N TYR A 73 -14.42 3.11 -5.40
CA TYR A 73 -15.08 4.24 -6.08
C TYR A 73 -14.39 5.60 -5.85
N PHE A 74 -13.41 5.89 -6.70
CA PHE A 74 -12.70 7.17 -6.61
C PHE A 74 -13.30 8.18 -7.59
N ASN A 75 -14.63 8.05 -7.81
CA ASN A 75 -15.36 8.93 -8.73
C ASN A 75 -16.79 8.40 -8.94
N GLY A 76 -17.52 9.00 -9.88
CA GLY A 76 -18.89 8.56 -10.16
C GLY A 76 -18.93 7.20 -10.83
N ILE A 77 -18.50 6.17 -10.11
CA ILE A 77 -18.45 4.81 -10.62
C ILE A 77 -19.10 3.83 -9.64
N LYS A 78 -18.39 3.57 -8.55
CA LYS A 78 -18.83 2.67 -7.49
C LYS A 78 -19.33 1.32 -8.01
N TYR A 79 -18.38 0.41 -8.21
CA TYR A 79 -18.67 -0.95 -8.70
C TYR A 79 -17.38 -1.76 -8.74
N ASN A 80 -17.49 -3.08 -8.74
CA ASN A 80 -16.30 -3.95 -8.79
C ASN A 80 -15.42 -3.77 -7.54
N THR A 81 -16.02 -3.33 -6.44
CA THR A 81 -15.29 -3.11 -5.19
C THR A 81 -15.11 -4.42 -4.42
N THR A 82 -14.60 -5.43 -5.12
CA THR A 82 -14.39 -6.75 -4.52
C THR A 82 -13.19 -7.44 -5.18
N ARG A 83 -12.04 -6.76 -5.19
CA ARG A 83 -10.82 -7.30 -5.78
C ARG A 83 -9.61 -6.94 -4.91
N ASN A 84 -8.39 -7.07 -5.45
CA ASN A 84 -7.19 -6.76 -4.67
C ASN A 84 -6.07 -6.15 -5.52
N ALA A 85 -5.11 -5.51 -4.83
CA ALA A 85 -3.96 -4.88 -5.47
C ALA A 85 -2.66 -5.25 -4.74
N TYR A 86 -1.90 -6.19 -5.31
CA TYR A 86 -0.64 -6.65 -4.70
C TYR A 86 0.35 -5.50 -4.54
N ARG A 87 0.59 -5.10 -3.29
CA ARG A 87 1.51 -4.01 -3.00
C ARG A 87 2.72 -4.51 -2.20
N GLU A 88 3.90 -4.47 -2.83
CA GLU A 88 5.14 -4.94 -2.21
C GLU A 88 5.86 -3.84 -1.43
N CYS A 89 6.40 -4.23 -0.26
CA CYS A 89 7.14 -3.33 0.63
C CYS A 89 8.63 -3.66 0.59
N LEU A 90 9.39 -2.88 -0.18
CA LEU A 90 10.84 -3.07 -0.32
C LEU A 90 11.52 -3.39 1.01
N GLU A 91 12.42 -4.38 0.97
CA GLU A 91 13.19 -4.81 2.13
C GLU A 91 13.83 -3.62 2.85
N ASN A 92 14.08 -2.54 2.11
CA ASN A 92 14.68 -1.35 2.70
C ASN A 92 13.68 -0.58 3.58
N GLY A 93 12.40 -1.00 3.57
CA GLY A 93 11.38 -0.34 4.37
C GLY A 93 10.40 0.45 3.51
N THR A 94 10.78 0.68 2.24
CA THR A 94 9.94 1.42 1.29
C THR A 94 8.98 0.46 0.59
N TRP A 95 8.32 0.96 -0.46
CA TRP A 95 7.37 0.14 -1.21
C TRP A 95 7.66 0.24 -2.72
N ALA A 96 7.28 -0.81 -3.45
CA ALA A 96 7.48 -0.83 -4.90
C ALA A 96 6.20 -0.38 -5.62
N SER A 97 6.15 -0.53 -6.93
CA SER A 97 4.95 -0.14 -7.68
C SER A 97 4.12 -1.39 -7.99
N ARG A 98 4.35 -1.97 -9.18
CA ARG A 98 3.65 -3.19 -9.61
C ARG A 98 2.12 -3.07 -9.51
N VAL A 99 1.58 -3.37 -8.31
CA VAL A 99 0.13 -3.34 -8.04
C VAL A 99 -0.69 -3.95 -9.19
N ASN A 100 -1.09 -5.20 -8.98
CA ASN A 100 -1.89 -5.95 -9.97
C ASN A 100 -3.29 -5.37 -10.09
N TYR A 101 -3.38 -4.18 -10.67
CA TYR A 101 -4.68 -3.52 -10.86
C TYR A 101 -5.49 -4.21 -11.95
N SER A 102 -4.82 -4.71 -12.99
CA SER A 102 -5.47 -5.41 -14.09
C SER A 102 -6.48 -6.45 -13.59
N HIS A 103 -6.07 -7.25 -12.60
CA HIS A 103 -6.95 -8.28 -12.03
C HIS A 103 -7.89 -7.71 -10.95
N CYS A 104 -7.82 -6.40 -10.70
CA CYS A 104 -8.67 -5.74 -9.70
C CYS A 104 -9.70 -4.82 -10.36
N GLU A 105 -9.32 -4.20 -11.48
CA GLU A 105 -10.20 -3.30 -12.20
C GLU A 105 -10.40 -1.99 -11.43
N PRO A 106 -10.88 -0.92 -12.10
CA PRO A 106 -11.08 0.38 -11.46
C PRO A 106 -12.12 0.35 -10.32
N ILE A 107 -12.38 1.52 -9.76
CA ILE A 107 -13.34 1.70 -8.68
C ILE A 107 -12.95 0.93 -7.41
N TYR A 30 4.80 8.95 2.28
CA TYR A 30 4.55 8.75 3.73
C TYR A 30 3.08 8.95 4.09
N CYS A 31 2.68 8.49 5.27
CA CYS A 31 1.29 8.61 5.74
C CYS A 31 1.26 8.93 7.24
N HIS A 32 0.07 8.90 7.84
CA HIS A 32 -0.08 9.19 9.26
C HIS A 32 0.51 8.06 10.11
N ARG A 33 0.43 8.23 11.44
CA ARG A 33 0.95 7.24 12.39
C ARG A 33 2.49 7.30 12.43
N THR A 34 3.14 6.19 12.85
CA THR A 34 4.62 6.12 12.96
C THR A 34 5.11 6.91 14.17
N THR A 35 4.22 7.14 15.14
CA THR A 35 4.56 7.87 16.37
C THR A 35 5.35 7.01 17.34
N ILE A 36 6.53 6.55 16.91
CA ILE A 36 7.39 5.73 17.76
C ILE A 36 7.67 6.42 19.09
N GLY A 37 7.73 5.63 20.16
CA GLY A 37 7.98 6.17 21.48
C GLY A 37 6.77 6.05 22.39
N ASN A 38 6.42 7.13 23.08
CA ASN A 38 5.26 7.14 23.98
C ASN A 38 3.94 7.16 23.21
N PHE A 39 3.80 6.23 22.24
CA PHE A 39 2.60 6.13 21.42
C PHE A 39 2.70 4.98 20.41
N SER A 40 3.36 3.91 20.85
CA SER A 40 3.58 2.70 20.03
C SER A 40 4.93 2.76 19.32
N GLY A 41 5.92 2.08 19.89
CA GLY A 41 7.25 2.04 19.30
C GLY A 41 7.58 0.68 18.71
N PRO A 42 7.33 0.47 17.40
CA PRO A 42 7.60 -0.81 16.74
C PRO A 42 9.07 -1.00 16.40
N TYR A 43 9.42 -2.22 16.00
CA TYR A 43 10.79 -2.55 15.62
C TYR A 43 11.02 -2.27 14.13
N THR A 44 12.23 -2.58 13.66
CA THR A 44 12.59 -2.35 12.26
C THR A 44 11.60 -3.02 11.30
N TYR A 45 10.77 -2.20 10.65
CA TYR A 45 9.77 -2.69 9.71
C TYR A 45 9.48 -1.66 8.62
N CYS A 46 8.56 -1.99 7.71
CA CYS A 46 8.18 -1.05 6.64
C CYS A 46 7.60 0.23 7.24
N ASN A 47 7.42 1.27 6.42
CA ASN A 47 6.88 2.54 6.91
C ASN A 47 5.52 2.86 6.27
N THR A 48 4.72 3.68 6.96
CA THR A 48 3.39 4.06 6.46
C THR A 48 3.46 5.12 5.36
N THR A 49 2.99 4.77 4.15
CA THR A 49 3.01 5.73 3.03
C THR A 49 1.82 5.55 2.07
N LEU A 50 1.80 6.41 1.05
CA LEU A 50 0.74 6.42 0.03
C LEU A 50 1.24 5.84 -1.30
N ASP A 51 0.31 5.34 -2.12
CA ASP A 51 0.65 4.77 -3.44
C ASP A 51 -0.37 5.17 -4.51
N GLN A 52 -0.31 6.41 -4.98
CA GLN A 52 -1.23 6.90 -6.01
C GLN A 52 -2.68 6.90 -5.50
N ILE A 53 -3.19 5.71 -5.20
CA ILE A 53 -4.54 5.55 -4.69
C ILE A 53 -4.61 6.01 -3.23
N GLY A 54 -5.78 6.49 -2.81
CA GLY A 54 -5.95 6.95 -1.43
C GLY A 54 -5.83 5.84 -0.40
N THR A 55 -4.68 5.16 -0.38
CA THR A 55 -4.44 4.07 0.56
C THR A 55 -3.09 4.22 1.25
N CYS A 56 -3.07 4.02 2.56
CA CYS A 56 -1.83 4.13 3.33
C CYS A 56 -1.26 2.76 3.67
N TRP A 57 -0.02 2.53 3.27
CA TRP A 57 0.66 1.25 3.52
C TRP A 57 1.59 1.38 4.73
N PRO A 58 1.11 0.97 5.93
CA PRO A 58 1.90 1.06 7.17
C PRO A 58 3.03 0.02 7.26
N GLN A 59 3.61 -0.10 8.44
CA GLN A 59 4.70 -1.06 8.68
C GLN A 59 4.23 -2.50 8.50
N SER A 60 5.15 -3.35 8.03
CA SER A 60 4.84 -4.77 7.81
C SER A 60 6.09 -5.64 8.03
N ALA A 61 6.99 -5.63 7.06
CA ALA A 61 8.24 -6.41 7.13
C ALA A 61 9.06 -6.28 5.85
N PRO A 62 10.40 -6.18 5.97
CA PRO A 62 11.29 -6.06 4.81
C PRO A 62 11.25 -7.31 3.93
N GLY A 63 10.74 -7.15 2.72
CA GLY A 63 10.63 -8.28 1.79
C GLY A 63 9.29 -8.96 1.90
N ALA A 64 8.21 -8.17 1.81
CA ALA A 64 6.86 -8.71 1.91
C ALA A 64 5.86 -7.91 1.06
N LEU A 65 5.00 -8.64 0.37
CA LEU A 65 3.97 -8.04 -0.47
C LEU A 65 2.68 -7.85 0.33
N VAL A 66 2.10 -6.67 0.27
CA VAL A 66 0.87 -6.36 0.99
C VAL A 66 -0.28 -6.06 0.03
N GLU A 67 -1.37 -6.81 0.19
CA GLU A 67 -2.55 -6.66 -0.66
C GLU A 67 -3.65 -5.85 0.04
N ARG A 68 -4.66 -5.47 -0.74
CA ARG A 68 -5.78 -4.69 -0.23
C ARG A 68 -6.84 -4.49 -1.32
N PRO A 69 -8.14 -4.49 -0.98
CA PRO A 69 -9.23 -4.32 -1.95
C PRO A 69 -8.98 -3.17 -2.94
N CYS A 70 -8.87 -3.51 -4.23
CA CYS A 70 -8.62 -2.50 -5.30
C CYS A 70 -9.53 -1.28 -5.15
N PRO A 71 -9.10 -0.11 -5.71
CA PRO A 71 -9.90 1.12 -5.65
C PRO A 71 -11.35 0.88 -6.11
N GLU A 72 -12.27 0.85 -5.13
CA GLU A 72 -13.69 0.59 -5.38
C GLU A 72 -14.38 1.64 -6.28
N TYR A 73 -15.67 1.91 -6.01
CA TYR A 73 -16.47 2.85 -6.81
C TYR A 73 -15.87 4.27 -6.84
N PHE A 74 -14.71 4.42 -7.47
CA PHE A 74 -14.04 5.71 -7.59
C PHE A 74 -14.22 6.33 -8.98
N ASN A 75 -14.81 5.57 -9.89
CA ASN A 75 -15.05 6.04 -11.26
C ASN A 75 -16.49 5.73 -11.71
N GLY A 76 -17.44 5.93 -10.80
CA GLY A 76 -18.84 5.66 -11.12
C GLY A 76 -19.08 4.22 -11.54
N ILE A 77 -18.44 3.29 -10.85
CA ILE A 77 -18.57 1.86 -11.15
C ILE A 77 -18.88 1.06 -9.90
N LYS A 78 -19.81 0.11 -10.01
CA LYS A 78 -20.20 -0.74 -8.89
C LYS A 78 -20.35 -2.20 -9.34
N TYR A 79 -19.24 -2.91 -9.36
CA TYR A 79 -19.21 -4.31 -9.79
C TYR A 79 -17.80 -4.89 -9.63
N ASN A 80 -17.56 -6.06 -10.23
CA ASN A 80 -16.25 -6.73 -10.22
C ASN A 80 -15.40 -6.43 -8.96
N THR A 81 -16.03 -6.40 -7.79
CA THR A 81 -15.32 -6.11 -6.55
C THR A 81 -14.59 -7.36 -6.03
N THR A 82 -13.81 -7.97 -6.91
CA THR A 82 -13.06 -9.18 -6.57
C THR A 82 -11.57 -9.05 -6.95
N ARG A 83 -10.93 -7.96 -6.51
CA ARG A 83 -9.51 -7.75 -6.81
C ARG A 83 -8.79 -7.12 -5.62
N ASN A 84 -7.46 -7.04 -5.70
CA ASN A 84 -6.66 -6.46 -4.63
C ASN A 84 -5.43 -5.70 -5.15
N ALA A 85 -5.03 -4.68 -4.39
CA ALA A 85 -3.86 -3.86 -4.71
C ALA A 85 -2.63 -4.45 -4.02
N TYR A 86 -1.76 -5.09 -4.79
CA TYR A 86 -0.57 -5.72 -4.25
C TYR A 86 0.63 -4.77 -4.19
N ARG A 87 0.95 -4.30 -3.00
CA ARG A 87 2.09 -3.41 -2.79
C ARG A 87 3.24 -4.21 -2.17
N GLU A 88 4.41 -4.17 -2.78
CA GLU A 88 5.55 -4.93 -2.27
C GLU A 88 6.50 -4.09 -1.44
N CYS A 89 7.00 -4.70 -0.38
CA CYS A 89 7.96 -4.05 0.51
C CYS A 89 9.31 -4.75 0.37
N LEU A 90 10.19 -4.16 -0.42
CA LEU A 90 11.52 -4.72 -0.69
C LEU A 90 12.23 -5.21 0.57
N GLU A 91 12.93 -6.34 0.44
CA GLU A 91 13.69 -6.93 1.56
C GLU A 91 14.59 -5.88 2.21
N ASN A 92 15.01 -4.88 1.42
CA ASN A 92 15.87 -3.81 1.91
C ASN A 92 15.10 -2.82 2.80
N GLY A 93 13.77 -2.98 2.89
CA GLY A 93 12.95 -2.09 3.69
C GLY A 93 12.27 -1.01 2.87
N THR A 94 12.46 -1.03 1.55
CA THR A 94 11.87 -0.04 0.65
C THR A 94 10.43 -0.41 0.26
N TRP A 95 9.68 0.60 -0.18
CA TRP A 95 8.28 0.40 -0.58
C TRP A 95 8.16 0.38 -2.11
N ALA A 96 7.68 -0.73 -2.66
CA ALA A 96 7.51 -0.85 -4.10
C ALA A 96 6.13 -0.34 -4.53
N SER A 97 6.11 0.64 -5.44
CA SER A 97 4.83 1.19 -5.94
C SER A 97 4.30 0.36 -7.10
N ARG A 98 4.47 -0.96 -6.99
CA ARG A 98 3.99 -1.89 -8.00
C ARG A 98 2.57 -2.37 -7.68
N VAL A 99 1.78 -1.52 -7.00
CA VAL A 99 0.41 -1.86 -6.65
C VAL A 99 -0.34 -2.41 -7.85
N ASN A 100 -0.62 -3.71 -7.80
CA ASN A 100 -1.33 -4.39 -8.88
C ASN A 100 -2.79 -3.94 -8.98
N TYR A 101 -3.01 -2.65 -9.21
CA TYR A 101 -4.36 -2.10 -9.35
C TYR A 101 -4.67 -1.74 -10.80
N SER A 102 -3.66 -1.32 -11.55
CA SER A 102 -3.83 -0.96 -12.97
C SER A 102 -4.41 -2.13 -13.77
N HIS A 103 -4.21 -3.36 -13.27
CA HIS A 103 -4.72 -4.56 -13.94
C HIS A 103 -6.16 -4.86 -13.54
N CYS A 104 -6.46 -4.68 -12.26
CA CYS A 104 -7.80 -4.94 -11.75
C CYS A 104 -8.80 -3.92 -12.28
N GLU A 105 -9.85 -4.42 -12.95
CA GLU A 105 -10.89 -3.56 -13.49
C GLU A 105 -11.36 -2.60 -12.41
N PRO A 106 -11.63 -1.31 -12.75
CA PRO A 106 -12.07 -0.33 -11.77
C PRO A 106 -13.06 -0.89 -10.77
N ILE A 107 -12.70 -0.73 -9.49
CA ILE A 107 -13.48 -1.20 -8.32
C ILE A 107 -12.61 -2.10 -7.41
N TYR A 30 -1.22 12.19 2.96
CA TYR A 30 -0.32 11.08 3.39
C TYR A 30 -0.50 10.76 4.87
N CYS A 31 -0.13 9.54 5.27
CA CYS A 31 -0.24 9.12 6.66
C CYS A 31 1.12 8.71 7.21
N HIS A 32 1.40 9.08 8.45
CA HIS A 32 2.67 8.75 9.09
C HIS A 32 2.54 8.71 10.63
N ARG A 33 3.66 8.97 11.33
CA ARG A 33 3.70 8.95 12.79
C ARG A 33 3.65 7.51 13.32
N THR A 34 2.55 6.82 13.03
CA THR A 34 2.31 5.41 13.43
C THR A 34 3.54 4.77 14.09
N THR A 35 3.66 4.95 15.40
CA THR A 35 4.79 4.39 16.16
C THR A 35 4.88 2.89 15.98
N ILE A 36 5.92 2.44 15.29
CA ILE A 36 6.13 1.01 15.07
C ILE A 36 6.56 0.33 16.36
N GLY A 37 5.97 -0.83 16.64
CA GLY A 37 6.29 -1.57 17.85
C GLY A 37 5.83 -0.85 19.12
N ASN A 38 6.25 0.41 19.27
CA ASN A 38 5.93 1.25 20.43
C ASN A 38 6.88 0.96 21.59
N PHE A 39 8.16 0.87 21.26
CA PHE A 39 9.21 0.61 22.25
C PHE A 39 10.42 1.50 22.00
N SER A 40 10.15 2.71 21.55
CA SER A 40 11.19 3.71 21.25
C SER A 40 12.27 3.16 20.32
N GLY A 41 11.85 2.56 19.20
CA GLY A 41 12.79 2.00 18.24
C GLY A 41 12.44 0.59 17.78
N PRO A 42 11.64 0.45 16.71
CA PRO A 42 11.25 -0.86 16.19
C PRO A 42 12.36 -1.56 15.42
N TYR A 43 12.14 -2.84 15.09
CA TYR A 43 13.12 -3.62 14.34
C TYR A 43 12.90 -3.42 12.83
N THR A 44 13.67 -4.14 12.01
CA THR A 44 13.53 -4.04 10.55
C THR A 44 12.09 -4.24 10.11
N TYR A 45 11.43 -3.14 9.76
CA TYR A 45 10.03 -3.19 9.32
C TYR A 45 9.74 -2.07 8.31
N CYS A 46 8.50 -2.03 7.81
CA CYS A 46 8.11 -1.00 6.84
C CYS A 46 7.79 0.33 7.50
N ASN A 47 7.56 1.32 6.66
CA ASN A 47 7.23 2.68 7.10
C ASN A 47 5.90 3.15 6.54
N THR A 48 5.06 3.70 7.41
CA THR A 48 3.75 4.21 7.02
C THR A 48 3.87 5.34 6.00
N THR A 49 3.44 5.06 4.77
CA THR A 49 3.50 6.02 3.68
C THR A 49 2.23 5.99 2.83
N LEU A 50 2.17 6.88 1.85
CA LEU A 50 1.04 6.96 0.93
C LEU A 50 1.55 6.89 -0.50
N ASP A 51 0.88 6.10 -1.32
CA ASP A 51 1.29 5.93 -2.72
C ASP A 51 0.14 5.44 -3.60
N GLN A 52 -0.07 6.12 -4.73
CA GLN A 52 -1.11 5.78 -5.69
C GLN A 52 -2.51 5.76 -5.06
N ILE A 53 -2.96 4.59 -4.60
CA ILE A 53 -4.28 4.46 -3.99
C ILE A 53 -4.26 4.94 -2.53
N GLY A 54 -5.19 5.84 -2.18
CA GLY A 54 -5.26 6.35 -0.81
C GLY A 54 -5.68 5.29 0.20
N THR A 55 -4.89 4.22 0.26
CA THR A 55 -5.15 3.11 1.16
C THR A 55 -4.25 3.12 2.40
N CYS A 56 -3.26 4.00 2.39
CA CYS A 56 -2.30 4.13 3.49
C CYS A 56 -1.44 2.87 3.61
N TRP A 57 -0.14 3.03 3.39
CA TRP A 57 0.79 1.90 3.47
C TRP A 57 1.62 1.97 4.76
N PRO A 58 1.10 1.36 5.86
CA PRO A 58 1.78 1.36 7.17
C PRO A 58 2.88 0.30 7.32
N GLN A 59 3.24 0.00 8.57
CA GLN A 59 4.28 -0.98 8.88
C GLN A 59 3.80 -2.41 8.59
N SER A 60 4.70 -3.22 8.02
CA SER A 60 4.40 -4.61 7.69
C SER A 60 5.62 -5.50 7.99
N ALA A 61 6.59 -5.48 7.08
CA ALA A 61 7.82 -6.27 7.22
C ALA A 61 8.69 -6.11 5.97
N PRO A 62 10.03 -6.12 6.12
CA PRO A 62 10.94 -5.98 4.98
C PRO A 62 10.91 -7.20 4.07
N GLY A 63 10.40 -7.01 2.86
CA GLY A 63 10.29 -8.11 1.91
C GLY A 63 8.97 -8.84 2.03
N ALA A 64 7.87 -8.11 1.91
CA ALA A 64 6.54 -8.68 2.03
C ALA A 64 5.53 -7.96 1.13
N LEU A 65 4.71 -8.75 0.43
CA LEU A 65 3.68 -8.22 -0.46
C LEU A 65 2.36 -8.04 0.29
N VAL A 66 1.93 -6.79 0.44
CA VAL A 66 0.69 -6.49 1.15
C VAL A 66 -0.50 -6.42 0.19
N GLU A 67 -1.59 -7.09 0.58
CA GLU A 67 -2.81 -7.11 -0.21
C GLU A 67 -3.55 -5.78 -0.10
N ARG A 68 -4.07 -5.29 -1.23
CA ARG A 68 -4.79 -4.02 -1.26
C ARG A 68 -5.77 -3.93 -2.43
N PRO A 69 -6.97 -3.39 -2.19
CA PRO A 69 -7.99 -3.24 -3.24
C PRO A 69 -7.65 -2.13 -4.25
N CYS A 70 -8.19 -2.27 -5.46
CA CYS A 70 -7.98 -1.30 -6.54
C CYS A 70 -8.73 0.00 -6.26
N PRO A 71 -8.32 1.13 -6.89
CA PRO A 71 -9.00 2.42 -6.71
C PRO A 71 -10.47 2.35 -7.12
N GLU A 72 -10.77 1.43 -8.04
CA GLU A 72 -12.13 1.22 -8.55
C GLU A 72 -13.15 1.14 -7.42
N TYR A 73 -14.30 1.80 -7.63
CA TYR A 73 -15.38 1.86 -6.62
C TYR A 73 -15.20 3.06 -5.69
N PHE A 74 -13.99 3.63 -5.65
CA PHE A 74 -13.72 4.79 -4.80
C PHE A 74 -13.48 6.05 -5.65
N ASN A 75 -13.38 5.87 -6.95
CA ASN A 75 -13.18 6.97 -7.88
C ASN A 75 -14.36 7.08 -8.84
N GLY A 76 -14.23 7.92 -9.87
CA GLY A 76 -15.31 8.09 -10.84
C GLY A 76 -15.78 6.77 -11.45
N ILE A 77 -14.92 5.75 -11.45
CA ILE A 77 -15.25 4.44 -12.01
C ILE A 77 -15.51 3.43 -10.88
N LYS A 78 -16.63 2.72 -10.99
CA LYS A 78 -17.03 1.77 -9.96
C LYS A 78 -17.82 0.58 -10.55
N TYR A 79 -17.23 -0.10 -11.52
CA TYR A 79 -17.88 -1.26 -12.16
C TYR A 79 -16.88 -2.39 -12.35
N ASN A 80 -15.80 -2.10 -13.06
CA ASN A 80 -14.74 -3.07 -13.33
C ASN A 80 -13.86 -3.29 -12.09
N THR A 81 -14.50 -3.46 -10.93
CA THR A 81 -13.79 -3.68 -9.67
C THR A 81 -13.42 -5.16 -9.48
N THR A 82 -12.86 -5.77 -10.53
CA THR A 82 -12.47 -7.17 -10.50
C THR A 82 -10.95 -7.33 -10.31
N ARG A 83 -10.28 -6.26 -9.87
CA ARG A 83 -8.83 -6.31 -9.65
C ARG A 83 -8.45 -5.63 -8.34
N ASN A 84 -7.19 -5.78 -7.95
CA ASN A 84 -6.68 -5.18 -6.72
C ASN A 84 -5.49 -4.25 -6.99
N ALA A 85 -4.95 -3.67 -5.93
CA ALA A 85 -3.80 -2.76 -6.04
C ALA A 85 -2.77 -3.08 -4.96
N TYR A 86 -2.35 -4.34 -4.91
CA TYR A 86 -1.37 -4.82 -3.92
C TYR A 86 -0.07 -4.00 -3.96
N ARG A 87 0.69 -4.07 -2.86
CA ARG A 87 1.97 -3.35 -2.77
C ARG A 87 2.99 -4.15 -1.96
N GLU A 88 4.20 -4.25 -2.47
CA GLU A 88 5.27 -4.99 -1.80
C GLU A 88 6.14 -4.06 -0.95
N CYS A 89 6.60 -4.56 0.20
CA CYS A 89 7.43 -3.78 1.12
C CYS A 89 8.91 -4.17 1.00
N LEU A 90 9.60 -3.54 0.05
CA LEU A 90 11.03 -3.79 -0.20
C LEU A 90 11.80 -4.00 1.10
N GLU A 91 12.57 -5.09 1.15
CA GLU A 91 13.39 -5.43 2.32
C GLU A 91 14.15 -4.21 2.85
N ASN A 92 14.48 -3.27 1.96
CA ASN A 92 15.20 -2.06 2.35
C ASN A 92 14.35 -1.15 3.26
N GLY A 93 13.03 -1.39 3.29
CA GLY A 93 12.14 -0.58 4.13
C GLY A 93 11.29 0.39 3.32
N THR A 94 10.97 0.03 2.09
CA THR A 94 10.16 0.87 1.21
C THR A 94 9.04 0.05 0.56
N TRP A 95 8.30 0.68 -0.36
CA TRP A 95 7.20 0.00 -1.05
C TRP A 95 7.49 -0.14 -2.55
N ALA A 96 7.54 -1.37 -3.02
CA ALA A 96 7.81 -1.66 -4.43
C ALA A 96 6.67 -1.23 -5.35
N SER A 97 6.92 -1.25 -6.65
CA SER A 97 5.94 -0.86 -7.65
C SER A 97 5.25 -2.07 -8.29
N ARG A 98 4.97 -3.10 -7.50
CA ARG A 98 4.30 -4.30 -8.00
C ARG A 98 2.79 -4.25 -7.70
N VAL A 99 2.14 -3.19 -8.17
CA VAL A 99 0.70 -3.00 -7.96
C VAL A 99 -0.09 -3.36 -9.23
N ASN A 100 -1.30 -3.89 -9.05
CA ASN A 100 -2.14 -4.30 -10.18
C ASN A 100 -2.96 -3.12 -10.72
N TYR A 101 -2.30 -2.00 -11.03
CA TYR A 101 -2.99 -0.83 -11.57
C TYR A 101 -3.37 -1.03 -13.03
N SER A 102 -2.38 -1.31 -13.88
CA SER A 102 -2.62 -1.54 -15.31
C SER A 102 -3.70 -2.62 -15.51
N HIS A 103 -3.79 -3.56 -14.58
CA HIS A 103 -4.78 -4.63 -14.65
C HIS A 103 -6.20 -4.14 -14.34
N CYS A 104 -6.33 -2.88 -13.89
CA CYS A 104 -7.65 -2.31 -13.58
C CYS A 104 -8.13 -1.46 -14.75
N GLU A 105 -9.16 -1.93 -15.44
CA GLU A 105 -9.71 -1.22 -16.60
C GLU A 105 -10.88 -0.31 -16.20
N PRO A 106 -10.61 1.02 -16.12
CA PRO A 106 -11.64 1.99 -15.76
C PRO A 106 -12.76 2.09 -16.79
N ILE A 107 -13.87 2.72 -16.40
CA ILE A 107 -15.02 2.87 -17.28
C ILE A 107 -15.85 4.11 -16.89
N TYR A 30 -6.36 9.37 7.84
CA TYR A 30 -6.46 7.88 7.97
C TYR A 30 -5.14 7.22 8.34
N CYS A 31 -4.04 7.95 8.23
CA CYS A 31 -2.71 7.42 8.57
C CYS A 31 -2.24 7.97 9.92
N HIS A 32 -1.07 7.51 10.37
CA HIS A 32 -0.50 7.94 11.64
C HIS A 32 1.03 7.91 11.60
N ARG A 33 1.67 7.74 12.78
CA ARG A 33 3.13 7.70 12.89
C ARG A 33 3.74 9.09 12.83
N THR A 34 4.88 9.24 13.49
CA THR A 34 5.60 10.51 13.52
C THR A 34 7.12 10.28 13.62
N THR A 35 7.61 9.24 12.95
CA THR A 35 9.05 8.89 12.95
C THR A 35 9.51 8.43 14.33
N ILE A 36 10.73 7.88 14.41
CA ILE A 36 11.30 7.41 15.67
C ILE A 36 12.20 8.48 16.29
N GLY A 37 12.14 8.59 17.62
CA GLY A 37 12.95 9.58 18.32
C GLY A 37 12.67 10.99 17.85
N ASN A 38 13.67 11.63 17.24
CA ASN A 38 13.52 12.99 16.73
C ASN A 38 14.75 13.43 15.93
N PHE A 39 15.20 12.54 15.03
CA PHE A 39 16.37 12.82 14.20
C PHE A 39 16.59 11.71 13.15
N SER A 40 16.10 11.96 11.93
CA SER A 40 16.23 11.03 10.82
C SER A 40 15.91 9.59 11.24
N GLY A 41 14.62 9.31 11.44
CA GLY A 41 14.18 7.97 11.84
C GLY A 41 14.61 6.88 10.87
N PRO A 42 15.32 5.84 11.35
CA PRO A 42 15.78 4.74 10.50
C PRO A 42 14.65 3.78 10.11
N TYR A 43 14.96 2.84 9.22
CA TYR A 43 13.98 1.86 8.76
C TYR A 43 14.32 0.45 9.23
N THR A 44 13.37 -0.46 9.02
CA THR A 44 13.52 -1.87 9.40
C THR A 44 12.36 -2.68 8.85
N TYR A 45 11.17 -2.19 9.12
CA TYR A 45 9.93 -2.83 8.66
C TYR A 45 9.29 -2.00 7.55
N CYS A 46 8.16 -1.33 7.84
CA CYS A 46 7.47 -0.49 6.87
C CYS A 46 6.88 0.75 7.54
N ASN A 47 6.76 1.84 6.80
CA ASN A 47 6.21 3.08 7.33
C ASN A 47 4.79 3.33 6.86
N THR A 48 3.94 3.69 7.80
CA THR A 48 2.52 3.98 7.53
C THR A 48 2.36 5.18 6.60
N THR A 49 2.25 4.90 5.30
CA THR A 49 2.10 5.97 4.31
C THR A 49 0.86 5.77 3.44
N LEU A 50 0.51 6.80 2.68
CA LEU A 50 -0.64 6.77 1.77
C LEU A 50 -0.15 6.60 0.32
N ASP A 51 1.04 6.01 0.20
CA ASP A 51 1.70 5.77 -1.08
C ASP A 51 0.79 5.14 -2.14
N GLN A 52 1.13 5.39 -3.41
CA GLN A 52 0.44 4.83 -4.57
C GLN A 52 -1.01 5.33 -4.72
N ILE A 53 -1.94 4.73 -3.98
CA ILE A 53 -3.34 5.10 -4.08
C ILE A 53 -3.90 5.62 -2.77
N GLY A 54 -5.19 5.98 -2.76
CA GLY A 54 -5.84 6.50 -1.57
C GLY A 54 -6.00 5.44 -0.48
N THR A 55 -4.89 4.84 -0.08
CA THR A 55 -4.89 3.81 0.96
C THR A 55 -3.66 3.94 1.86
N CYS A 56 -3.81 3.58 3.12
CA CYS A 56 -2.70 3.66 4.07
C CYS A 56 -1.94 2.34 4.17
N TRP A 57 -0.62 2.42 4.03
CA TRP A 57 0.26 1.25 4.13
C TRP A 57 1.06 1.33 5.43
N PRO A 58 0.54 0.79 6.54
CA PRO A 58 1.21 0.83 7.85
C PRO A 58 2.47 -0.04 7.93
N GLN A 59 3.01 -0.16 9.14
CA GLN A 59 4.22 -0.95 9.38
C GLN A 59 3.97 -2.46 9.15
N SER A 60 4.96 -3.13 8.56
CA SER A 60 4.87 -4.56 8.28
C SER A 60 6.23 -5.25 8.49
N ALA A 61 6.91 -5.65 7.41
CA ALA A 61 8.20 -6.31 7.50
C ALA A 61 8.82 -6.51 6.12
N PRO A 62 10.17 -6.64 6.05
CA PRO A 62 10.89 -6.84 4.79
C PRO A 62 10.48 -8.15 4.09
N GLY A 63 9.98 -8.02 2.87
CA GLY A 63 9.54 -9.18 2.10
C GLY A 63 8.08 -9.54 2.36
N ALA A 64 7.23 -8.52 2.49
CA ALA A 64 5.82 -8.72 2.74
C ALA A 64 4.96 -8.03 1.68
N LEU A 65 4.19 -8.83 0.95
CA LEU A 65 3.32 -8.31 -0.11
C LEU A 65 1.93 -7.95 0.43
N VAL A 66 1.55 -6.69 0.25
CA VAL A 66 0.25 -6.20 0.69
C VAL A 66 -0.60 -5.82 -0.52
N GLU A 67 -1.85 -6.28 -0.54
CA GLU A 67 -2.75 -6.01 -1.65
C GLU A 67 -3.77 -4.92 -1.36
N ARG A 68 -4.44 -4.49 -2.42
CA ARG A 68 -5.47 -3.46 -2.34
C ARG A 68 -6.50 -3.66 -3.46
N PRO A 69 -7.81 -3.59 -3.13
CA PRO A 69 -8.88 -3.79 -4.12
C PRO A 69 -8.78 -2.81 -5.29
N CYS A 70 -8.93 -3.33 -6.51
CA CYS A 70 -8.86 -2.49 -7.72
C CYS A 70 -9.72 -1.24 -7.57
N PRO A 71 -9.25 -0.09 -8.08
CA PRO A 71 -10.00 1.17 -7.99
C PRO A 71 -11.36 1.10 -8.70
N GLU A 72 -12.43 1.19 -7.90
CA GLU A 72 -13.80 1.15 -8.46
C GLU A 72 -13.98 2.30 -9.46
N TYR A 73 -13.36 3.43 -9.17
CA TYR A 73 -13.41 4.60 -10.05
C TYR A 73 -12.14 4.69 -10.89
N PHE A 74 -11.85 5.87 -11.42
CA PHE A 74 -10.65 6.08 -12.25
C PHE A 74 -10.81 5.40 -13.61
N ASN A 75 -9.77 5.48 -14.45
CA ASN A 75 -9.81 4.87 -15.78
C ASN A 75 -10.99 5.42 -16.61
N GLY A 76 -11.48 6.61 -16.25
CA GLY A 76 -12.58 7.23 -16.96
C GLY A 76 -13.91 6.50 -16.76
N ILE A 77 -13.98 5.58 -15.79
CA ILE A 77 -15.19 4.82 -15.53
C ILE A 77 -15.34 4.49 -14.04
N LYS A 78 -16.40 3.74 -13.69
CA LYS A 78 -16.65 3.36 -12.30
C LYS A 78 -17.22 1.94 -12.21
N TYR A 79 -16.34 0.94 -12.07
CA TYR A 79 -16.77 -0.46 -11.94
C TYR A 79 -15.58 -1.41 -12.07
N ASN A 80 -15.85 -2.71 -11.84
CA ASN A 80 -14.85 -3.77 -11.95
C ASN A 80 -13.77 -3.66 -10.86
N THR A 81 -13.85 -4.58 -9.91
CA THR A 81 -12.89 -4.65 -8.80
C THR A 81 -12.28 -6.05 -8.72
N THR A 82 -12.06 -6.66 -9.89
CA THR A 82 -11.50 -8.01 -9.98
C THR A 82 -9.97 -8.04 -9.93
N ARG A 83 -9.34 -6.88 -9.74
CA ARG A 83 -7.88 -6.81 -9.67
C ARG A 83 -7.44 -6.19 -8.34
N ASN A 84 -6.14 -6.21 -8.09
CA ASN A 84 -5.61 -5.66 -6.84
C ASN A 84 -4.27 -4.94 -7.04
N ALA A 85 -3.91 -4.13 -6.05
CA ALA A 85 -2.64 -3.39 -6.08
C ALA A 85 -1.60 -4.08 -5.20
N TYR A 86 -0.90 -5.06 -5.78
CA TYR A 86 0.12 -5.81 -5.05
C TYR A 86 1.30 -4.91 -4.65
N ARG A 87 1.26 -4.40 -3.43
CA ARG A 87 2.32 -3.54 -2.92
C ARG A 87 3.14 -4.28 -1.86
N GLU A 88 4.37 -4.64 -2.20
CA GLU A 88 5.22 -5.39 -1.28
C GLU A 88 6.23 -4.50 -0.57
N CYS A 89 6.62 -4.92 0.63
CA CYS A 89 7.61 -4.18 1.42
C CYS A 89 9.00 -4.75 1.15
N LEU A 90 9.67 -4.18 0.15
CA LEU A 90 11.02 -4.61 -0.28
C LEU A 90 11.88 -5.12 0.88
N GLU A 91 12.37 -6.36 0.74
CA GLU A 91 13.21 -6.99 1.76
C GLU A 91 14.38 -6.09 2.18
N ASN A 92 14.81 -5.20 1.28
CA ASN A 92 15.91 -4.28 1.56
C ASN A 92 15.56 -3.29 2.68
N GLY A 93 14.26 -3.14 2.95
CA GLY A 93 13.81 -2.22 3.99
C GLY A 93 13.07 -1.02 3.43
N THR A 94 12.18 -1.25 2.48
CA THR A 94 11.40 -0.15 1.87
C THR A 94 10.06 -0.63 1.33
N TRP A 95 9.43 0.23 0.55
CA TRP A 95 8.13 -0.05 -0.05
C TRP A 95 8.25 -0.29 -1.57
N ALA A 96 7.75 -1.43 -2.03
CA ALA A 96 7.78 -1.75 -3.46
C ALA A 96 6.53 -1.18 -4.14
N SER A 97 6.74 -0.30 -5.12
CA SER A 97 5.64 0.31 -5.85
C SER A 97 4.69 -0.75 -6.41
N ARG A 98 5.18 -1.49 -7.40
CA ARG A 98 4.42 -2.57 -8.05
C ARG A 98 2.93 -2.21 -8.22
N VAL A 99 2.06 -2.70 -7.31
CA VAL A 99 0.62 -2.43 -7.35
C VAL A 99 0.06 -2.47 -8.78
N ASN A 100 -0.15 -3.69 -9.32
CA ASN A 100 -0.68 -3.86 -10.69
C ASN A 100 -1.67 -2.76 -11.06
N TYR A 101 -2.92 -2.87 -10.59
CA TYR A 101 -3.97 -1.89 -10.89
C TYR A 101 -3.98 -1.49 -12.38
N SER A 102 -3.49 -2.38 -13.26
CA SER A 102 -3.45 -2.09 -14.69
C SER A 102 -4.46 -2.93 -15.47
N HIS A 103 -4.73 -4.15 -14.99
CA HIS A 103 -5.69 -5.04 -15.66
C HIS A 103 -7.13 -4.81 -15.18
N CYS A 104 -7.45 -3.57 -14.77
CA CYS A 104 -8.79 -3.23 -14.31
C CYS A 104 -9.70 -2.91 -15.49
N GLU A 105 -10.54 -3.88 -15.86
CA GLU A 105 -11.46 -3.73 -16.97
C GLU A 105 -12.41 -2.55 -16.76
N PRO A 106 -12.56 -1.68 -17.78
CA PRO A 106 -13.44 -0.51 -17.70
C PRO A 106 -14.91 -0.85 -17.94
N ILE A 107 -15.77 0.15 -17.81
CA ILE A 107 -17.21 -0.04 -18.01
C ILE A 107 -17.79 0.93 -19.04
N TYR A 30 1.31 11.26 4.77
CA TYR A 30 -0.17 11.32 5.00
C TYR A 30 -0.65 10.11 5.81
N CYS A 31 -1.93 10.12 6.21
CA CYS A 31 -2.51 9.02 6.97
C CYS A 31 -1.90 8.95 8.38
N HIS A 32 -2.26 7.90 9.13
CA HIS A 32 -1.74 7.70 10.47
C HIS A 32 -0.36 7.03 10.43
N ARG A 33 0.20 6.73 11.60
CA ARG A 33 1.53 6.10 11.66
C ARG A 33 1.64 5.06 12.78
N THR A 34 1.13 5.40 13.97
CA THR A 34 1.19 4.51 15.14
C THR A 34 2.60 3.91 15.32
N THR A 35 3.61 4.75 15.13
CA THR A 35 5.00 4.34 15.28
C THR A 35 5.48 4.47 16.71
N ILE A 36 6.45 3.64 17.08
CA ILE A 36 7.02 3.66 18.43
C ILE A 36 8.08 4.78 18.52
N GLY A 37 8.79 4.86 19.65
CA GLY A 37 9.82 5.89 19.84
C GLY A 37 10.57 6.23 18.56
N ASN A 38 10.82 7.52 18.34
CA ASN A 38 11.53 7.98 17.13
C ASN A 38 12.98 7.46 17.06
N PHE A 39 13.13 6.13 17.06
CA PHE A 39 14.44 5.49 16.98
C PHE A 39 14.33 4.06 16.47
N SER A 40 13.31 3.81 15.65
CA SER A 40 13.06 2.50 15.07
C SER A 40 12.87 1.44 16.15
N GLY A 41 11.65 1.36 16.69
CA GLY A 41 11.35 0.38 17.74
C GLY A 41 11.66 -1.05 17.34
N PRO A 42 10.85 -1.66 16.46
CA PRO A 42 11.06 -3.04 16.00
C PRO A 42 12.23 -3.15 15.01
N TYR A 43 12.54 -4.38 14.60
CA TYR A 43 13.62 -4.62 13.64
C TYR A 43 13.26 -4.01 12.28
N THR A 44 14.10 -4.23 11.27
CA THR A 44 13.83 -3.69 9.92
C THR A 44 12.37 -3.91 9.52
N TYR A 45 11.61 -2.83 9.60
CA TYR A 45 10.18 -2.86 9.26
C TYR A 45 9.86 -1.83 8.17
N CYS A 46 8.58 -1.56 7.96
CA CYS A 46 8.15 -0.57 6.97
C CYS A 46 7.53 0.64 7.65
N ASN A 47 7.02 1.58 6.86
CA ASN A 47 6.41 2.79 7.40
C ASN A 47 5.04 3.05 6.80
N THR A 48 4.10 3.50 7.65
CA THR A 48 2.73 3.79 7.22
C THR A 48 2.69 4.98 6.26
N THR A 49 2.71 4.69 4.96
CA THR A 49 2.67 5.73 3.94
C THR A 49 1.44 5.58 3.03
N LEU A 50 1.43 6.39 1.98
CA LEU A 50 0.35 6.37 1.00
C LEU A 50 0.90 6.33 -0.41
N ASP A 51 0.19 5.66 -1.30
CA ASP A 51 0.61 5.54 -2.70
C ASP A 51 -0.12 6.58 -3.56
N GLN A 52 0.26 6.67 -4.85
CA GLN A 52 -0.38 7.62 -5.77
C GLN A 52 -1.90 7.60 -5.62
N ILE A 53 -2.46 6.40 -5.40
CA ILE A 53 -3.90 6.24 -5.23
C ILE A 53 -4.28 6.29 -3.74
N GLY A 54 -5.56 6.61 -3.47
CA GLY A 54 -6.03 6.69 -2.10
C GLY A 54 -5.92 5.37 -1.35
N THR A 55 -4.76 5.12 -0.74
CA THR A 55 -4.53 3.88 0.00
C THR A 55 -3.31 4.00 0.92
N CYS A 56 -3.50 3.63 2.19
CA CYS A 56 -2.43 3.69 3.18
C CYS A 56 -1.75 2.33 3.37
N TRP A 57 -0.42 2.36 3.51
CA TRP A 57 0.37 1.15 3.73
C TRP A 57 1.16 1.26 5.04
N PRO A 58 0.59 0.73 6.14
CA PRO A 58 1.19 0.81 7.49
C PRO A 58 2.43 -0.07 7.70
N GLN A 59 2.93 -0.07 8.94
CA GLN A 59 4.11 -0.84 9.33
C GLN A 59 3.89 -2.35 9.11
N SER A 60 4.95 -3.04 8.72
CA SER A 60 4.88 -4.49 8.49
C SER A 60 6.28 -5.10 8.46
N ALA A 61 7.01 -4.81 7.38
CA ALA A 61 8.36 -5.30 7.17
C ALA A 61 8.75 -5.13 5.71
N PRO A 62 10.05 -5.00 5.39
CA PRO A 62 10.50 -4.84 4.00
C PRO A 62 9.85 -5.85 3.05
N GLY A 63 9.99 -7.14 3.36
CA GLY A 63 9.40 -8.16 2.51
C GLY A 63 7.99 -8.53 2.95
N ALA A 64 7.22 -7.54 3.40
CA ALA A 64 5.85 -7.77 3.84
C ALA A 64 4.86 -7.03 2.94
N LEU A 65 4.61 -7.60 1.76
CA LEU A 65 3.71 -7.00 0.78
C LEU A 65 2.26 -6.99 1.25
N VAL A 66 1.57 -5.88 1.00
CA VAL A 66 0.17 -5.74 1.39
C VAL A 66 -0.76 -5.99 0.19
N GLU A 67 -1.86 -6.70 0.42
CA GLU A 67 -2.81 -7.00 -0.64
C GLU A 67 -4.19 -6.41 -0.35
N ARG A 68 -4.79 -5.79 -1.36
CA ARG A 68 -6.12 -5.18 -1.21
C ARG A 68 -6.90 -5.20 -2.54
N PRO A 69 -8.24 -5.28 -2.47
CA PRO A 69 -9.11 -5.30 -3.65
C PRO A 69 -8.92 -4.07 -4.54
N CYS A 70 -9.26 -4.21 -5.82
CA CYS A 70 -9.15 -3.11 -6.78
C CYS A 70 -10.21 -2.05 -6.50
N PRO A 71 -9.79 -0.77 -6.38
CA PRO A 71 -10.72 0.34 -6.10
C PRO A 71 -11.73 0.58 -7.23
N GLU A 72 -12.72 -0.31 -7.34
CA GLU A 72 -13.74 -0.21 -8.38
C GLU A 72 -14.39 1.18 -8.42
N TYR A 73 -14.77 1.70 -7.24
CA TYR A 73 -15.41 3.01 -7.15
C TYR A 73 -14.37 4.14 -7.17
N PHE A 74 -13.60 4.22 -8.25
CA PHE A 74 -12.57 5.26 -8.40
C PHE A 74 -12.55 5.85 -9.81
N ASN A 75 -13.68 5.76 -10.51
CA ASN A 75 -13.80 6.29 -11.87
C ASN A 75 -15.24 6.19 -12.38
N GLY A 76 -15.54 6.91 -13.46
CA GLY A 76 -16.88 6.88 -14.03
C GLY A 76 -17.21 5.56 -14.72
N ILE A 77 -17.13 4.47 -13.97
CA ILE A 77 -17.42 3.13 -14.50
C ILE A 77 -17.35 2.08 -13.39
N LYS A 78 -18.24 1.08 -13.46
CA LYS A 78 -18.26 0.02 -12.45
C LYS A 78 -17.13 -0.98 -12.73
N TYR A 79 -15.89 -0.56 -12.43
CA TYR A 79 -14.71 -1.42 -12.64
C TYR A 79 -14.92 -2.81 -12.03
N ASN A 80 -14.36 -3.81 -12.70
CA ASN A 80 -14.46 -5.19 -12.22
C ASN A 80 -13.54 -5.44 -11.04
N THR A 81 -14.11 -5.68 -9.87
CA THR A 81 -13.31 -5.94 -8.67
C THR A 81 -12.84 -7.39 -8.60
N THR A 82 -12.44 -7.94 -9.76
CA THR A 82 -11.94 -9.32 -9.84
C THR A 82 -10.42 -9.36 -9.62
N ARG A 83 -9.81 -8.18 -9.46
CA ARG A 83 -8.36 -8.09 -9.24
C ARG A 83 -8.07 -7.29 -7.96
N ASN A 84 -6.84 -7.41 -7.49
CA ASN A 84 -6.41 -6.71 -6.28
C ASN A 84 -5.07 -6.00 -6.49
N ALA A 85 -4.74 -5.09 -5.58
CA ALA A 85 -3.48 -4.34 -5.64
C ALA A 85 -2.51 -4.84 -4.57
N TYR A 86 -1.29 -5.14 -4.98
CA TYR A 86 -0.27 -5.65 -4.06
C TYR A 86 0.92 -4.70 -3.97
N ARG A 87 1.29 -4.29 -2.77
CA ARG A 87 2.44 -3.39 -2.61
C ARG A 87 3.50 -4.02 -1.70
N GLU A 88 4.73 -4.09 -2.22
CA GLU A 88 5.85 -4.67 -1.48
C GLU A 88 6.71 -3.57 -0.84
N CYS A 89 7.31 -3.85 0.31
CA CYS A 89 8.17 -2.89 1.00
C CYS A 89 9.65 -3.20 0.77
N LEU A 90 9.93 -3.87 -0.35
CA LEU A 90 11.29 -4.27 -0.75
C LEU A 90 11.93 -5.19 0.28
N GLU A 91 12.56 -6.27 -0.18
CA GLU A 91 13.22 -7.24 0.70
C GLU A 91 13.96 -6.58 1.86
N ASN A 92 14.36 -5.32 1.68
CA ASN A 92 15.03 -4.57 2.73
C ASN A 92 15.40 -3.19 2.24
N GLY A 93 14.40 -2.31 2.25
CA GLY A 93 14.62 -0.96 1.83
C GLY A 93 13.43 -0.07 2.06
N THR A 94 12.36 -0.30 1.29
CA THR A 94 11.14 0.49 1.42
C THR A 94 10.10 0.13 0.35
N TRP A 95 8.87 0.56 0.54
CA TRP A 95 7.77 0.29 -0.40
C TRP A 95 8.20 0.45 -1.86
N ALA A 96 8.16 -0.66 -2.60
CA ALA A 96 8.51 -0.68 -4.01
C ALA A 96 7.37 -0.11 -4.88
N SER A 97 6.94 -0.86 -5.89
CA SER A 97 5.84 -0.43 -6.76
C SER A 97 5.16 -1.62 -7.44
N ARG A 98 4.68 -2.55 -6.62
CA ARG A 98 4.01 -3.75 -7.12
C ARG A 98 2.50 -3.52 -7.33
N VAL A 99 1.99 -2.37 -6.85
CA VAL A 99 0.57 -2.02 -6.99
C VAL A 99 0.17 -1.85 -8.47
N ASN A 100 -0.01 -2.97 -9.15
CA ASN A 100 -0.37 -2.97 -10.56
C ASN A 100 -1.86 -2.67 -10.77
N TYR A 101 -2.27 -1.43 -10.46
CA TYR A 101 -3.67 -1.03 -10.64
C TYR A 101 -4.09 -1.16 -12.12
N SER A 102 -3.13 -0.91 -13.02
CA SER A 102 -3.40 -0.99 -14.46
C SER A 102 -4.05 -2.32 -14.88
N HIS A 103 -3.82 -3.38 -14.11
CA HIS A 103 -4.38 -4.69 -14.44
C HIS A 103 -5.83 -4.83 -13.94
N CYS A 104 -6.61 -3.74 -14.02
CA CYS A 104 -8.01 -3.75 -13.60
C CYS A 104 -8.93 -3.53 -14.79
N GLU A 105 -9.58 -4.59 -15.25
CA GLU A 105 -10.49 -4.53 -16.41
C GLU A 105 -11.78 -3.76 -16.09
N PRO A 106 -12.22 -2.88 -17.01
CA PRO A 106 -13.45 -2.09 -16.82
C PRO A 106 -14.71 -2.89 -17.15
N ILE A 107 -15.84 -2.45 -16.58
CA ILE A 107 -17.12 -3.12 -16.80
C ILE A 107 -18.26 -2.10 -16.92
#